data_5GO1
# 
_entry.id   5GO1 
# 
_audit_conform.dict_name       mmcif_pdbx.dic 
_audit_conform.dict_version    5.380 
_audit_conform.dict_location   http://mmcif.pdb.org/dictionaries/ascii/mmcif_pdbx.dic 
# 
loop_
_database_2.database_id 
_database_2.database_code 
_database_2.pdbx_database_accession 
_database_2.pdbx_DOI 
PDB   5GO1         pdb_00005go1 10.2210/pdb5go1/pdb 
WWPDB D_1300001024 ?            ?                   
# 
_pdbx_database_status.status_code                     REL 
_pdbx_database_status.status_code_sf                  REL 
_pdbx_database_status.status_code_mr                  ? 
_pdbx_database_status.entry_id                        5GO1 
_pdbx_database_status.recvd_initial_deposition_date   2016-07-26 
_pdbx_database_status.SG_entry                        N 
_pdbx_database_status.deposit_site                    PDBJ 
_pdbx_database_status.process_site                    PDBJ 
_pdbx_database_status.status_code_cs                  ? 
_pdbx_database_status.methods_development_category    ? 
_pdbx_database_status.pdb_format_compatible           Y 
_pdbx_database_status.status_code_nmr_data            ? 
# 
loop_
_audit_author.name 
_audit_author.pdbx_ordinal 
'Mishra, A.K.'  1 
'Agnihotri, P.' 2 
'Singh, S.P.'   3 
'Pratap, J.V.'  4 
# 
_citation.abstract                  ? 
_citation.abstract_id_CAS           ? 
_citation.book_id_ISBN              ? 
_citation.book_publisher            ? 
_citation.book_publisher_city       ? 
_citation.book_title                ? 
_citation.coordinate_linkage        ? 
_citation.country                   NE 
_citation.database_id_Medline       ? 
_citation.details                   ? 
_citation.id                        primary 
_citation.journal_abbrev            'J. Comput. Aided Mol. Des.' 
_citation.journal_id_ASTM           ? 
_citation.journal_id_CSD            ? 
_citation.journal_id_ISSN           1573-4951 
_citation.journal_full              ? 
_citation.journal_issue             ? 
_citation.journal_volume            31 
_citation.language                  ? 
_citation.page_first                547 
_citation.page_last                 562 
_citation.title                     
;Discovery of novel inhibitors for Leishmania nucleoside diphosphatase kinase (NDK) based on its structural and functional characterization.
;
_citation.year                      2017 
_citation.database_id_CSD           ? 
_citation.pdbx_database_id_DOI      10.1007/s10822-017-0022-9 
_citation.pdbx_database_id_PubMed   28551817 
_citation.unpublished_flag          ? 
# 
loop_
_citation_author.citation_id 
_citation_author.name 
_citation_author.ordinal 
_citation_author.identifier_ORCID 
primary 'Mishra, A.K.'        1  ? 
primary 'Singh, N.'           2  ? 
primary 'Agnihotri, P.'       3  ? 
primary 'Mishra, S.'          4  ? 
primary 'Singh, S.P.'         5  ? 
primary 'Kolli, B.K.'         6  ? 
primary 'Chang, K.P.'         7  ? 
primary 'Sahasrabuddhe, A.A.' 8  ? 
primary 'Siddiqi, M.I.'       9  ? 
primary 'Pratap, J.V.'        10 ? 
# 
_cell.angle_alpha                  90.00 
_cell.angle_alpha_esd              ? 
_cell.angle_beta                   90.00 
_cell.angle_beta_esd               ? 
_cell.angle_gamma                  120.00 
_cell.angle_gamma_esd              ? 
_cell.entry_id                     5GO1 
_cell.details                      ? 
_cell.formula_units_Z              ? 
_cell.length_a                     115.180 
_cell.length_a_esd                 ? 
_cell.length_b                     115.180 
_cell.length_b_esd                 ? 
_cell.length_c                     62.180 
_cell.length_c_esd                 ? 
_cell.volume                       ? 
_cell.volume_esd                   ? 
_cell.Z_PDB                        12 
_cell.reciprocal_angle_alpha       ? 
_cell.reciprocal_angle_beta        ? 
_cell.reciprocal_angle_gamma       ? 
_cell.reciprocal_angle_alpha_esd   ? 
_cell.reciprocal_angle_beta_esd    ? 
_cell.reciprocal_angle_gamma_esd   ? 
_cell.reciprocal_length_a          ? 
_cell.reciprocal_length_b          ? 
_cell.reciprocal_length_c          ? 
_cell.reciprocal_length_a_esd      ? 
_cell.reciprocal_length_b_esd      ? 
_cell.reciprocal_length_c_esd      ? 
_cell.pdbx_unique_axis             ? 
# 
_symmetry.entry_id                         5GO1 
_symmetry.cell_setting                     ? 
_symmetry.Int_Tables_number                182 
_symmetry.space_group_name_Hall            ? 
_symmetry.space_group_name_H-M             'P 63 2 2' 
_symmetry.pdbx_full_space_group_name_H-M   ? 
# 
loop_
_entity.id 
_entity.type 
_entity.src_method 
_entity.pdbx_description 
_entity.formula_weight 
_entity.pdbx_number_of_molecules 
_entity.pdbx_ec 
_entity.pdbx_mutation 
_entity.pdbx_fragment 
_entity.details 
1 polymer man 'Nucleoside diphosphate kinase' 16714.082 1  2.7.4.6 ? ? ? 
2 water   nat water                           18.015    17 ?       ? ? ? 
# 
_entity_poly.entity_id                      1 
_entity_poly.type                           'polypeptide(L)' 
_entity_poly.nstd_linkage                   no 
_entity_poly.nstd_monomer                   no 
_entity_poly.pdbx_seq_one_letter_code       
;MSSERTFIAVKPDGVQRGLAGEVICRFERKGYKLVALKMLQPTTEQAEGHYKDLSSKPFFPALVKYFSSGPIVCMVWEGK
NVVKGGRMLLGATNPADSHPGTIRGDFAVDMGRNVCHGSDSVESAEREIAFWFKADELACWTSHSVSQIYE
;
_entity_poly.pdbx_seq_one_letter_code_can   
;MSSERTFIAVKPDGVQRGLAGEVICRFERKGYKLVALKMLQPTTEQAEGHYKDLSSKPFFPALVKYFSSGPIVCMVWEGK
NVVKGGRMLLGATNPADSHPGTIRGDFAVDMGRNVCHGSDSVESAEREIAFWFKADELACWTSHSVSQIYE
;
_entity_poly.pdbx_strand_id                 A 
_entity_poly.pdbx_target_identifier         ? 
# 
loop_
_entity_poly_seq.entity_id 
_entity_poly_seq.num 
_entity_poly_seq.mon_id 
_entity_poly_seq.hetero 
1 1   MET n 
1 2   SER n 
1 3   SER n 
1 4   GLU n 
1 5   ARG n 
1 6   THR n 
1 7   PHE n 
1 8   ILE n 
1 9   ALA n 
1 10  VAL n 
1 11  LYS n 
1 12  PRO n 
1 13  ASP n 
1 14  GLY n 
1 15  VAL n 
1 16  GLN n 
1 17  ARG n 
1 18  GLY n 
1 19  LEU n 
1 20  ALA n 
1 21  GLY n 
1 22  GLU n 
1 23  VAL n 
1 24  ILE n 
1 25  CYS n 
1 26  ARG n 
1 27  PHE n 
1 28  GLU n 
1 29  ARG n 
1 30  LYS n 
1 31  GLY n 
1 32  TYR n 
1 33  LYS n 
1 34  LEU n 
1 35  VAL n 
1 36  ALA n 
1 37  LEU n 
1 38  LYS n 
1 39  MET n 
1 40  LEU n 
1 41  GLN n 
1 42  PRO n 
1 43  THR n 
1 44  THR n 
1 45  GLU n 
1 46  GLN n 
1 47  ALA n 
1 48  GLU n 
1 49  GLY n 
1 50  HIS n 
1 51  TYR n 
1 52  LYS n 
1 53  ASP n 
1 54  LEU n 
1 55  SER n 
1 56  SER n 
1 57  LYS n 
1 58  PRO n 
1 59  PHE n 
1 60  PHE n 
1 61  PRO n 
1 62  ALA n 
1 63  LEU n 
1 64  VAL n 
1 65  LYS n 
1 66  TYR n 
1 67  PHE n 
1 68  SER n 
1 69  SER n 
1 70  GLY n 
1 71  PRO n 
1 72  ILE n 
1 73  VAL n 
1 74  CYS n 
1 75  MET n 
1 76  VAL n 
1 77  TRP n 
1 78  GLU n 
1 79  GLY n 
1 80  LYS n 
1 81  ASN n 
1 82  VAL n 
1 83  VAL n 
1 84  LYS n 
1 85  GLY n 
1 86  GLY n 
1 87  ARG n 
1 88  MET n 
1 89  LEU n 
1 90  LEU n 
1 91  GLY n 
1 92  ALA n 
1 93  THR n 
1 94  ASN n 
1 95  PRO n 
1 96  ALA n 
1 97  ASP n 
1 98  SER n 
1 99  HIS n 
1 100 PRO n 
1 101 GLY n 
1 102 THR n 
1 103 ILE n 
1 104 ARG n 
1 105 GLY n 
1 106 ASP n 
1 107 PHE n 
1 108 ALA n 
1 109 VAL n 
1 110 ASP n 
1 111 MET n 
1 112 GLY n 
1 113 ARG n 
1 114 ASN n 
1 115 VAL n 
1 116 CYS n 
1 117 HIS n 
1 118 GLY n 
1 119 SER n 
1 120 ASP n 
1 121 SER n 
1 122 VAL n 
1 123 GLU n 
1 124 SER n 
1 125 ALA n 
1 126 GLU n 
1 127 ARG n 
1 128 GLU n 
1 129 ILE n 
1 130 ALA n 
1 131 PHE n 
1 132 TRP n 
1 133 PHE n 
1 134 LYS n 
1 135 ALA n 
1 136 ASP n 
1 137 GLU n 
1 138 LEU n 
1 139 ALA n 
1 140 CYS n 
1 141 TRP n 
1 142 THR n 
1 143 SER n 
1 144 HIS n 
1 145 SER n 
1 146 VAL n 
1 147 SER n 
1 148 GLN n 
1 149 ILE n 
1 150 TYR n 
1 151 GLU n 
# 
_entity_src_gen.entity_id                          1 
_entity_src_gen.pdbx_src_id                        1 
_entity_src_gen.pdbx_alt_source_flag               sample 
_entity_src_gen.pdbx_seq_type                      'Biological sequence' 
_entity_src_gen.pdbx_beg_seq_num                   1 
_entity_src_gen.pdbx_end_seq_num                   151 
_entity_src_gen.gene_src_common_name               ? 
_entity_src_gen.gene_src_genus                     ? 
_entity_src_gen.pdbx_gene_src_gene                 ? 
_entity_src_gen.gene_src_species                   ? 
_entity_src_gen.gene_src_strain                    ? 
_entity_src_gen.gene_src_tissue                    ? 
_entity_src_gen.gene_src_tissue_fraction           ? 
_entity_src_gen.gene_src_details                   ? 
_entity_src_gen.pdbx_gene_src_fragment             ? 
_entity_src_gen.pdbx_gene_src_scientific_name      'Leishmania amazonensis' 
_entity_src_gen.pdbx_gene_src_ncbi_taxonomy_id     5659 
_entity_src_gen.pdbx_gene_src_variant              ? 
_entity_src_gen.pdbx_gene_src_cell_line            ? 
_entity_src_gen.pdbx_gene_src_atcc                 ? 
_entity_src_gen.pdbx_gene_src_organ                ? 
_entity_src_gen.pdbx_gene_src_organelle            ? 
_entity_src_gen.pdbx_gene_src_cell                 ? 
_entity_src_gen.pdbx_gene_src_cellular_location    ? 
_entity_src_gen.host_org_common_name               ? 
_entity_src_gen.pdbx_host_org_scientific_name      'Escherichia coli' 
_entity_src_gen.pdbx_host_org_ncbi_taxonomy_id     562 
_entity_src_gen.host_org_genus                     ? 
_entity_src_gen.pdbx_host_org_gene                 ? 
_entity_src_gen.pdbx_host_org_organ                ? 
_entity_src_gen.host_org_species                   ? 
_entity_src_gen.pdbx_host_org_tissue               ? 
_entity_src_gen.pdbx_host_org_tissue_fraction      ? 
_entity_src_gen.pdbx_host_org_strain               'BL21(DE3)pLysS' 
_entity_src_gen.pdbx_host_org_variant              ? 
_entity_src_gen.pdbx_host_org_cell_line            ? 
_entity_src_gen.pdbx_host_org_atcc                 ? 
_entity_src_gen.pdbx_host_org_culture_collection   ? 
_entity_src_gen.pdbx_host_org_cell                 ? 
_entity_src_gen.pdbx_host_org_organelle            ? 
_entity_src_gen.pdbx_host_org_cellular_location    ? 
_entity_src_gen.pdbx_host_org_vector_type          ? 
_entity_src_gen.pdbx_host_org_vector               ? 
_entity_src_gen.host_org_details                   ? 
_entity_src_gen.expression_system_id               ? 
_entity_src_gen.plasmid_name                       ? 
_entity_src_gen.plasmid_details                    ? 
_entity_src_gen.pdbx_description                   ? 
# 
_struct_ref.id                         1 
_struct_ref.db_name                    PDB 
_struct_ref.db_code                    5GO1 
_struct_ref.pdbx_db_accession          5GO1 
_struct_ref.pdbx_db_isoform            ? 
_struct_ref.entity_id                  1 
_struct_ref.pdbx_seq_one_letter_code   ? 
_struct_ref.pdbx_align_begin           1 
# 
_struct_ref_seq.align_id                      1 
_struct_ref_seq.ref_id                        1 
_struct_ref_seq.pdbx_PDB_id_code              5GO1 
_struct_ref_seq.pdbx_strand_id                A 
_struct_ref_seq.seq_align_beg                 1 
_struct_ref_seq.pdbx_seq_align_beg_ins_code   ? 
_struct_ref_seq.seq_align_end                 151 
_struct_ref_seq.pdbx_seq_align_end_ins_code   ? 
_struct_ref_seq.pdbx_db_accession             5GO1 
_struct_ref_seq.db_align_beg                  1 
_struct_ref_seq.pdbx_db_align_beg_ins_code    ? 
_struct_ref_seq.db_align_end                  151 
_struct_ref_seq.pdbx_db_align_end_ins_code    ? 
_struct_ref_seq.pdbx_auth_seq_align_beg       1 
_struct_ref_seq.pdbx_auth_seq_align_end       151 
# 
loop_
_chem_comp.id 
_chem_comp.type 
_chem_comp.mon_nstd_flag 
_chem_comp.name 
_chem_comp.pdbx_synonyms 
_chem_comp.formula 
_chem_comp.formula_weight 
ALA 'L-peptide linking' y ALANINE         ? 'C3 H7 N O2'     89.093  
ARG 'L-peptide linking' y ARGININE        ? 'C6 H15 N4 O2 1' 175.209 
ASN 'L-peptide linking' y ASPARAGINE      ? 'C4 H8 N2 O3'    132.118 
ASP 'L-peptide linking' y 'ASPARTIC ACID' ? 'C4 H7 N O4'     133.103 
CYS 'L-peptide linking' y CYSTEINE        ? 'C3 H7 N O2 S'   121.158 
GLN 'L-peptide linking' y GLUTAMINE       ? 'C5 H10 N2 O3'   146.144 
GLU 'L-peptide linking' y 'GLUTAMIC ACID' ? 'C5 H9 N O4'     147.129 
GLY 'peptide linking'   y GLYCINE         ? 'C2 H5 N O2'     75.067  
HIS 'L-peptide linking' y HISTIDINE       ? 'C6 H10 N3 O2 1' 156.162 
HOH non-polymer         . WATER           ? 'H2 O'           18.015  
ILE 'L-peptide linking' y ISOLEUCINE      ? 'C6 H13 N O2'    131.173 
LEU 'L-peptide linking' y LEUCINE         ? 'C6 H13 N O2'    131.173 
LYS 'L-peptide linking' y LYSINE          ? 'C6 H15 N2 O2 1' 147.195 
MET 'L-peptide linking' y METHIONINE      ? 'C5 H11 N O2 S'  149.211 
PHE 'L-peptide linking' y PHENYLALANINE   ? 'C9 H11 N O2'    165.189 
PRO 'L-peptide linking' y PROLINE         ? 'C5 H9 N O2'     115.130 
SER 'L-peptide linking' y SERINE          ? 'C3 H7 N O3'     105.093 
THR 'L-peptide linking' y THREONINE       ? 'C4 H9 N O3'     119.119 
TRP 'L-peptide linking' y TRYPTOPHAN      ? 'C11 H12 N2 O2'  204.225 
TYR 'L-peptide linking' y TYROSINE        ? 'C9 H11 N O3'    181.189 
VAL 'L-peptide linking' y VALINE          ? 'C5 H11 N O2'    117.146 
# 
_exptl.absorpt_coefficient_mu     ? 
_exptl.absorpt_correction_T_max   ? 
_exptl.absorpt_correction_T_min   ? 
_exptl.absorpt_correction_type    ? 
_exptl.absorpt_process_details    ? 
_exptl.entry_id                   5GO1 
_exptl.crystals_number            1 
_exptl.details                    ? 
_exptl.method                     'X-RAY DIFFRACTION' 
_exptl.method_details             ? 
# 
_exptl_crystal.colour                      ? 
_exptl_crystal.density_diffrn              ? 
_exptl_crystal.density_Matthews            3.31 
_exptl_crystal.density_method              ? 
_exptl_crystal.density_percent_sol         62.83 
_exptl_crystal.description                 'hexagonal, compact, stable' 
_exptl_crystal.F_000                       ? 
_exptl_crystal.id                          1 
_exptl_crystal.preparation                 ? 
_exptl_crystal.size_max                    ? 
_exptl_crystal.size_mid                    ? 
_exptl_crystal.size_min                    ? 
_exptl_crystal.size_rad                    ? 
_exptl_crystal.colour_lustre               ? 
_exptl_crystal.colour_modifier             ? 
_exptl_crystal.colour_primary              ? 
_exptl_crystal.density_meas                ? 
_exptl_crystal.density_meas_esd            ? 
_exptl_crystal.density_meas_gt             ? 
_exptl_crystal.density_meas_lt             ? 
_exptl_crystal.density_meas_temp           ? 
_exptl_crystal.density_meas_temp_esd       ? 
_exptl_crystal.density_meas_temp_gt        ? 
_exptl_crystal.density_meas_temp_lt        ? 
_exptl_crystal.pdbx_crystal_image_url      ? 
_exptl_crystal.pdbx_crystal_image_format   ? 
_exptl_crystal.pdbx_mosaicity              ? 
_exptl_crystal.pdbx_mosaicity_esd          ? 
# 
_exptl_crystal_grow.apparatus       ? 
_exptl_crystal_grow.atmosphere      ? 
_exptl_crystal_grow.crystal_id      1 
_exptl_crystal_grow.details         ? 
_exptl_crystal_grow.method          'VAPOR DIFFUSION, HANGING DROP' 
_exptl_crystal_grow.method_ref      ? 
_exptl_crystal_grow.pH              6.0 
_exptl_crystal_grow.pressure        ? 
_exptl_crystal_grow.pressure_esd    ? 
_exptl_crystal_grow.seeding         ? 
_exptl_crystal_grow.seeding_ref     ? 
_exptl_crystal_grow.temp            293 
_exptl_crystal_grow.temp_details    ? 
_exptl_crystal_grow.temp_esd        ? 
_exptl_crystal_grow.time            ? 
_exptl_crystal_grow.pdbx_details    
;PEG MME 500, Bis-Tris Propane, Magnesium chloride,  
30% ethylene glycol used as cryoprotectant
;
_exptl_crystal_grow.pdbx_pH_range   5.8-7.0 
# 
_diffrn.ambient_environment    ? 
_diffrn.ambient_temp           100 
_diffrn.ambient_temp_details   ? 
_diffrn.ambient_temp_esd       ? 
_diffrn.crystal_id             1 
_diffrn.crystal_support        ? 
_diffrn.crystal_treatment      ? 
_diffrn.details                ? 
_diffrn.id                     1 
_diffrn.ambient_pressure       ? 
_diffrn.ambient_pressure_esd   ? 
_diffrn.ambient_pressure_gt    ? 
_diffrn.ambient_pressure_lt    ? 
_diffrn.ambient_temp_gt        ? 
_diffrn.ambient_temp_lt        ? 
# 
_diffrn_detector.details                      'bent collimating mirror and toroid' 
_diffrn_detector.detector                     CCD 
_diffrn_detector.diffrn_id                    1 
_diffrn_detector.type                         'MARMOSAIC 225 mm CCD' 
_diffrn_detector.area_resol_mean              ? 
_diffrn_detector.dtime                        ? 
_diffrn_detector.pdbx_frames_total            ? 
_diffrn_detector.pdbx_collection_time_total   ? 
_diffrn_detector.pdbx_collection_date         2012-11-17 
# 
_diffrn_radiation.collimation                      ? 
_diffrn_radiation.diffrn_id                        1 
_diffrn_radiation.filter_edge                      ? 
_diffrn_radiation.inhomogeneity                    ? 
_diffrn_radiation.monochromator                    'Si(111)' 
_diffrn_radiation.polarisn_norm                    ? 
_diffrn_radiation.polarisn_ratio                   ? 
_diffrn_radiation.probe                            ? 
_diffrn_radiation.type                             ? 
_diffrn_radiation.xray_symbol                      ? 
_diffrn_radiation.wavelength_id                    1 
_diffrn_radiation.pdbx_monochromatic_or_laue_m_l   M 
_diffrn_radiation.pdbx_wavelength_list             ? 
_diffrn_radiation.pdbx_wavelength                  ? 
_diffrn_radiation.pdbx_diffrn_protocol             'SINGLE WAVELENGTH' 
_diffrn_radiation.pdbx_analyzer                    ? 
_diffrn_radiation.pdbx_scattering_type             x-ray 
# 
_diffrn_radiation_wavelength.id           1 
_diffrn_radiation_wavelength.wavelength   0.954 
_diffrn_radiation_wavelength.wt           1.0 
# 
_diffrn_source.current                     ? 
_diffrn_source.details                     ? 
_diffrn_source.diffrn_id                   1 
_diffrn_source.power                       ? 
_diffrn_source.size                        ? 
_diffrn_source.source                      SYNCHROTRON 
_diffrn_source.target                      ? 
_diffrn_source.type                        'ESRF BEAMLINE BM14' 
_diffrn_source.voltage                     ? 
_diffrn_source.take-off_angle              ? 
_diffrn_source.pdbx_wavelength_list        0.954 
_diffrn_source.pdbx_wavelength             ? 
_diffrn_source.pdbx_synchrotron_beamline   BM14 
_diffrn_source.pdbx_synchrotron_site       ESRF 
# 
_reflns.B_iso_Wilson_estimate            65.4 
_reflns.entry_id                         5GO1 
_reflns.data_reduction_details           ? 
_reflns.data_reduction_method            ? 
_reflns.d_resolution_high                2.50 
_reflns.d_resolution_low                 99.75 
_reflns.details                          ? 
_reflns.limit_h_max                      ? 
_reflns.limit_h_min                      ? 
_reflns.limit_k_max                      ? 
_reflns.limit_k_min                      ? 
_reflns.limit_l_max                      ? 
_reflns.limit_l_min                      ? 
_reflns.number_all                       ? 
_reflns.number_obs                       8621 
_reflns.observed_criterion               ? 
_reflns.observed_criterion_F_max         ? 
_reflns.observed_criterion_F_min         ? 
_reflns.observed_criterion_I_max         ? 
_reflns.observed_criterion_I_min         ? 
_reflns.observed_criterion_sigma_F       ? 
_reflns.observed_criterion_sigma_I       ? 
_reflns.percent_possible_obs             98.4 
_reflns.R_free_details                   ? 
_reflns.Rmerge_F_all                     ? 
_reflns.Rmerge_F_obs                     ? 
_reflns.Friedel_coverage                 ? 
_reflns.number_gt                        ? 
_reflns.threshold_expression             ? 
_reflns.pdbx_redundancy                  13.8 
_reflns.pdbx_Rmerge_I_obs                0.072 
_reflns.pdbx_Rmerge_I_all                ? 
_reflns.pdbx_Rsym_value                  0.075 
_reflns.pdbx_netI_over_av_sigmaI         ? 
_reflns.pdbx_netI_over_sigmaI            19.8 
_reflns.pdbx_res_netI_over_av_sigmaI_2   ? 
_reflns.pdbx_res_netI_over_sigmaI_2      ? 
_reflns.pdbx_chi_squared                 ? 
_reflns.pdbx_scaling_rejects             ? 
_reflns.pdbx_d_res_high_opt              ? 
_reflns.pdbx_d_res_low_opt               ? 
_reflns.pdbx_d_res_opt_method            ? 
_reflns.phase_calculation_details        ? 
_reflns.pdbx_Rrim_I_all                  ? 
_reflns.pdbx_Rpim_I_all                  ? 
_reflns.pdbx_d_opt                       ? 
_reflns.pdbx_number_measured_all         ? 
_reflns.pdbx_diffrn_id                   1 
_reflns.pdbx_ordinal                     1 
_reflns.pdbx_CC_half                     0.99 
_reflns.pdbx_R_split                     ? 
# 
_reflns_shell.d_res_high                  2.50 
_reflns_shell.d_res_low                   2.64 
_reflns_shell.meanI_over_sigI_all         ? 
_reflns_shell.meanI_over_sigI_obs         2.3 
_reflns_shell.number_measured_all         ? 
_reflns_shell.number_measured_obs         ? 
_reflns_shell.number_possible             ? 
_reflns_shell.number_unique_all           ? 
_reflns_shell.number_unique_obs           ? 
_reflns_shell.percent_possible_all        95.2 
_reflns_shell.percent_possible_obs        ? 
_reflns_shell.Rmerge_F_all                ? 
_reflns_shell.Rmerge_F_obs                ? 
_reflns_shell.Rmerge_I_all                ? 
_reflns_shell.Rmerge_I_obs                0.79 
_reflns_shell.meanI_over_sigI_gt          ? 
_reflns_shell.meanI_over_uI_all           ? 
_reflns_shell.meanI_over_uI_gt            ? 
_reflns_shell.number_measured_gt          ? 
_reflns_shell.number_unique_gt            ? 
_reflns_shell.percent_possible_gt         ? 
_reflns_shell.Rmerge_F_gt                 ? 
_reflns_shell.Rmerge_I_gt                 ? 
_reflns_shell.pdbx_redundancy             10.1 
_reflns_shell.pdbx_Rsym_value             ? 
_reflns_shell.pdbx_chi_squared            ? 
_reflns_shell.pdbx_netI_over_sigmaI_all   ? 
_reflns_shell.pdbx_netI_over_sigmaI_obs   ? 
_reflns_shell.pdbx_Rrim_I_all             ? 
_reflns_shell.pdbx_Rpim_I_all             ? 
_reflns_shell.pdbx_rejects                ? 
_reflns_shell.pdbx_ordinal                1 
_reflns_shell.pdbx_diffrn_id              1 
_reflns_shell.pdbx_CC_half                0.768 
_reflns_shell.pdbx_R_split                ? 
# 
_refine.aniso_B[1][1]                            1.44 
_refine.aniso_B[1][2]                            0.72 
_refine.aniso_B[1][3]                            -0.00 
_refine.aniso_B[2][2]                            1.44 
_refine.aniso_B[2][3]                            -0.00 
_refine.aniso_B[3][3]                            -4.67 
_refine.B_iso_max                                ? 
_refine.B_iso_mean                               72.575 
_refine.B_iso_min                                ? 
_refine.correlation_coeff_Fo_to_Fc               0.947 
_refine.correlation_coeff_Fo_to_Fc_free          0.914 
_refine.details                                  'HYDROGENS HAVE BEEN ADDED IN THE RIDING POSITIONS' 
_refine.diff_density_max                         ? 
_refine.diff_density_max_esd                     ? 
_refine.diff_density_min                         ? 
_refine.diff_density_min_esd                     ? 
_refine.diff_density_rms                         ? 
_refine.diff_density_rms_esd                     ? 
_refine.entry_id                                 5GO1 
_refine.pdbx_refine_id                           'X-RAY DIFFRACTION' 
_refine.ls_abs_structure_details                 ? 
_refine.ls_abs_structure_Flack                   ? 
_refine.ls_abs_structure_Flack_esd               ? 
_refine.ls_abs_structure_Rogers                  ? 
_refine.ls_abs_structure_Rogers_esd              ? 
_refine.ls_d_res_high                            2.50 
_refine.ls_d_res_low                             99.75 
_refine.ls_extinction_coef                       ? 
_refine.ls_extinction_coef_esd                   ? 
_refine.ls_extinction_expression                 ? 
_refine.ls_extinction_method                     ? 
_refine.ls_goodness_of_fit_all                   ? 
_refine.ls_goodness_of_fit_all_esd               ? 
_refine.ls_goodness_of_fit_obs                   ? 
_refine.ls_goodness_of_fit_obs_esd               ? 
_refine.ls_hydrogen_treatment                    ? 
_refine.ls_matrix_type                           ? 
_refine.ls_number_constraints                    ? 
_refine.ls_number_parameters                     ? 
_refine.ls_number_reflns_all                     ? 
_refine.ls_number_reflns_obs                     8201 
_refine.ls_number_reflns_R_free                  407 
_refine.ls_number_reflns_R_work                  ? 
_refine.ls_number_restraints                     ? 
_refine.ls_percent_reflns_obs                    97.29 
_refine.ls_percent_reflns_R_free                 4.7 
_refine.ls_R_factor_all                          ? 
_refine.ls_R_factor_obs                          0.22707 
_refine.ls_R_factor_R_free                       0.26550 
_refine.ls_R_factor_R_free_error                 ? 
_refine.ls_R_factor_R_free_error_details         ? 
_refine.ls_R_factor_R_work                       0.22525 
_refine.ls_R_Fsqd_factor_obs                     ? 
_refine.ls_R_I_factor_obs                        ? 
_refine.ls_redundancy_reflns_all                 ? 
_refine.ls_redundancy_reflns_obs                 ? 
_refine.ls_restrained_S_all                      ? 
_refine.ls_restrained_S_obs                      ? 
_refine.ls_shift_over_esd_max                    ? 
_refine.ls_shift_over_esd_mean                   ? 
_refine.ls_structure_factor_coef                 ? 
_refine.ls_weighting_details                     ? 
_refine.ls_weighting_scheme                      ? 
_refine.ls_wR_factor_all                         ? 
_refine.ls_wR_factor_obs                         ? 
_refine.ls_wR_factor_R_free                      ? 
_refine.ls_wR_factor_R_work                      ? 
_refine.occupancy_max                            ? 
_refine.occupancy_min                            ? 
_refine.solvent_model_details                    ? 
_refine.solvent_model_param_bsol                 ? 
_refine.solvent_model_param_ksol                 ? 
_refine.ls_R_factor_gt                           ? 
_refine.ls_goodness_of_fit_gt                    ? 
_refine.ls_goodness_of_fit_ref                   ? 
_refine.ls_shift_over_su_max                     ? 
_refine.ls_shift_over_su_max_lt                  ? 
_refine.ls_shift_over_su_mean                    ? 
_refine.ls_shift_over_su_mean_lt                 ? 
_refine.pdbx_ls_sigma_I                          ? 
_refine.pdbx_ls_sigma_F                          ? 
_refine.pdbx_ls_sigma_Fsqd                       ? 
_refine.pdbx_data_cutoff_high_absF               ? 
_refine.pdbx_data_cutoff_high_rms_absF           ? 
_refine.pdbx_data_cutoff_low_absF                ? 
_refine.pdbx_isotropic_thermal_model             ? 
_refine.pdbx_ls_cross_valid_method               THROUGHOUT 
_refine.pdbx_method_to_determine_struct          'MOLECULAR REPLACEMENT' 
_refine.pdbx_starting_model                      3NGR 
_refine.pdbx_stereochemistry_target_values       ? 
_refine.pdbx_R_Free_selection_details            RANDOM 
_refine.pdbx_stereochem_target_val_spec_case     ? 
_refine.pdbx_overall_ESU_R                       0.240 
_refine.pdbx_overall_ESU_R_Free                  0.218 
_refine.pdbx_solvent_vdw_probe_radii             1.20 
_refine.pdbx_solvent_ion_probe_radii             0.80 
_refine.pdbx_solvent_shrinkage_radii             0.80 
_refine.pdbx_real_space_R                        ? 
_refine.pdbx_density_correlation                 ? 
_refine.pdbx_pd_number_of_powder_patterns        ? 
_refine.pdbx_pd_number_of_points                 ? 
_refine.pdbx_pd_meas_number_of_points            ? 
_refine.pdbx_pd_proc_ls_prof_R_factor            ? 
_refine.pdbx_pd_proc_ls_prof_wR_factor           ? 
_refine.pdbx_pd_Marquardt_correlation_coeff      ? 
_refine.pdbx_pd_Fsqrd_R_factor                   ? 
_refine.pdbx_pd_ls_matrix_band_width             ? 
_refine.pdbx_overall_phase_error                 ? 
_refine.pdbx_overall_SU_R_free_Cruickshank_DPI   ? 
_refine.pdbx_overall_SU_R_free_Blow_DPI          ? 
_refine.pdbx_overall_SU_R_Blow_DPI               ? 
_refine.pdbx_TLS_residual_ADP_flag               ? 
_refine.pdbx_diffrn_id                           1 
_refine.overall_SU_B                             8.803 
_refine.overall_SU_ML                            0.187 
_refine.overall_SU_R_Cruickshank_DPI             ? 
_refine.overall_SU_R_free                        ? 
_refine.overall_FOM_free_R_set                   ? 
_refine.overall_FOM_work_R_set                   ? 
_refine.pdbx_average_fsc_overall                 ? 
_refine.pdbx_average_fsc_work                    ? 
_refine.pdbx_average_fsc_free                    ? 
# 
_refine_hist.pdbx_refine_id                   'X-RAY DIFFRACTION' 
_refine_hist.cycle_id                         LAST 
_refine_hist.pdbx_number_atoms_protein        814 
_refine_hist.pdbx_number_atoms_nucleic_acid   0 
_refine_hist.pdbx_number_atoms_ligand         0 
_refine_hist.number_atoms_solvent             17 
_refine_hist.number_atoms_total               831 
_refine_hist.d_res_high                       2.50 
_refine_hist.d_res_low                        99.75 
# 
loop_
_refine_ls_restr.pdbx_refine_id 
_refine_ls_restr.criterion 
_refine_ls_restr.dev_ideal 
_refine_ls_restr.dev_ideal_target 
_refine_ls_restr.number 
_refine_ls_restr.rejects 
_refine_ls_restr.type 
_refine_ls_restr.weight 
_refine_ls_restr.pdbx_restraint_function 
'X-RAY DIFFRACTION' ? 0.020  0.019  838  ? r_bond_refined_d             ? ? 
'X-RAY DIFFRACTION' ? 0.003  0.020  802  ? r_bond_other_d               ? ? 
'X-RAY DIFFRACTION' ? 1.992  1.945  1135 ? r_angle_refined_deg          ? ? 
'X-RAY DIFFRACTION' ? 1.172  3.000  1834 ? r_angle_other_deg            ? ? 
'X-RAY DIFFRACTION' ? 7.423  5.000  112  ? r_dihedral_angle_1_deg       ? ? 
'X-RAY DIFFRACTION' ? 30.973 22.353 34   ? r_dihedral_angle_2_deg       ? ? 
'X-RAY DIFFRACTION' ? 20.167 15.000 126  ? r_dihedral_angle_3_deg       ? ? 
'X-RAY DIFFRACTION' ? 18.905 15.000 8    ? r_dihedral_angle_4_deg       ? ? 
'X-RAY DIFFRACTION' ? 0.124  0.200  126  ? r_chiral_restr               ? ? 
'X-RAY DIFFRACTION' ? 0.010  0.021  969  ? r_gen_planes_refined         ? ? 
'X-RAY DIFFRACTION' ? 0.002  0.020  195  ? r_gen_planes_other           ? ? 
'X-RAY DIFFRACTION' ? ?      ?      ?    ? r_nbd_refined                ? ? 
'X-RAY DIFFRACTION' ? ?      ?      ?    ? r_nbd_other                  ? ? 
'X-RAY DIFFRACTION' ? ?      ?      ?    ? r_nbtor_refined              ? ? 
'X-RAY DIFFRACTION' ? ?      ?      ?    ? r_nbtor_other                ? ? 
'X-RAY DIFFRACTION' ? ?      ?      ?    ? r_xyhbond_nbd_refined        ? ? 
'X-RAY DIFFRACTION' ? ?      ?      ?    ? r_xyhbond_nbd_other          ? ? 
'X-RAY DIFFRACTION' ? ?      ?      ?    ? r_metal_ion_refined          ? ? 
'X-RAY DIFFRACTION' ? ?      ?      ?    ? r_metal_ion_other            ? ? 
'X-RAY DIFFRACTION' ? ?      ?      ?    ? r_symmetry_vdw_refined       ? ? 
'X-RAY DIFFRACTION' ? ?      ?      ?    ? r_symmetry_vdw_other         ? ? 
'X-RAY DIFFRACTION' ? ?      ?      ?    ? r_symmetry_hbond_refined     ? ? 
'X-RAY DIFFRACTION' ? ?      ?      ?    ? r_symmetry_hbond_other       ? ? 
'X-RAY DIFFRACTION' ? ?      ?      ?    ? r_symmetry_metal_ion_refined ? ? 
'X-RAY DIFFRACTION' ? ?      ?      ?    ? r_symmetry_metal_ion_other   ? ? 
'X-RAY DIFFRACTION' ? 8.423  7.222  448  ? r_mcbond_it                  ? ? 
'X-RAY DIFFRACTION' ? 8.411  7.210  447  ? r_mcbond_other               ? ? 
'X-RAY DIFFRACTION' ? 12.170 10.781 557  ? r_mcangle_it                 ? ? 
'X-RAY DIFFRACTION' ? 12.159 10.798 558  ? r_mcangle_other              ? ? 
'X-RAY DIFFRACTION' ? 7.062  7.355  390  ? r_scbond_it                  ? ? 
'X-RAY DIFFRACTION' ? 7.062  7.355  390  ? r_scbond_other               ? ? 
'X-RAY DIFFRACTION' ? ?      ?      ?    ? r_scangle_it                 ? ? 
'X-RAY DIFFRACTION' ? 10.762 10.947 578  ? r_scangle_other              ? ? 
'X-RAY DIFFRACTION' ? 16.554 67.328 3647 ? r_long_range_B_refined       ? ? 
'X-RAY DIFFRACTION' ? 16.561 67.340 3640 ? r_long_range_B_other         ? ? 
'X-RAY DIFFRACTION' ? ?      ?      ?    ? r_rigid_bond_restr           ? ? 
'X-RAY DIFFRACTION' ? ?      ?      ?    ? r_sphericity_free            ? ? 
'X-RAY DIFFRACTION' ? ?      ?      ?    ? r_sphericity_bonded          ? ? 
# 
_refine_ls_shell.pdbx_refine_id                   'X-RAY DIFFRACTION' 
_refine_ls_shell.d_res_high                       2.500 
_refine_ls_shell.d_res_low                        2.565 
_refine_ls_shell.number_reflns_all                ? 
_refine_ls_shell.number_reflns_obs                ? 
_refine_ls_shell.number_reflns_R_free             29 
_refine_ls_shell.number_reflns_R_work             558 
_refine_ls_shell.percent_reflns_obs               92.15 
_refine_ls_shell.percent_reflns_R_free            ? 
_refine_ls_shell.R_factor_all                     ? 
_refine_ls_shell.R_factor_obs                     ? 
_refine_ls_shell.R_factor_R_free                  0.471 
_refine_ls_shell.R_factor_R_free_error            ? 
_refine_ls_shell.R_factor_R_work                  0.384 
_refine_ls_shell.redundancy_reflns_all            ? 
_refine_ls_shell.redundancy_reflns_obs            ? 
_refine_ls_shell.wR_factor_all                    ? 
_refine_ls_shell.wR_factor_obs                    ? 
_refine_ls_shell.wR_factor_R_free                 ? 
_refine_ls_shell.wR_factor_R_work                 ? 
_refine_ls_shell.pdbx_total_number_of_bins_used   20 
_refine_ls_shell.pdbx_phase_error                 ? 
_refine_ls_shell.pdbx_fsc_work                    ? 
_refine_ls_shell.pdbx_fsc_free                    ? 
# 
_struct.entry_id                     5GO1 
_struct.title                        
;Structural, Functional characterization and discovery of novel inhibitors of Leishmania amazonensis Nucleoside Diphosphatase Kinase (NDK)
;
_struct.pdbx_model_details           ? 
_struct.pdbx_formula_weight          ? 
_struct.pdbx_formula_weight_method   ? 
_struct.pdbx_model_type_details      ? 
_struct.pdbx_CASP_flag               N 
# 
_struct_keywords.entry_id        5GO1 
_struct_keywords.text            'Kinase, Leishmania amazonensis, inhibitor, TRANSFERASE' 
_struct_keywords.pdbx_keywords   TRANSFERASE 
# 
loop_
_struct_asym.id 
_struct_asym.pdbx_blank_PDB_chainid_flag 
_struct_asym.pdbx_modified 
_struct_asym.entity_id 
_struct_asym.details 
A N N 1 ? 
B N N 2 ? 
# 
loop_
_struct_conf.conf_type_id 
_struct_conf.id 
_struct_conf.pdbx_PDB_helix_id 
_struct_conf.beg_label_comp_id 
_struct_conf.beg_label_asym_id 
_struct_conf.beg_label_seq_id 
_struct_conf.pdbx_beg_PDB_ins_code 
_struct_conf.end_label_comp_id 
_struct_conf.end_label_asym_id 
_struct_conf.end_label_seq_id 
_struct_conf.pdbx_end_PDB_ins_code 
_struct_conf.beg_auth_comp_id 
_struct_conf.beg_auth_asym_id 
_struct_conf.beg_auth_seq_id 
_struct_conf.end_auth_comp_id 
_struct_conf.end_auth_asym_id 
_struct_conf.end_auth_seq_id 
_struct_conf.pdbx_PDB_helix_class 
_struct_conf.details 
_struct_conf.pdbx_PDB_helix_length 
HELX_P HELX_P1 AA1 LYS A 11  ? GLY A 18  ? LYS A 11  GLY A 18  1 ? 8  
HELX_P HELX_P2 AA2 LEU A 19  ? GLY A 31  ? LEU A 19  GLY A 31  1 ? 13 
HELX_P HELX_P3 AA3 ASN A 81  ? GLY A 91  ? ASN A 81  GLY A 91  1 ? 11 
HELX_P HELX_P4 AA4 ASN A 94  ? SER A 98  ? ASN A 94  SER A 98  5 ? 5  
HELX_P HELX_P5 AA5 THR A 102 ? ALA A 108 ? THR A 102 ALA A 108 1 ? 7  
HELX_P HELX_P6 AA6 MET A 111 ? VAL A 115 ? MET A 111 VAL A 115 5 ? 5  
HELX_P HELX_P7 AA7 SER A 121 ? PHE A 133 ? SER A 121 PHE A 133 1 ? 13 
HELX_P HELX_P8 AA8 LYS A 134 ? LEU A 138 ? LYS A 134 LEU A 138 5 ? 5  
# 
_struct_conf_type.id          HELX_P 
_struct_conf_type.criteria    ? 
_struct_conf_type.reference   ? 
# 
_struct_sheet.id               AA1 
_struct_sheet.type             ? 
_struct_sheet.number_strands   4 
_struct_sheet.details          ? 
# 
loop_
_struct_sheet_order.sheet_id 
_struct_sheet_order.range_id_1 
_struct_sheet_order.range_id_2 
_struct_sheet_order.offset 
_struct_sheet_order.sense 
AA1 1 2 ? anti-parallel 
AA1 2 3 ? anti-parallel 
AA1 3 4 ? anti-parallel 
# 
loop_
_struct_sheet_range.sheet_id 
_struct_sheet_range.id 
_struct_sheet_range.beg_label_comp_id 
_struct_sheet_range.beg_label_asym_id 
_struct_sheet_range.beg_label_seq_id 
_struct_sheet_range.pdbx_beg_PDB_ins_code 
_struct_sheet_range.end_label_comp_id 
_struct_sheet_range.end_label_asym_id 
_struct_sheet_range.end_label_seq_id 
_struct_sheet_range.pdbx_end_PDB_ins_code 
_struct_sheet_range.beg_auth_comp_id 
_struct_sheet_range.beg_auth_asym_id 
_struct_sheet_range.beg_auth_seq_id 
_struct_sheet_range.end_auth_comp_id 
_struct_sheet_range.end_auth_asym_id 
_struct_sheet_range.end_auth_seq_id 
AA1 1 LYS A 33  ? LEU A 40  ? LYS A 33  LEU A 40  
AA1 2 ILE A 72  ? GLU A 78  ? ILE A 72  GLU A 78  
AA1 3 ARG A 5   ? VAL A 10  ? ARG A 5   VAL A 10  
AA1 4 HIS A 117 ? GLY A 118 ? HIS A 117 GLY A 118 
# 
loop_
_pdbx_struct_sheet_hbond.sheet_id 
_pdbx_struct_sheet_hbond.range_id_1 
_pdbx_struct_sheet_hbond.range_id_2 
_pdbx_struct_sheet_hbond.range_1_label_atom_id 
_pdbx_struct_sheet_hbond.range_1_label_comp_id 
_pdbx_struct_sheet_hbond.range_1_label_asym_id 
_pdbx_struct_sheet_hbond.range_1_label_seq_id 
_pdbx_struct_sheet_hbond.range_1_PDB_ins_code 
_pdbx_struct_sheet_hbond.range_1_auth_atom_id 
_pdbx_struct_sheet_hbond.range_1_auth_comp_id 
_pdbx_struct_sheet_hbond.range_1_auth_asym_id 
_pdbx_struct_sheet_hbond.range_1_auth_seq_id 
_pdbx_struct_sheet_hbond.range_2_label_atom_id 
_pdbx_struct_sheet_hbond.range_2_label_comp_id 
_pdbx_struct_sheet_hbond.range_2_label_asym_id 
_pdbx_struct_sheet_hbond.range_2_label_seq_id 
_pdbx_struct_sheet_hbond.range_2_PDB_ins_code 
_pdbx_struct_sheet_hbond.range_2_auth_atom_id 
_pdbx_struct_sheet_hbond.range_2_auth_comp_id 
_pdbx_struct_sheet_hbond.range_2_auth_asym_id 
_pdbx_struct_sheet_hbond.range_2_auth_seq_id 
AA1 1 2 N LYS A 38 ? N LYS A 38 O CYS A 74  ? O CYS A 74  
AA1 2 3 O TRP A 77 ? O TRP A 77 N THR A 6   ? N THR A 6   
AA1 3 4 N ALA A 9  ? N ALA A 9  O HIS A 117 ? O HIS A 117 
# 
_atom_sites.entry_id                    5GO1 
_atom_sites.fract_transf_matrix[1][1]   0.00218889 
_atom_sites.fract_transf_matrix[1][2]   0.00508614 
_atom_sites.fract_transf_matrix[1][3]   -0.00835746 
_atom_sites.fract_transf_matrix[2][1]   0.00849450 
_atom_sites.fract_transf_matrix[2][2]   0.00529365 
_atom_sites.fract_transf_matrix[2][3]   -0.00056686 
_atom_sites.fract_transf_matrix[3][1]   0.00764187 
_atom_sites.fract_transf_matrix[3][2]   -0.01288815 
_atom_sites.fract_transf_matrix[3][3]   -0.00584194 
_atom_sites.fract_transf_vector[1]      -0.158772 
_atom_sites.fract_transf_vector[2]      0.425788 
_atom_sites.fract_transf_vector[3]      0.072923 
# 
loop_
_atom_type.symbol 
C 
N 
O 
S 
# 
loop_
_atom_site.group_PDB 
_atom_site.id 
_atom_site.type_symbol 
_atom_site.label_atom_id 
_atom_site.label_alt_id 
_atom_site.label_comp_id 
_atom_site.label_asym_id 
_atom_site.label_entity_id 
_atom_site.label_seq_id 
_atom_site.pdbx_PDB_ins_code 
_atom_site.Cartn_x 
_atom_site.Cartn_y 
_atom_site.Cartn_z 
_atom_site.occupancy 
_atom_site.B_iso_or_equiv 
_atom_site.pdbx_formal_charge 
_atom_site.auth_seq_id 
_atom_site.auth_comp_id 
_atom_site.auth_asym_id 
_atom_site.auth_atom_id 
_atom_site.pdbx_PDB_model_num 
ATOM   1   N N   . SER A 1 3   ? -15.740 -1.917  -7.334  1.00 92.27  ? 3   SER A N   1 
ATOM   2   C CA  . SER A 1 3   ? -14.538 -1.870  -8.250  1.00 91.42  ? 3   SER A CA  1 
ATOM   3   C C   . SER A 1 3   ? -13.692 -0.576  -8.227  1.00 84.30  ? 3   SER A C   1 
ATOM   4   O O   . SER A 1 3   ? -13.028 -0.260  -9.247  1.00 81.77  ? 3   SER A O   1 
ATOM   5   C CB  . SER A 1 3   ? -14.970 -2.119  -9.703  1.00 101.10 ? 3   SER A CB  1 
ATOM   6   O OG  . SER A 1 3   ? -15.654 -0.989  -10.234 1.00 104.64 ? 3   SER A OG  1 
ATOM   7   N N   . GLU A 1 4   ? -13.664 0.156   -7.102  1.00 71.72  ? 4   GLU A N   1 
ATOM   8   C CA  . GLU A 1 4   ? -12.655 1.233   -6.962  1.00 68.11  ? 4   GLU A CA  1 
ATOM   9   C C   . GLU A 1 4   ? -11.269 0.614   -7.044  1.00 63.92  ? 4   GLU A C   1 
ATOM   10  O O   . GLU A 1 4   ? -11.117 -0.592  -7.076  1.00 69.35  ? 4   GLU A O   1 
ATOM   11  C CB  . GLU A 1 4   ? -12.713 2.016   -5.617  1.00 76.31  ? 4   GLU A CB  1 
ATOM   12  C CG  . GLU A 1 4   ? -13.948 1.866   -4.743  1.00 81.92  ? 4   GLU A CG  1 
ATOM   13  C CD  . GLU A 1 4   ? -13.886 2.745   -3.504  1.00 92.16  ? 4   GLU A CD  1 
ATOM   14  O OE1 . GLU A 1 4   ? -12.763 3.071   -2.990  1.00 86.75  ? 4   GLU A OE1 1 
ATOM   15  O OE2 . GLU A 1 4   ? -14.997 3.101   -3.046  1.00 98.11  ? 4   GLU A OE2 1 
ATOM   16  N N   . ARG A 1 5   ? -10.255 1.451   -6.971  1.00 49.14  ? 5   ARG A N   1 
ATOM   17  C CA  . ARG A 1 5   ? -8.912  1.026   -6.992  1.00 54.11  ? 5   ARG A CA  1 
ATOM   18  C C   . ARG A 1 5   ? -8.117  1.918   -6.080  1.00 61.90  ? 5   ARG A C   1 
ATOM   19  O O   . ARG A 1 5   ? -8.525  3.039   -5.861  1.00 69.86  ? 5   ARG A O   1 
ATOM   20  C CB  . ARG A 1 5   ? -8.342  1.093   -8.419  1.00 68.03  ? 5   ARG A CB  1 
ATOM   21  C CG  . ARG A 1 5   ? -9.017  0.079   -9.356  1.00 74.34  ? 5   ARG A CG  1 
ATOM   22  C CD  . ARG A 1 5   ? -8.323  0.068   -10.705 1.00 84.21  ? 5   ARG A CD  1 
ATOM   23  N NE  . ARG A 1 5   ? -8.672  -1.131  -11.475 1.00 90.37  ? 5   ARG A NE  1 
ATOM   24  C CZ  . ARG A 1 5   ? -8.062  -1.511  -12.602 1.00 84.05  ? 5   ARG A CZ  1 
ATOM   25  N NH1 . ARG A 1 5   ? -7.065  -0.780  -13.139 1.00 79.93  ? 5   ARG A NH1 1 
ATOM   26  N NH2 . ARG A 1 5   ? -8.437  -2.642  -13.182 1.00 74.90  ? 5   ARG A NH2 1 
ATOM   27  N N   . THR A 1 6   ? -6.988  1.439   -5.534  1.00 59.34  ? 6   THR A N   1 
ATOM   28  C CA  . THR A 1 6   ? -6.178  2.313   -4.691  1.00 56.72  ? 6   THR A CA  1 
ATOM   29  C C   . THR A 1 6   ? -4.765  1.961   -4.940  1.00 53.75  ? 6   THR A C   1 
ATOM   30  O O   . THR A 1 6   ? -4.512  0.899   -5.529  1.00 55.90  ? 6   THR A O   1 
ATOM   31  C CB  . THR A 1 6   ? -6.538  2.246   -3.155  1.00 61.81  ? 6   THR A CB  1 
ATOM   32  O OG1 . THR A 1 6   ? -5.766  3.221   -2.447  1.00 61.78  ? 6   THR A OG1 1 
ATOM   33  C CG2 . THR A 1 6   ? -6.185  0.863   -2.521  1.00 72.37  ? 6   THR A CG2 1 
ATOM   34  N N   . PHE A 1 7   ? -3.872  2.830   -4.466  1.00 48.39  ? 7   PHE A N   1 
ATOM   35  C CA  . PHE A 1 7   ? -2.461  2.708   -4.691  1.00 54.71  ? 7   PHE A CA  1 
ATOM   36  C C   . PHE A 1 7   ? -1.810  2.488   -3.354  1.00 61.77  ? 7   PHE A C   1 
ATOM   37  O O   . PHE A 1 7   ? -2.061  3.231   -2.426  1.00 58.70  ? 7   PHE A O   1 
ATOM   38  C CB  . PHE A 1 7   ? -1.860  4.009   -5.299  1.00 52.01  ? 7   PHE A CB  1 
ATOM   39  C CG  . PHE A 1 7   ? -0.335  4.014   -5.392  1.00 44.02  ? 7   PHE A CG  1 
ATOM   40  C CD1 . PHE A 1 7   ? 0.310   3.317   -6.384  1.00 45.36  ? 7   PHE A CD1 1 
ATOM   41  C CD2 . PHE A 1 7   ? 0.434   4.730   -4.492  1.00 46.41  ? 7   PHE A CD2 1 
ATOM   42  C CE1 . PHE A 1 7   ? 1.709   3.368   -6.476  1.00 50.35  ? 7   PHE A CE1 1 
ATOM   43  C CE2 . PHE A 1 7   ? 1.827   4.785   -4.567  1.00 45.50  ? 7   PHE A CE2 1 
ATOM   44  C CZ  . PHE A 1 7   ? 2.473   4.079   -5.567  1.00 44.72  ? 7   PHE A CZ  1 
ATOM   45  N N   . ILE A 1 8   ? -0.916  1.498   -3.286  1.00 62.54  ? 8   ILE A N   1 
ATOM   46  C CA  . ILE A 1 8   ? -0.212  1.189   -2.082  1.00 50.75  ? 8   ILE A CA  1 
ATOM   47  C C   . ILE A 1 8   ? 1.201   1.081   -2.481  1.00 53.41  ? 8   ILE A C   1 
ATOM   48  O O   . ILE A 1 8   ? 1.483   0.566   -3.572  1.00 63.61  ? 8   ILE A O   1 
ATOM   49  C CB  . ILE A 1 8   ? -0.648  -0.186  -1.504  1.00 56.84  ? 8   ILE A CB  1 
ATOM   50  C CG1 . ILE A 1 8   ? -2.164  -0.248  -1.269  1.00 59.04  ? 8   ILE A CG1 1 
ATOM   51  C CG2 . ILE A 1 8   ? 0.068   -0.477  -0.173  1.00 50.54  ? 8   ILE A CG2 1 
ATOM   52  C CD1 . ILE A 1 8   ? -2.605  0.612   -0.081  1.00 59.31  ? 8   ILE A CD1 1 
ATOM   53  N N   . ALA A 1 9   ? 2.081   1.478   -1.568  1.00 49.24  ? 9   ALA A N   1 
ATOM   54  C CA  . ALA A 1 9   ? 3.478   1.437   -1.797  1.00 54.58  ? 9   ALA A CA  1 
ATOM   55  C C   . ALA A 1 9   ? 4.234   1.091   -0.522  1.00 60.91  ? 9   ALA A C   1 
ATOM   56  O O   . ALA A 1 9   ? 3.951   1.617   0.520   1.00 60.73  ? 9   ALA A O   1 
ATOM   57  C CB  . ALA A 1 9   ? 3.950   2.804   -2.280  1.00 58.70  ? 9   ALA A CB  1 
ATOM   58  N N   . VAL A 1 10  ? 5.266   0.278   -0.653  1.00 65.26  ? 10  VAL A N   1 
ATOM   59  C CA  . VAL A 1 10  ? 6.070   -0.150  0.450   1.00 67.93  ? 10  VAL A CA  1 
ATOM   60  C C   . VAL A 1 10  ? 7.436   0.460   0.259   1.00 74.41  ? 10  VAL A C   1 
ATOM   61  O O   . VAL A 1 10  ? 8.052   0.248   -0.744  1.00 70.17  ? 10  VAL A O   1 
ATOM   62  C CB  . VAL A 1 10  ? 6.192   -1.673  0.424   1.00 68.62  ? 10  VAL A CB  1 
ATOM   63  C CG1 . VAL A 1 10  ? 6.998   -2.179  1.606   1.00 70.36  ? 10  VAL A CG1 1 
ATOM   64  C CG2 . VAL A 1 10  ? 4.802   -2.272  0.436   1.00 77.00  ? 10  VAL A CG2 1 
ATOM   65  N N   . LYS A 1 11  ? 7.918   1.154   1.274   1.00 82.39  ? 11  LYS A N   1 
ATOM   66  C CA  . LYS A 1 11  ? 8.987   2.118   1.130   1.00 91.35  ? 11  LYS A CA  1 
ATOM   67  C C   . LYS A 1 11  ? 10.264  1.416   1.448   1.00 92.10  ? 11  LYS A C   1 
ATOM   68  O O   . LYS A 1 11  ? 10.221  0.263   1.820   1.00 71.14  ? 11  LYS A O   1 
ATOM   69  C CB  . LYS A 1 11  ? 8.752   3.295   2.083   1.00 105.69 ? 11  LYS A CB  1 
ATOM   70  N N   . PRO A 1 12  ? 11.412  2.108   1.304   1.00 117.78 ? 12  PRO A N   1 
ATOM   71  C CA  . PRO A 1 12  ? 12.718  1.428   1.435   1.00 119.35 ? 12  PRO A CA  1 
ATOM   72  C C   . PRO A 1 12  ? 12.932  0.560   2.683   1.00 116.56 ? 12  PRO A C   1 
ATOM   73  O O   . PRO A 1 12  ? 13.073  -0.655  2.531   1.00 102.75 ? 12  PRO A O   1 
ATOM   74  C CB  . PRO A 1 12  ? 13.713  2.588   1.387   1.00 119.11 ? 12  PRO A CB  1 
ATOM   75  C CG  . PRO A 1 12  ? 13.040  3.593   0.514   1.00 117.08 ? 12  PRO A CG  1 
ATOM   76  C CD  . PRO A 1 12  ? 11.574  3.495   0.811   1.00 110.32 ? 12  PRO A CD  1 
ATOM   77  N N   . ASP A 1 13  ? 12.914  1.140   3.890   1.00 114.80 ? 13  ASP A N   1 
ATOM   78  C CA  . ASP A 1 13  ? 13.197  0.347   5.099   1.00 110.25 ? 13  ASP A CA  1 
ATOM   79  C C   . ASP A 1 13  ? 12.267  -0.846  5.141   1.00 108.74 ? 13  ASP A C   1 
ATOM   80  O O   . ASP A 1 13  ? 12.689  -1.961  5.445   1.00 102.18 ? 13  ASP A O   1 
ATOM   81  C CB  . ASP A 1 13  ? 13.079  1.165   6.383   1.00 111.46 ? 13  ASP A CB  1 
ATOM   82  N N   . GLY A 1 14  ? 11.013  -0.613  4.762   1.00 101.86 ? 14  GLY A N   1 
ATOM   83  C CA  . GLY A 1 14  ? 10.012  -1.668  4.741   1.00 101.07 ? 14  GLY A CA  1 
ATOM   84  C C   . GLY A 1 14  ? 10.594  -2.777  3.902   1.00 110.86 ? 14  GLY A C   1 
ATOM   85  O O   . GLY A 1 14  ? 10.691  -3.955  4.337   1.00 101.70 ? 14  GLY A O   1 
ATOM   86  N N   . VAL A 1 15  ? 11.086  -2.353  2.740   1.00 106.44 ? 15  VAL A N   1 
ATOM   87  C CA  . VAL A 1 15  ? 11.664  -3.263  1.782   1.00 94.87  ? 15  VAL A CA  1 
ATOM   88  C C   . VAL A 1 15  ? 12.970  -3.921  2.299   1.00 93.21  ? 15  VAL A C   1 
ATOM   89  O O   . VAL A 1 15  ? 13.174  -5.121  2.058   1.00 90.32  ? 15  VAL A O   1 
ATOM   90  C CB  . VAL A 1 15  ? 11.823  -2.621  0.390   1.00 86.89  ? 15  VAL A CB  1 
ATOM   91  C CG1 . VAL A 1 15  ? 11.984  -3.709  -0.655  1.00 95.05  ? 15  VAL A CG1 1 
ATOM   92  C CG2 . VAL A 1 15  ? 10.624  -1.771  -0.006  1.00 80.46  ? 15  VAL A CG2 1 
ATOM   93  N N   . GLN A 1 16  ? 13.814  -3.183  3.030   1.00 92.35  ? 16  GLN A N   1 
ATOM   94  C CA  . GLN A 1 16  ? 15.017  -3.785  3.685   1.00 95.41  ? 16  GLN A CA  1 
ATOM   95  C C   . GLN A 1 16  ? 14.674  -4.796  4.764   1.00 97.22  ? 16  GLN A C   1 
ATOM   96  O O   . GLN A 1 16  ? 15.467  -5.695  5.013   1.00 106.83 ? 16  GLN A O   1 
ATOM   97  C CB  . GLN A 1 16  ? 15.936  -2.719  4.286   1.00 93.57  ? 16  GLN A CB  1 
ATOM   98  N N   . ARG A 1 17  ? 13.516  -4.622  5.412   1.00 99.09  ? 17  ARG A N   1 
ATOM   99  C CA  . ARG A 1 17  ? 13.013  -5.570  6.417   1.00 94.75  ? 17  ARG A CA  1 
ATOM   100 C C   . ARG A 1 17  ? 12.342  -6.827  5.823   1.00 89.43  ? 17  ARG A C   1 
ATOM   101 O O   . ARG A 1 17  ? 12.341  -7.881  6.446   1.00 89.16  ? 17  ARG A O   1 
ATOM   102 C CB  . ARG A 1 17  ? 12.044  -4.871  7.360   1.00 96.84  ? 17  ARG A CB  1 
ATOM   103 C CG  . ARG A 1 17  ? 12.710  -3.911  8.339   1.00 98.63  ? 17  ARG A CG  1 
ATOM   104 C CD  . ARG A 1 17  ? 11.648  -3.183  9.160   1.00 109.10 ? 17  ARG A CD  1 
ATOM   105 N NE  . ARG A 1 17  ? 10.961  -4.048  10.145  1.00 104.25 ? 17  ARG A NE  1 
ATOM   106 C CZ  . ARG A 1 17  ? 9.935   -3.669  10.920  1.00 90.21  ? 17  ARG A CZ  1 
ATOM   107 N NH1 . ARG A 1 17  ? 9.424   -2.430  10.846  1.00 92.62  ? 17  ARG A NH1 1 
ATOM   108 N NH2 . ARG A 1 17  ? 9.419   -4.525  11.797  1.00 92.18  ? 17  ARG A NH2 1 
ATOM   109 N N   . GLY A 1 18  ? 11.751  -6.708  4.644   1.00 85.55  ? 18  GLY A N   1 
ATOM   110 C CA  . GLY A 1 18  ? 11.263  -7.875  3.908   1.00 77.52  ? 18  GLY A CA  1 
ATOM   111 C C   . GLY A 1 18  ? 9.789   -8.144  4.108   1.00 81.15  ? 18  GLY A C   1 
ATOM   112 O O   . GLY A 1 18  ? 9.405   -9.254  4.503   1.00 72.65  ? 18  GLY A O   1 
ATOM   113 N N   . LEU A 1 19  ? 8.950   -7.144  3.809   1.00 79.68  ? 19  LEU A N   1 
ATOM   114 C CA  . LEU A 1 19  ? 7.540   -7.261  4.143   1.00 72.79  ? 19  LEU A CA  1 
ATOM   115 C C   . LEU A 1 19  ? 6.513   -6.720  3.184   1.00 72.27  ? 19  LEU A C   1 
ATOM   116 O O   . LEU A 1 19  ? 5.383   -6.424  3.563   1.00 71.25  ? 19  LEU A O   1 
ATOM   117 C CB  . LEU A 1 19  ? 7.335   -6.698  5.510   1.00 89.46  ? 19  LEU A CB  1 
ATOM   118 C CG  . LEU A 1 19  ? 7.920   -5.340  5.775   1.00 92.43  ? 19  LEU A CG  1 
ATOM   119 C CD1 . LEU A 1 19  ? 6.845   -4.246  5.669   1.00 88.18  ? 19  LEU A CD1 1 
ATOM   120 C CD2 . LEU A 1 19  ? 8.581   -5.440  7.163   1.00 96.51  ? 19  LEU A CD2 1 
ATOM   121 N N   . ALA A 1 20  ? 6.851   -6.702  1.902   1.00 70.38  ? 20  ALA A N   1 
ATOM   122 C CA  . ALA A 1 20  ? 5.844   -6.495  0.895   1.00 55.28  ? 20  ALA A CA  1 
ATOM   123 C C   . ALA A 1 20  ? 5.072   -7.773  0.720   1.00 51.73  ? 20  ALA A C   1 
ATOM   124 O O   . ALA A 1 20  ? 3.882   -7.792  0.253   1.00 48.86  ? 20  ALA A O   1 
ATOM   125 C CB  . ALA A 1 20  ? 6.495   -6.127  -0.377  1.00 66.64  ? 20  ALA A CB  1 
ATOM   126 N N   . GLY A 1 21  ? 5.707   -8.881  1.081   1.00 43.85  ? 21  GLY A N   1 
ATOM   127 C CA  . GLY A 1 21  ? 4.945   -10.141 1.105   1.00 41.18  ? 21  GLY A CA  1 
ATOM   128 C C   . GLY A 1 21  ? 3.793   -10.031 2.075   1.00 41.65  ? 21  GLY A C   1 
ATOM   129 O O   . GLY A 1 21  ? 2.604   -10.270 1.719   1.00 43.80  ? 21  GLY A O   1 
ATOM   130 N N   . GLU A 1 22  ? 4.138   -9.561  3.264   1.00 41.00  ? 22  GLU A N   1 
ATOM   131 C CA  . GLU A 1 22  ? 3.136   -9.395  4.292   1.00 48.80  ? 22  GLU A CA  1 
ATOM   132 C C   . GLU A 1 22  ? 2.043   -8.523  3.843   1.00 47.49  ? 22  GLU A C   1 
ATOM   133 O O   . GLU A 1 22  ? 0.862   -8.949  3.935   1.00 40.25  ? 22  GLU A O   1 
ATOM   134 C CB  . GLU A 1 22  ? 3.678   -8.982  5.666   1.00 51.89  ? 22  GLU A CB  1 
ATOM   135 C CG  . GLU A 1 22  ? 3.710   -10.255 6.548   1.00 69.46  ? 22  GLU A CG  1 
ATOM   136 C CD  . GLU A 1 22  ? 2.315   -11.018 6.685   1.00 78.91  ? 22  GLU A CD  1 
ATOM   137 O OE1 . GLU A 1 22  ? 1.173   -10.455 6.843   1.00 64.00  ? 22  GLU A OE1 1 
ATOM   138 O OE2 . GLU A 1 22  ? 2.364   -12.261 6.626   1.00 84.06  ? 22  GLU A OE2 1 
ATOM   139 N N   . VAL A 1 23  ? 2.435   -7.385  3.240   1.00 44.42  ? 23  VAL A N   1 
ATOM   140 C CA  . VAL A 1 23  ? 1.436   -6.407  2.778   1.00 45.25  ? 23  VAL A CA  1 
ATOM   141 C C   . VAL A 1 23  ? 0.554   -6.986  1.728   1.00 45.40  ? 23  VAL A C   1 
ATOM   142 O O   . VAL A 1 23  ? -0.670  -6.933  1.847   1.00 48.94  ? 23  VAL A O   1 
ATOM   143 C CB  . VAL A 1 23  ? 2.065   -5.139  2.233   1.00 47.97  ? 23  VAL A CB  1 
ATOM   144 C CG1 . VAL A 1 23  ? 1.030   -4.286  1.594   1.00 48.25  ? 23  VAL A CG1 1 
ATOM   145 C CG2 . VAL A 1 23  ? 2.794   -4.400  3.336   1.00 48.61  ? 23  VAL A CG2 1 
ATOM   146 N N   . ILE A 1 24  ? 1.162   -7.618  0.740   1.00 43.06  ? 24  ILE A N   1 
ATOM   147 C CA  . ILE A 1 24  ? 0.360   -8.268  -0.302  1.00 42.41  ? 24  ILE A CA  1 
ATOM   148 C C   . ILE A 1 24  ? -0.577  -9.327  0.278   1.00 43.98  ? 24  ILE A C   1 
ATOM   149 O O   . ILE A 1 24  ? -1.759  -9.411  -0.127  1.00 49.05  ? 24  ILE A O   1 
ATOM   150 C CB  . ILE A 1 24  ? 1.319   -8.919  -1.327  1.00 46.77  ? 24  ILE A CB  1 
ATOM   151 C CG1 . ILE A 1 24  ? 2.035   -7.858  -2.139  1.00 48.33  ? 24  ILE A CG1 1 
ATOM   152 C CG2 . ILE A 1 24  ? 0.590   -9.862  -2.287  1.00 40.66  ? 24  ILE A CG2 1 
ATOM   153 C CD1 . ILE A 1 24  ? 3.214   -8.375  -2.903  1.00 47.71  ? 24  ILE A CD1 1 
ATOM   154 N N   . CYS A 1 25  ? -0.045  -10.190 1.164   1.00 43.75  ? 25  CYS A N   1 
ATOM   155 C CA  . CYS A 1 25  ? -0.887  -11.234 1.841   1.00 45.29  ? 25  CYS A CA  1 
ATOM   156 C C   . CYS A 1 25  ? -2.085  -10.697 2.554   1.00 39.79  ? 25  CYS A C   1 
ATOM   157 O O   . CYS A 1 25  ? -3.181  -11.238 2.426   1.00 42.92  ? 25  CYS A O   1 
ATOM   158 C CB  . CYS A 1 25  ? -0.086  -12.070 2.852   1.00 51.81  ? 25  CYS A CB  1 
ATOM   159 S SG  . CYS A 1 25  ? 0.960   -13.339 2.096   1.00 57.59  ? 25  CYS A SG  1 
ATOM   160 N N   . ARG A 1 26  ? -1.913  -9.618  3.296   1.00 37.82  ? 26  ARG A N   1 
ATOM   161 C CA  . ARG A 1 26  ? -3.097  -8.983  3.923   1.00 42.87  ? 26  ARG A CA  1 
ATOM   162 C C   . ARG A 1 26  ? -4.135  -8.428  2.963   1.00 42.84  ? 26  ARG A C   1 
ATOM   163 O O   . ARG A 1 26  ? -5.328  -8.539  3.214   1.00 50.23  ? 26  ARG A O   1 
ATOM   164 C CB  . ARG A 1 26  ? -2.649  -7.925  4.936   1.00 46.54  ? 26  ARG A CB  1 
ATOM   165 C CG  . ARG A 1 26  ? -1.814  -8.627  5.988   1.00 45.57  ? 26  ARG A CG  1 
ATOM   166 C CD  . ARG A 1 26  ? -1.772  -7.978  7.282   1.00 48.84  ? 26  ARG A CD  1 
ATOM   167 N NE  . ARG A 1 26  ? -0.747  -8.570  8.155   1.00 41.66  ? 26  ARG A NE  1 
ATOM   168 C CZ  . ARG A 1 26  ? -0.493  -8.066  9.364   1.00 43.34  ? 26  ARG A CZ  1 
ATOM   169 N NH1 . ARG A 1 26  ? -1.140  -6.972  9.818   1.00 42.06  ? 26  ARG A NH1 1 
ATOM   170 N NH2 . ARG A 1 26  ? 0.432   -8.617  10.121  1.00 44.62  ? 26  ARG A NH2 1 
ATOM   171 N N   . PHE A 1 27  ? -3.707  -7.852  1.847   1.00 45.49  ? 27  PHE A N   1 
ATOM   172 C CA  . PHE A 1 27  ? -4.703  -7.327  0.899   1.00 47.43  ? 27  PHE A CA  1 
ATOM   173 C C   . PHE A 1 27  ? -5.310  -8.475  0.156   1.00 48.06  ? 27  PHE A C   1 
ATOM   174 O O   . PHE A 1 27  ? -6.486  -8.467  -0.131  1.00 46.81  ? 27  PHE A O   1 
ATOM   175 C CB  . PHE A 1 27  ? -4.068  -6.357  -0.049  1.00 48.15  ? 27  PHE A CB  1 
ATOM   176 C CG  . PHE A 1 27  ? -3.904  -4.984  0.533   1.00 48.81  ? 27  PHE A CG  1 
ATOM   177 C CD1 . PHE A 1 27  ? -2.954  -4.743  1.494   1.00 47.14  ? 27  PHE A CD1 1 
ATOM   178 C CD2 . PHE A 1 27  ? -4.687  -3.924  0.100   1.00 54.27  ? 27  PHE A CD2 1 
ATOM   179 C CE1 . PHE A 1 27  ? -2.774  -3.495  2.041   1.00 48.90  ? 27  PHE A CE1 1 
ATOM   180 C CE2 . PHE A 1 27  ? -4.495  -2.644  0.614   1.00 51.05  ? 27  PHE A CE2 1 
ATOM   181 C CZ  . PHE A 1 27  ? -3.558  -2.434  1.598   1.00 50.78  ? 27  PHE A CZ  1 
ATOM   182 N N   . GLU A 1 28  ? -4.531  -9.499  -0.131  1.00 49.73  ? 28  GLU A N   1 
ATOM   183 C CA  . GLU A 1 28  ? -5.139  -10.692 -0.767  1.00 55.38  ? 28  GLU A CA  1 
ATOM   184 C C   . GLU A 1 28  ? -6.204  -11.285 0.122   1.00 56.46  ? 28  GLU A C   1 
ATOM   185 O O   . GLU A 1 28  ? -7.376  -11.321 -0.221  1.00 61.07  ? 28  GLU A O   1 
ATOM   186 C CB  . GLU A 1 28  ? -4.082  -11.717 -1.130  1.00 61.30  ? 28  GLU A CB  1 
ATOM   187 C CG  . GLU A 1 28  ? -3.667  -11.641 -2.595  1.00 77.80  ? 28  GLU A CG  1 
ATOM   188 C CD  . GLU A 1 28  ? -2.209  -12.024 -2.869  1.00 97.74  ? 28  GLU A CD  1 
ATOM   189 O OE1 . GLU A 1 28  ? -1.426  -12.439 -1.963  1.00 97.38  ? 28  GLU A OE1 1 
ATOM   190 O OE2 . GLU A 1 28  ? -1.832  -11.905 -4.051  1.00 107.83 ? 28  GLU A OE2 1 
ATOM   191 N N   . ARG A 1 29  ? -5.800  -11.618 1.335   1.00 61.75  ? 29  ARG A N   1 
ATOM   192 C CA  . ARG A 1 29  ? -6.680  -12.157 2.395   1.00 56.91  ? 29  ARG A CA  1 
ATOM   193 C C   . ARG A 1 29  ? -7.990  -11.379 2.633   1.00 56.64  ? 29  ARG A C   1 
ATOM   194 O O   . ARG A 1 29  ? -9.048  -11.952 2.984   1.00 48.77  ? 29  ARG A O   1 
ATOM   195 C CB  . ARG A 1 29  ? -5.833  -12.189 3.670   1.00 59.34  ? 29  ARG A CB  1 
ATOM   196 C CG  . ARG A 1 29  ? -6.561  -12.639 4.891   1.00 65.89  ? 29  ARG A CG  1 
ATOM   197 C CD  . ARG A 1 29  ? -5.627  -12.808 6.076   1.00 61.03  ? 29  ARG A CD  1 
ATOM   198 N NE  . ARG A 1 29  ? -5.312  -11.552 6.767   1.00 59.17  ? 29  ARG A NE  1 
ATOM   199 C CZ  . ARG A 1 29  ? -4.721  -11.476 7.961   1.00 50.50  ? 29  ARG A CZ  1 
ATOM   200 N NH1 . ARG A 1 29  ? -4.356  -12.573 8.605   1.00 58.94  ? 29  ARG A NH1 1 
ATOM   201 N NH2 . ARG A 1 29  ? -4.471  -10.312 8.517   1.00 48.41  ? 29  ARG A NH2 1 
ATOM   202 N N   . LYS A 1 30  ? -7.902  -10.062 2.490   1.00 50.37  ? 30  LYS A N   1 
ATOM   203 C CA  . LYS A 1 30  ? -9.054  -9.222  2.643   1.00 50.56  ? 30  LYS A CA  1 
ATOM   204 C C   . LYS A 1 30  ? -10.005 -9.264  1.420   1.00 58.07  ? 30  LYS A C   1 
ATOM   205 O O   . LYS A 1 30  ? -11.153 -8.861  1.487   1.00 57.47  ? 30  LYS A O   1 
ATOM   206 C CB  . LYS A 1 30  ? -8.531  -7.847  2.862   1.00 56.04  ? 30  LYS A CB  1 
ATOM   207 C CG  . LYS A 1 30  ? -9.573  -6.812  3.110   1.00 48.98  ? 30  LYS A CG  1 
ATOM   208 C CD  . LYS A 1 30  ? -10.572 -7.212  4.125   1.00 42.67  ? 30  LYS A CD  1 
ATOM   209 C CE  . LYS A 1 30  ? -11.253 -5.918  4.532   1.00 44.77  ? 30  LYS A CE  1 
ATOM   210 N NZ  . LYS A 1 30  ? -12.299 -6.282  5.501   1.00 50.77  ? 30  LYS A NZ  1 
ATOM   211 N N   . GLY A 1 31  ? -9.555  -9.784  0.295   1.00 57.03  ? 31  GLY A N   1 
ATOM   212 C CA  . GLY A 1 31  ? -10.464 -9.966  -0.822  1.00 58.03  ? 31  GLY A CA  1 
ATOM   213 C C   . GLY A 1 31  ? -10.217 -9.039  -1.993  1.00 56.81  ? 31  GLY A C   1 
ATOM   214 O O   . GLY A 1 31  ? -10.946 -9.038  -2.926  1.00 67.57  ? 31  GLY A O   1 
ATOM   215 N N   . TYR A 1 32  ? -9.182  -8.253  -1.952  1.00 57.34  ? 32  TYR A N   1 
ATOM   216 C CA  . TYR A 1 32  ? -8.958  -7.315  -2.982  1.00 57.20  ? 32  TYR A CA  1 
ATOM   217 C C   . TYR A 1 32  ? -8.167  -7.995  -4.076  1.00 63.56  ? 32  TYR A C   1 
ATOM   218 O O   . TYR A 1 32  ? -7.283  -8.762  -3.737  1.00 62.75  ? 32  TYR A O   1 
ATOM   219 C CB  . TYR A 1 32  ? -8.163  -6.157  -2.392  1.00 56.16  ? 32  TYR A CB  1 
ATOM   220 C CG  . TYR A 1 32  ? -8.879  -5.424  -1.280  1.00 56.92  ? 32  TYR A CG  1 
ATOM   221 C CD1 . TYR A 1 32  ? -10.262 -5.195  -1.335  1.00 60.17  ? 32  TYR A CD1 1 
ATOM   222 C CD2 . TYR A 1 32  ? -8.159  -4.860  -0.208  1.00 55.14  ? 32  TYR A CD2 1 
ATOM   223 C CE1 . TYR A 1 32  ? -10.906 -4.506  -0.333  1.00 59.66  ? 32  TYR A CE1 1 
ATOM   224 C CE2 . TYR A 1 32  ? -8.802  -4.157  0.791   1.00 48.71  ? 32  TYR A CE2 1 
ATOM   225 C CZ  . TYR A 1 32  ? -10.164 -3.987  0.726   1.00 55.34  ? 32  TYR A CZ  1 
ATOM   226 O OH  . TYR A 1 32  ? -10.829 -3.276  1.705   1.00 61.03  ? 32  TYR A OH  1 
ATOM   227 N N   . LYS A 1 33  ? -8.447  -7.660  -5.362  1.00 70.92  ? 33  LYS A N   1 
ATOM   228 C CA  . LYS A 1 33  ? -7.651  -8.119  -6.539  1.00 58.45  ? 33  LYS A CA  1 
ATOM   229 C C   . LYS A 1 33  ? -6.498  -7.245  -6.671  1.00 48.57  ? 33  LYS A C   1 
ATOM   230 O O   . LYS A 1 33  ? -6.663  -6.057  -6.614  1.00 61.27  ? 33  LYS A O   1 
ATOM   231 C CB  . LYS A 1 33  ? -8.450  -8.111  -7.844  1.00 63.83  ? 33  LYS A CB  1 
ATOM   232 N N   . LEU A 1 34  ? -5.306  -7.816  -6.809  1.00 55.23  ? 34  LEU A N   1 
ATOM   233 C CA  . LEU A 1 34  ? -4.084  -7.039  -7.181  1.00 63.17  ? 34  LEU A CA  1 
ATOM   234 C C   . LEU A 1 34  ? -4.074  -6.824  -8.712  1.00 72.95  ? 34  LEU A C   1 
ATOM   235 O O   . LEU A 1 34  ? -4.068  -7.792  -9.489  1.00 65.22  ? 34  LEU A O   1 
ATOM   236 C CB  . LEU A 1 34  ? -2.852  -7.822  -6.851  1.00 56.45  ? 34  LEU A CB  1 
ATOM   237 C CG  . LEU A 1 34  ? -1.541  -7.172  -7.248  1.00 58.51  ? 34  LEU A CG  1 
ATOM   238 C CD1 . LEU A 1 34  ? -1.131  -5.973  -6.414  1.00 60.10  ? 34  LEU A CD1 1 
ATOM   239 C CD2 . LEU A 1 34  ? -0.466  -8.221  -7.100  1.00 57.95  ? 34  LEU A CD2 1 
ATOM   240 N N   . VAL A 1 35  ? -4.068  -5.572  -9.148  1.00 70.91  ? 35  VAL A N   1 
ATOM   241 C CA  . VAL A 1 35  ? -4.284  -5.264  -10.574 1.00 57.87  ? 35  VAL A CA  1 
ATOM   242 C C   . VAL A 1 35  ? -3.054  -4.652  -11.200 1.00 61.64  ? 35  VAL A C   1 
ATOM   243 O O   . VAL A 1 35  ? -2.982  -4.521  -12.406 1.00 67.61  ? 35  VAL A O   1 
ATOM   244 C CB  . VAL A 1 35  ? -5.495  -4.369  -10.803 1.00 62.24  ? 35  VAL A CB  1 
ATOM   245 C CG1 . VAL A 1 35  ? -6.781  -5.126  -10.509 1.00 66.51  ? 35  VAL A CG1 1 
ATOM   246 C CG2 . VAL A 1 35  ? -5.414  -3.094  -9.992  1.00 59.94  ? 35  VAL A CG2 1 
ATOM   247 N N   . ALA A 1 36  ? -2.061  -4.325  -10.387 1.00 56.42  ? 36  ALA A N   1 
ATOM   248 C CA  . ALA A 1 36  ? -0.783  -3.963  -10.920 1.00 54.01  ? 36  ALA A CA  1 
ATOM   249 C C   . ALA A 1 36  ? 0.170   -4.049  -9.797  1.00 53.18  ? 36  ALA A C   1 
ATOM   250 O O   . ALA A 1 36  ? -0.232  -3.873  -8.668  1.00 64.87  ? 36  ALA A O   1 
ATOM   251 C CB  . ALA A 1 36  ? -0.817  -2.519  -11.375 1.00 64.63  ? 36  ALA A CB  1 
ATOM   252 N N   . LEU A 1 37  ? 1.451   -4.146  -10.117 1.00 56.24  ? 37  LEU A N   1 
ATOM   253 C CA  . LEU A 1 37  ? 2.500   -4.182  -9.128  1.00 54.54  ? 37  LEU A CA  1 
ATOM   254 C C   . LEU A 1 37  ? 3.820   -4.137  -9.781  1.00 49.18  ? 37  LEU A C   1 
ATOM   255 O O   . LEU A 1 37  ? 4.001   -4.824  -10.748 1.00 59.35  ? 37  LEU A O   1 
ATOM   256 C CB  . LEU A 1 37  ? 2.471   -5.572  -8.437  1.00 69.63  ? 37  LEU A CB  1 
ATOM   257 C CG  . LEU A 1 37  ? 3.741   -6.095  -7.729  1.00 59.63  ? 37  LEU A CG  1 
ATOM   258 C CD1 . LEU A 1 37  ? 3.874   -5.478  -6.359  1.00 65.13  ? 37  LEU A CD1 1 
ATOM   259 C CD2 . LEU A 1 37  ? 3.696   -7.600  -7.620  1.00 66.22  ? 37  LEU A CD2 1 
ATOM   260 N N   . LYS A 1 38  ? 4.775   -3.431  -9.198  1.00 49.18  ? 38  LYS A N   1 
ATOM   261 C CA  . LYS A 1 38  ? 6.120   -3.461  -9.682  1.00 55.63  ? 38  LYS A CA  1 
ATOM   262 C C   . LYS A 1 38  ? 6.963   -2.841  -8.624  1.00 61.28  ? 38  LYS A C   1 
ATOM   263 O O   . LYS A 1 38  ? 6.458   -2.140  -7.760  1.00 74.28  ? 38  LYS A O   1 
ATOM   264 C CB  . LYS A 1 38  ? 6.282   -2.696  -11.000 1.00 73.89  ? 38  LYS A CB  1 
ATOM   265 C CG  . LYS A 1 38  ? 5.641   -1.310  -11.038 1.00 89.42  ? 38  LYS A CG  1 
ATOM   266 C CD  . LYS A 1 38  ? 6.359   -0.287  -11.933 1.00 94.43  ? 38  LYS A CD  1 
ATOM   267 C CE  . LYS A 1 38  ? 5.392   0.733   -12.555 1.00 103.04 ? 38  LYS A CE  1 
ATOM   268 N NZ  . LYS A 1 38  ? 5.629   1.025   -14.018 1.00 102.44 ? 38  LYS A NZ  1 
ATOM   269 N N   . MET A 1 39  ? 8.250   -3.124  -8.701  1.00 57.46  ? 39  MET A N   1 
ATOM   270 C CA  . MET A 1 39  ? 9.248   -2.585  -7.816  1.00 61.38  ? 39  MET A CA  1 
ATOM   271 C C   . MET A 1 39  ? 10.058  -1.581  -8.634  1.00 74.51  ? 39  MET A C   1 
ATOM   272 O O   . MET A 1 39  ? 10.229  -1.799  -9.802  1.00 76.19  ? 39  MET A O   1 
ATOM   273 C CB  . MET A 1 39  ? 10.178  -3.706  -7.409  1.00 56.91  ? 39  MET A CB  1 
ATOM   274 C CG  . MET A 1 39  ? 11.354  -3.243  -6.591  1.00 59.90  ? 39  MET A CG  1 
ATOM   275 S SD  . MET A 1 39  ? 12.257  -4.691  -6.130  1.00 65.58  ? 39  MET A SD  1 
ATOM   276 C CE  . MET A 1 39  ? 13.482  -4.165  -4.946  1.00 62.25  ? 39  MET A CE  1 
ATOM   277 N N   . LEU A 1 40  ? 10.558  -0.509  -8.017  1.00 84.91  ? 40  LEU A N   1 
ATOM   278 C CA  . LEU A 1 40  ? 11.239  0.584   -8.703  1.00 70.39  ? 40  LEU A CA  1 
ATOM   279 C C   . LEU A 1 40  ? 12.515  0.830   -8.008  1.00 77.21  ? 40  LEU A C   1 
ATOM   280 O O   . LEU A 1 40  ? 12.533  0.929   -6.785  1.00 79.07  ? 40  LEU A O   1 
ATOM   281 C CB  . LEU A 1 40  ? 10.466  1.886   -8.577  1.00 71.44  ? 40  LEU A CB  1 
ATOM   282 C CG  . LEU A 1 40  ? 9.149   2.043   -9.333  1.00 77.34  ? 40  LEU A CG  1 
ATOM   283 C CD1 . LEU A 1 40  ? 8.630   3.460   -9.113  1.00 75.67  ? 40  LEU A CD1 1 
ATOM   284 C CD2 . LEU A 1 40  ? 9.292   1.774   -10.807 1.00 73.43  ? 40  LEU A CD2 1 
ATOM   285 N N   . GLN A 1 41  ? 13.571  1.055   -8.780  1.00 91.37  ? 41  GLN A N   1 
ATOM   286 C CA  . GLN A 1 41  ? 14.886  1.228   -8.197  1.00 92.67  ? 41  GLN A CA  1 
ATOM   287 C C   . GLN A 1 41  ? 15.270  2.716   -8.138  1.00 103.11 ? 41  GLN A C   1 
ATOM   288 O O   . GLN A 1 41  ? 14.838  3.507   -9.003  1.00 94.16  ? 41  GLN A O   1 
ATOM   289 C CB  . GLN A 1 41  ? 15.923  0.429   -9.001  1.00 96.35  ? 41  GLN A CB  1 
ATOM   290 C CG  . GLN A 1 41  ? 15.501  -0.986  -9.438  1.00 98.23  ? 41  GLN A CG  1 
ATOM   291 C CD  . GLN A 1 41  ? 15.360  -2.042  -8.315  1.00 90.14  ? 41  GLN A CD  1 
ATOM   292 O OE1 . GLN A 1 41  ? 15.893  -1.908  -7.201  1.00 75.93  ? 41  GLN A OE1 1 
ATOM   293 N NE2 . GLN A 1 41  ? 14.612  -3.099  -8.619  1.00 91.18  ? 41  GLN A NE2 1 
ATOM   294 N N   . PRO A 1 42  ? 16.110  3.090   -7.144  1.00 105.87 ? 42  PRO A N   1 
ATOM   295 C CA  . PRO A 1 42  ? 16.557  4.484   -7.009  1.00 119.26 ? 42  PRO A CA  1 
ATOM   296 C C   . PRO A 1 42  ? 17.309  4.999   -8.263  1.00 120.44 ? 42  PRO A C   1 
ATOM   297 O O   . PRO A 1 42  ? 17.790  4.188   -9.072  1.00 111.10 ? 42  PRO A O   1 
ATOM   298 C CB  . PRO A 1 42  ? 17.508  4.442   -5.778  1.00 117.51 ? 42  PRO A CB  1 
ATOM   299 C CG  . PRO A 1 42  ? 17.532  3.028   -5.274  1.00 94.14  ? 42  PRO A CG  1 
ATOM   300 C CD  . PRO A 1 42  ? 16.966  2.170   -6.359  1.00 93.18  ? 42  PRO A CD  1 
ATOM   301 N N   . SER A 1 69  ? 14.752  7.809   -3.306  1.00 117.63 ? 69  SER A N   1 
ATOM   302 C CA  . SER A 1 69  ? 15.815  6.851   -2.994  1.00 132.22 ? 69  SER A CA  1 
ATOM   303 C C   . SER A 1 69  ? 15.396  5.665   -2.100  1.00 134.30 ? 69  SER A C   1 
ATOM   304 O O   . SER A 1 69  ? 14.356  5.717   -1.419  1.00 107.81 ? 69  SER A O   1 
ATOM   305 C CB  . SER A 1 69  ? 17.014  7.543   -2.345  1.00 127.67 ? 69  SER A CB  1 
ATOM   306 O OG  . SER A 1 69  ? 18.025  6.582   -2.065  1.00 116.97 ? 69  SER A OG  1 
ATOM   307 N N   . GLY A 1 70  ? 16.253  4.623   -2.097  1.00 124.23 ? 70  GLY A N   1 
ATOM   308 C CA  . GLY A 1 70  ? 15.899  3.264   -1.661  1.00 91.51  ? 70  GLY A CA  1 
ATOM   309 C C   . GLY A 1 70  ? 14.888  2.716   -2.669  1.00 85.44  ? 70  GLY A C   1 
ATOM   310 O O   . GLY A 1 70  ? 14.167  3.491   -3.318  1.00 107.40 ? 70  GLY A O   1 
ATOM   311 N N   . PRO A 1 71  ? 14.844  1.400   -2.870  1.00 74.22  ? 71  PRO A N   1 
ATOM   312 C CA  . PRO A 1 71  ? 13.817  0.836   -3.825  1.00 68.46  ? 71  PRO A CA  1 
ATOM   313 C C   . PRO A 1 71  ? 12.426  0.808   -3.215  1.00 69.24  ? 71  PRO A C   1 
ATOM   314 O O   . PRO A 1 71  ? 12.310  0.752   -1.990  1.00 71.67  ? 71  PRO A O   1 
ATOM   315 C CB  . PRO A 1 71  ? 14.264  -0.617  -4.039  1.00 74.47  ? 71  PRO A CB  1 
ATOM   316 C CG  . PRO A 1 71  ? 15.277  -0.892  -2.941  1.00 81.91  ? 71  PRO A CG  1 
ATOM   317 C CD  . PRO A 1 71  ? 15.855  0.416   -2.455  1.00 74.31  ? 71  PRO A CD  1 
ATOM   318 N N   . ILE A 1 72  ? 11.393  0.807   -4.035  1.00 59.89  ? 72  ILE A N   1 
ATOM   319 C CA  . ILE A 1 72  ? 10.054  0.793   -3.520  1.00 66.87  ? 72  ILE A CA  1 
ATOM   320 C C   . ILE A 1 72  ? 9.140   -0.086  -4.338  1.00 70.39  ? 72  ILE A C   1 
ATOM   321 O O   . ILE A 1 72  ? 9.393   -0.318  -5.505  1.00 79.92  ? 72  ILE A O   1 
ATOM   322 C CB  . ILE A 1 72  ? 9.434   2.225   -3.379  1.00 77.16  ? 72  ILE A CB  1 
ATOM   323 C CG1 . ILE A 1 72  ? 9.013   2.836   -4.709  1.00 81.50  ? 72  ILE A CG1 1 
ATOM   324 C CG2 . ILE A 1 72  ? 10.386  3.186   -2.681  1.00 91.62  ? 72  ILE A CG2 1 
ATOM   325 C CD1 . ILE A 1 72  ? 7.608   2.509   -5.144  1.00 82.82  ? 72  ILE A CD1 1 
ATOM   326 N N   . VAL A 1 73  ? 8.017   -0.493  -3.743  1.00 61.64  ? 73  VAL A N   1 
ATOM   327 C CA  . VAL A 1 73  ? 7.124   -1.421  -4.389  1.00 57.08  ? 73  VAL A CA  1 
ATOM   328 C C   . VAL A 1 73  ? 5.758   -0.812  -4.494  1.00 57.03  ? 73  VAL A C   1 
ATOM   329 O O   . VAL A 1 73  ? 5.175   -0.457  -3.502  1.00 77.79  ? 73  VAL A O   1 
ATOM   330 C CB  . VAL A 1 73  ? 7.056   -2.762  -3.592  1.00 60.15  ? 73  VAL A CB  1 
ATOM   331 C CG1 . VAL A 1 73  ? 6.091   -3.757  -4.218  1.00 49.83  ? 73  VAL A CG1 1 
ATOM   332 C CG2 . VAL A 1 73  ? 8.453   -3.352  -3.411  1.00 58.06  ? 73  VAL A CG2 1 
ATOM   333 N N   . CYS A 1 74  ? 5.218   -0.779  -5.689  1.00 49.75  ? 74  CYS A N   1 
ATOM   334 C CA  . CYS A 1 74  ? 4.062   0.025   -5.977  1.00 59.86  ? 74  CYS A CA  1 
ATOM   335 C C   . CYS A 1 74  ? 3.134   -1.026  -6.290  1.00 56.46  ? 74  CYS A C   1 
ATOM   336 O O   . CYS A 1 74  ? 3.573   -1.999  -6.848  1.00 54.52  ? 74  CYS A O   1 
ATOM   337 C CB  . CYS A 1 74  ? 4.281   0.908   -7.251  1.00 65.39  ? 74  CYS A CB  1 
ATOM   338 S SG  . CYS A 1 74  ? 5.551   2.142   -6.867  1.00 76.58  ? 74  CYS A SG  1 
ATOM   339 N N   . MET A 1 75  ? 1.855   -0.819  -5.994  1.00 57.05  ? 75  MET A N   1 
ATOM   340 C CA  . MET A 1 75  ? 0.849   -1.821  -6.215  1.00 54.58  ? 75  MET A CA  1 
ATOM   341 C C   . MET A 1 75  ? -0.424  -1.068  -6.458  1.00 53.38  ? 75  MET A C   1 
ATOM   342 O O   . MET A 1 75  ? -0.542  0.082   -6.057  1.00 59.30  ? 75  MET A O   1 
ATOM   343 C CB  . MET A 1 75  ? 0.680   -2.662  -4.912  1.00 63.06  ? 75  MET A CB  1 
ATOM   344 C CG  . MET A 1 75  ? 1.986   -3.093  -4.196  1.00 63.77  ? 75  MET A CG  1 
ATOM   345 S SD  . MET A 1 75  ? 1.961   -3.839  -2.550  1.00 63.71  ? 75  MET A SD  1 
ATOM   346 C CE  . MET A 1 75  ? 0.439   -4.659  -2.747  1.00 51.62  ? 75  MET A CE  1 
ATOM   347 N N   . VAL A 1 76  ? -1.405  -1.747  -7.015  1.00 48.29  ? 76  VAL A N   1 
ATOM   348 C CA  . VAL A 1 76  ? -2.699  -1.198  -7.148  1.00 51.73  ? 76  VAL A CA  1 
ATOM   349 C C   . VAL A 1 76  ? -3.605  -2.342  -6.864  1.00 54.89  ? 76  VAL A C   1 
ATOM   350 O O   . VAL A 1 76  ? -3.438  -3.413  -7.427  1.00 67.25  ? 76  VAL A O   1 
ATOM   351 C CB  . VAL A 1 76  ? -3.033  -0.713  -8.629  1.00 59.50  ? 76  VAL A CB  1 
ATOM   352 C CG1 . VAL A 1 76  ? -4.487  -0.252  -8.796  1.00 57.73  ? 76  VAL A CG1 1 
ATOM   353 C CG2 . VAL A 1 76  ? -2.167  0.439   -9.050  1.00 52.90  ? 76  VAL A CG2 1 
ATOM   354 N N   . TRP A 1 77  ? -4.619  -2.074  -6.046  1.00 57.54  ? 77  TRP A N   1 
ATOM   355 C CA  . TRP A 1 77  ? -5.590  -3.050  -5.628  1.00 49.42  ? 77  TRP A CA  1 
ATOM   356 C C   . TRP A 1 77  ? -6.965  -2.525  -5.942  1.00 57.45  ? 77  TRP A C   1 
ATOM   357 O O   . TRP A 1 77  ? -7.201  -1.328  -5.841  1.00 65.34  ? 77  TRP A O   1 
ATOM   358 C CB  . TRP A 1 77  ? -5.517  -3.173  -4.079  1.00 51.40  ? 77  TRP A CB  1 
ATOM   359 C CG  . TRP A 1 77  ? -4.313  -3.776  -3.624  1.00 44.39  ? 77  TRP A CG  1 
ATOM   360 C CD1 . TRP A 1 77  ? -3.167  -3.138  -3.291  1.00 42.59  ? 77  TRP A CD1 1 
ATOM   361 C CD2 . TRP A 1 77  ? -4.047  -5.162  -3.581  1.00 40.11  ? 77  TRP A CD2 1 
ATOM   362 N NE1 . TRP A 1 77  ? -2.232  -4.037  -2.981  1.00 40.18  ? 77  TRP A NE1 1 
ATOM   363 C CE2 . TRP A 1 77  ? -2.742  -5.304  -3.126  1.00 37.86  ? 77  TRP A CE2 1 
ATOM   364 C CE3 . TRP A 1 77  ? -4.815  -6.311  -3.856  1.00 49.39  ? 77  TRP A CE3 1 
ATOM   365 C CZ2 . TRP A 1 77  ? -2.148  -6.550  -2.942  1.00 39.02  ? 77  TRP A CZ2 1 
ATOM   366 C CZ3 . TRP A 1 77  ? -4.237  -7.562  -3.642  1.00 43.38  ? 77  TRP A CZ3 1 
ATOM   367 C CH2 . TRP A 1 77  ? -2.899  -7.658  -3.231  1.00 41.46  ? 77  TRP A CH2 1 
ATOM   368 N N   . GLU A 1 78  ? -7.878  -3.434  -6.192  1.00 54.76  ? 78  GLU A N   1 
ATOM   369 C CA  . GLU A 1 78  ? -9.158  -3.132  -6.627  1.00 63.42  ? 78  GLU A CA  1 
ATOM   370 C C   . GLU A 1 78  ? -10.169 -3.891  -5.777  1.00 59.83  ? 78  GLU A C   1 
ATOM   371 O O   . GLU A 1 78  ? -10.027 -5.076  -5.584  1.00 64.21  ? 78  GLU A O   1 
ATOM   372 C CB  . GLU A 1 78  ? -9.265  -3.587  -8.087  1.00 74.43  ? 78  GLU A CB  1 
ATOM   373 C CG  . GLU A 1 78  ? -10.680 -3.446  -8.693  1.00 79.66  ? 78  GLU A CG  1 
ATOM   374 C CD  . GLU A 1 78  ? -10.755 -3.938  -10.118 0.89 71.94  ? 78  GLU A CD  1 
ATOM   375 O OE1 . GLU A 1 78  ? -10.187 -3.287  -11.014 0.79 63.97  ? 78  GLU A OE1 1 
ATOM   376 O OE2 . GLU A 1 78  ? -11.356 -4.997  -10.314 0.97 79.02  ? 78  GLU A OE2 1 
ATOM   377 N N   . GLY A 1 79  ? -11.221 -3.206  -5.341  1.00 62.26  ? 79  GLY A N   1 
ATOM   378 C CA  . GLY A 1 79  ? -12.361 -3.848  -4.676  1.00 61.06  ? 79  GLY A CA  1 
ATOM   379 C C   . GLY A 1 79  ? -13.355 -2.849  -4.075  1.00 63.78  ? 79  GLY A C   1 
ATOM   380 O O   . GLY A 1 79  ? -13.061 -1.639  -3.955  1.00 62.51  ? 79  GLY A O   1 
ATOM   381 N N   . LYS A 1 80  ? -14.551 -3.359  -3.760  1.00 61.68  ? 80  LYS A N   1 
ATOM   382 C CA  . LYS A 1 80  ? -15.560 -2.592  -3.043  1.00 75.22  ? 80  LYS A CA  1 
ATOM   383 C C   . LYS A 1 80  ? -14.852 -1.916  -1.886  1.00 71.94  ? 80  LYS A C   1 
ATOM   384 O O   . LYS A 1 80  ? -14.376 -2.540  -0.962  1.00 86.41  ? 80  LYS A O   1 
ATOM   385 C CB  . LYS A 1 80  ? -16.756 -3.455  -2.551  1.00 72.31  ? 80  LYS A CB  1 
ATOM   386 N N   . ASN A 1 81  ? -14.723 -0.619  -1.994  1.00 77.06  ? 81  ASN A N   1 
ATOM   387 C CA  . ASN A 1 81  ? -14.368 0.160   -0.863  1.00 70.56  ? 81  ASN A CA  1 
ATOM   388 C C   . ASN A 1 81  ? -12.941 0.004   -0.496  1.00 65.76  ? 81  ASN A C   1 
ATOM   389 O O   . ASN A 1 81  ? -12.592 0.086   0.633   1.00 63.19  ? 81  ASN A O   1 
ATOM   390 C CB  . ASN A 1 81  ? -15.248 -0.269  0.276   1.00 66.37  ? 81  ASN A CB  1 
ATOM   391 C CG  . ASN A 1 81  ? -15.841 0.886   0.939   1.00 93.56  ? 81  ASN A CG  1 
ATOM   392 O OD1 . ASN A 1 81  ? -15.122 1.752   1.450   1.00 103.37 ? 81  ASN A OD1 1 
ATOM   393 N ND2 . ASN A 1 81  ? -17.172 0.974   0.879   1.00 105.64 ? 81  ASN A ND2 1 
ATOM   394 N N   . VAL A 1 82  ? -12.094 -0.127  -1.477  1.00 70.08  ? 82  VAL A N   1 
ATOM   395 C CA  . VAL A 1 82  ? -10.760 -0.547  -1.210  1.00 65.78  ? 82  VAL A CA  1 
ATOM   396 C C   . VAL A 1 82  ? -9.899  0.593   -0.741  1.00 58.02  ? 82  VAL A C   1 
ATOM   397 O O   . VAL A 1 82  ? -8.791  0.380   -0.207  1.00 63.45  ? 82  VAL A O   1 
ATOM   398 C CB  . VAL A 1 82  ? -10.152 -1.294  -2.416  1.00 75.57  ? 82  VAL A CB  1 
ATOM   399 C CG1 . VAL A 1 82  ? -10.049 -0.387  -3.624  1.00 73.97  ? 82  VAL A CG1 1 
ATOM   400 C CG2 . VAL A 1 82  ? -8.778  -1.860  -2.082  1.00 69.34  ? 82  VAL A CG2 1 
ATOM   401 N N   . VAL A 1 83  ? -10.349 1.805   -0.908  1.00 59.08  ? 83  VAL A N   1 
ATOM   402 C CA  . VAL A 1 83  ? -9.454  2.911   -0.539  1.00 64.71  ? 83  VAL A CA  1 
ATOM   403 C C   . VAL A 1 83  ? -9.493  3.114   0.952   1.00 58.69  ? 83  VAL A C   1 
ATOM   404 O O   . VAL A 1 83  ? -8.468  3.369   1.577   1.00 58.33  ? 83  VAL A O   1 
ATOM   405 C CB  . VAL A 1 83  ? -9.853  4.240   -1.207  1.00 66.50  ? 83  VAL A CB  1 
ATOM   406 C CG1 . VAL A 1 83  ? -8.870  5.332   -0.770  1.00 60.17  ? 83  VAL A CG1 1 
ATOM   407 C CG2 . VAL A 1 83  ? -9.854  4.078   -2.731  1.00 68.50  ? 83  VAL A CG2 1 
ATOM   408 N N   . LYS A 1 84  ? -10.699 3.007   1.505   1.00 52.22  ? 84  LYS A N   1 
ATOM   409 C CA  . LYS A 1 84  ? -10.880 3.147   2.921   1.00 60.02  ? 84  LYS A CA  1 
ATOM   410 C C   . LYS A 1 84  ? -10.386 1.830   3.495   1.00 59.58  ? 84  LYS A C   1 
ATOM   411 O O   . LYS A 1 84  ? -9.659  1.838   4.473   1.00 56.16  ? 84  LYS A O   1 
ATOM   412 C CB  . LYS A 1 84  ? -12.360 3.439   3.301   1.00 56.30  ? 84  LYS A CB  1 
ATOM   413 N N   . GLY A 1 85  ? -10.769 0.722   2.847   1.00 55.06  ? 85  GLY A N   1 
ATOM   414 C CA  . GLY A 1 85  ? -10.302 -0.641  3.176   1.00 50.29  ? 85  GLY A CA  1 
ATOM   415 C C   . GLY A 1 85  ? -8.798  -0.753  3.354   1.00 54.41  ? 85  GLY A C   1 
ATOM   416 O O   . GLY A 1 85  ? -8.302  -1.268  4.362   1.00 53.60  ? 85  GLY A O   1 
ATOM   417 N N   . GLY A 1 86  ? -8.068  -0.180  2.413   1.00 50.70  ? 86  GLY A N   1 
ATOM   418 C CA  . GLY A 1 86  ? -6.645  -0.312  2.383   1.00 49.30  ? 86  GLY A CA  1 
ATOM   419 C C   . GLY A 1 86  ? -6.004  0.458   3.462   1.00 54.15  ? 86  GLY A C   1 
ATOM   420 O O   . GLY A 1 86  ? -5.018  0.035   4.021   1.00 61.78  ? 86  GLY A O   1 
ATOM   421 N N   . ARG A 1 87  ? -6.552  1.617   3.765   1.00 59.81  ? 87  ARG A N   1 
ATOM   422 C CA  A ARG A 1 87  ? -5.986  2.449   4.837   0.55 61.70  ? 87  ARG A CA  1 
ATOM   423 C CA  B ARG A 1 87  ? -5.970  2.430   4.840   0.45 59.32  ? 87  ARG A CA  1 
ATOM   424 C C   . ARG A 1 87  ? -6.181  1.808   6.210   1.00 47.83  ? 87  ARG A C   1 
ATOM   425 O O   . ARG A 1 87  ? -5.346  1.882   7.077   1.00 50.11  ? 87  ARG A O   1 
ATOM   426 C CB  A ARG A 1 87  ? -6.560  3.881   4.782   0.55 68.23  ? 87  ARG A CB  1 
ATOM   427 C CB  B ARG A 1 87  ? -6.479  3.870   4.780   0.45 63.51  ? 87  ARG A CB  1 
ATOM   428 C CG  A ARG A 1 87  ? -5.538  4.922   4.350   0.55 75.68  ? 87  ARG A CG  1 
ATOM   429 C CG  B ARG A 1 87  ? -5.465  4.773   4.114   0.45 67.49  ? 87  ARG A CG  1 
ATOM   430 C CD  A ARG A 1 87  ? -6.159  6.314   4.242   0.55 82.39  ? 87  ARG A CD  1 
ATOM   431 C CD  B ARG A 1 87  ? -6.062  6.122   3.794   0.45 70.43  ? 87  ARG A CD  1 
ATOM   432 N NE  A ARG A 1 87  ? -5.436  7.335   5.026   0.55 77.98  ? 87  ARG A NE  1 
ATOM   433 N NE  B ARG A 1 87  ? -6.388  6.884   4.994   0.45 72.61  ? 87  ARG A NE  1 
ATOM   434 C CZ  A ARG A 1 87  ? -4.239  7.830   4.728   0.55 71.60  ? 87  ARG A CZ  1 
ATOM   435 C CZ  B ARG A 1 87  ? -7.612  7.255   5.332   0.45 60.09  ? 87  ARG A CZ  1 
ATOM   436 N NH1 A ARG A 1 87  ? -3.583  7.431   3.652   0.55 77.54  ? 87  ARG A NH1 1 
ATOM   437 N NH1 B ARG A 1 87  ? -8.656  6.960   4.548   0.45 52.45  ? 87  ARG A NH1 1 
ATOM   438 N NH2 A ARG A 1 87  ? -3.694  8.746   5.513   0.55 80.14  ? 87  ARG A NH2 1 
ATOM   439 N NH2 B ARG A 1 87  ? -7.762  7.935   6.453   0.45 55.94  ? 87  ARG A NH2 1 
ATOM   440 N N   . MET A 1 88  ? -7.305  1.192   6.381   1.00 43.49  ? 88  MET A N   1 
ATOM   441 C CA  . MET A 1 88  ? -7.556  0.404   7.540   1.00 49.53  ? 88  MET A CA  1 
ATOM   442 C C   . MET A 1 88  ? -6.600  -0.793  7.682   1.00 48.47  ? 88  MET A C   1 
ATOM   443 O O   . MET A 1 88  ? -6.163  -0.988  8.754   1.00 48.97  ? 88  MET A O   1 
ATOM   444 C CB  . MET A 1 88  ? -9.003  -0.053  7.556   1.00 51.23  ? 88  MET A CB  1 
ATOM   445 C CG  . MET A 1 88  ? -9.959  1.099   7.833   1.00 54.62  ? 88  MET A CG  1 
ATOM   446 S SD  . MET A 1 88  ? -11.625 0.539   7.622   1.00 67.13  ? 88  MET A SD  1 
ATOM   447 C CE  . MET A 1 88  ? -11.703 -0.638  8.978   1.00 84.84  ? 88  MET A CE  1 
ATOM   448 N N   . LEU A 1 89  ? -6.285  -1.556  6.623   1.00 43.22  ? 89  LEU A N   1 
ATOM   449 C CA  . LEU A 1 89  ? -5.278  -2.606  6.733   1.00 44.26  ? 89  LEU A CA  1 
ATOM   450 C C   . LEU A 1 89  ? -3.956  -2.058  7.152   1.00 41.63  ? 89  LEU A C   1 
ATOM   451 O O   . LEU A 1 89  ? -3.259  -2.696  7.940   1.00 44.26  ? 89  LEU A O   1 
ATOM   452 C CB  . LEU A 1 89  ? -5.059  -3.376  5.448   1.00 42.82  ? 89  LEU A CB  1 
ATOM   453 C CG  . LEU A 1 89  ? -6.308  -4.046  4.910   1.00 42.24  ? 89  LEU A CG  1 
ATOM   454 C CD1 . LEU A 1 89  ? -5.929  -4.809  3.689   1.00 39.70  ? 89  LEU A CD1 1 
ATOM   455 C CD2 . LEU A 1 89  ? -6.921  -4.980  5.917   1.00 42.73  ? 89  LEU A CD2 1 
ATOM   456 N N   . LEU A 1 90  ? -3.624  -0.877  6.668   1.00 44.78  ? 90  LEU A N   1 
ATOM   457 C CA  . LEU A 1 90  ? -2.324  -0.258  6.986   1.00 46.64  ? 90  LEU A CA  1 
ATOM   458 C C   . LEU A 1 90  ? -2.232  0.250   8.379   1.00 44.63  ? 90  LEU A C   1 
ATOM   459 O O   . LEU A 1 90  ? -1.169  0.196   8.963   1.00 44.99  ? 90  LEU A O   1 
ATOM   460 C CB  . LEU A 1 90  ? -1.997  0.871   6.036   1.00 51.81  ? 90  LEU A CB  1 
ATOM   461 C CG  . LEU A 1 90  ? -1.922  0.471   4.543   1.00 54.52  ? 90  LEU A CG  1 
ATOM   462 C CD1 . LEU A 1 90  ? -1.506  1.681   3.753   1.00 59.41  ? 90  LEU A CD1 1 
ATOM   463 C CD2 . LEU A 1 90  ? -0.957  -0.669  4.253   1.00 52.71  ? 90  LEU A CD2 1 
ATOM   464 N N   . GLY A 1 91  ? -3.361  0.665   8.949   1.00 47.95  ? 91  GLY A N   1 
ATOM   465 C CA  . GLY A 1 91  ? -3.336  1.268   10.257  1.00 52.35  ? 91  GLY A CA  1 
ATOM   466 C C   . GLY A 1 91  ? -3.031  2.783   10.217  1.00 61.39  ? 91  GLY A C   1 
ATOM   467 O O   . GLY A 1 91  ? -2.794  3.354   9.169   1.00 59.98  ? 91  GLY A O   1 
ATOM   468 N N   . ALA A 1 92  ? -3.088  3.430   11.382  1.00 57.35  ? 92  ALA A N   1 
ATOM   469 C CA  . ALA A 1 92  ? -2.928  4.864   11.472  1.00 52.53  ? 92  ALA A CA  1 
ATOM   470 C C   . ALA A 1 92  ? -1.547  5.207   11.016  1.00 61.48  ? 92  ALA A C   1 
ATOM   471 O O   . ALA A 1 92  ? -0.612  4.476   11.373  1.00 55.98  ? 92  ALA A O   1 
ATOM   472 C CB  . ALA A 1 92  ? -3.090  5.330   12.899  1.00 48.93  ? 92  ALA A CB  1 
ATOM   473 N N   . THR A 1 93  ? -1.455  6.343   10.299  1.00 73.34  ? 93  THR A N   1 
ATOM   474 C CA  . THR A 1 93  ? -0.227  6.928   9.733   1.00 74.80  ? 93  THR A CA  1 
ATOM   475 C C   . THR A 1 93  ? 0.828   7.112   10.775  1.00 75.14  ? 93  THR A C   1 
ATOM   476 O O   . THR A 1 93  ? 1.990   6.851   10.529  1.00 75.03  ? 93  THR A O   1 
ATOM   477 C CB  . THR A 1 93  ? -0.519  8.330   9.142   1.00 83.95  ? 93  THR A CB  1 
ATOM   478 O OG1 . THR A 1 93  ? -1.940  8.572   9.139   1.00 91.81  ? 93  THR A OG1 1 
ATOM   479 C CG2 . THR A 1 93  ? 0.033   8.443   7.716   1.00 81.78  ? 93  THR A CG2 1 
ATOM   480 N N   . ASN A 1 94  ? 0.408   7.576   11.939  1.00 78.74  ? 94  ASN A N   1 
ATOM   481 C CA  . ASN A 1 94  ? 1.316   7.752   13.036  1.00 84.70  ? 94  ASN A CA  1 
ATOM   482 C C   . ASN A 1 94  ? 1.560   6.473   13.811  1.00 86.03  ? 94  ASN A C   1 
ATOM   483 O O   . ASN A 1 94  ? 0.860   6.238   14.802  1.00 90.87  ? 94  ASN A O   1 
ATOM   484 C CB  . ASN A 1 94  ? 0.724   8.789   13.979  1.00 93.39  ? 94  ASN A CB  1 
ATOM   485 C CG  . ASN A 1 94  ? 1.563   8.968   15.220  1.00 98.10  ? 94  ASN A CG  1 
ATOM   486 O OD1 . ASN A 1 94  ? 2.762   8.635   15.236  1.00 93.05  ? 94  ASN A OD1 1 
ATOM   487 N ND2 . ASN A 1 94  ? 0.937   9.459   16.280  1.00 95.04  ? 94  ASN A ND2 1 
ATOM   488 N N   . PRO A 1 95  ? 2.581   5.668   13.437  1.00 102.73 ? 95  PRO A N   1 
ATOM   489 C CA  . PRO A 1 95  ? 2.838   4.353   14.109  1.00 100.82 ? 95  PRO A CA  1 
ATOM   490 C C   . PRO A 1 95  ? 2.756   4.295   15.616  1.00 99.35  ? 95  PRO A C   1 
ATOM   491 O O   . PRO A 1 95  ? 2.524   3.210   16.149  1.00 120.71 ? 95  PRO A O   1 
ATOM   492 C CB  . PRO A 1 95  ? 4.259   4.002   13.703  1.00 100.93 ? 95  PRO A CB  1 
ATOM   493 C CG  . PRO A 1 95  ? 4.410   4.662   12.377  1.00 112.46 ? 95  PRO A CG  1 
ATOM   494 C CD  . PRO A 1 95  ? 3.487   5.842   12.292  1.00 108.72 ? 95  PRO A CD  1 
ATOM   495 N N   . ALA A 1 96  ? 2.947   5.425   16.295  1.00 90.98  ? 96  ALA A N   1 
ATOM   496 C CA  . ALA A 1 96  ? 2.661   5.500   17.723  1.00 91.84  ? 96  ALA A CA  1 
ATOM   497 C C   . ALA A 1 96  ? 1.174   5.343   18.083  1.00 86.07  ? 96  ALA A C   1 
ATOM   498 O O   . ALA A 1 96  ? 0.844   5.140   19.246  1.00 83.87  ? 96  ALA A O   1 
ATOM   499 C CB  . ALA A 1 96  ? 3.201   6.801   18.299  1.00 94.13  ? 96  ALA A CB  1 
ATOM   500 N N   . ASP A 1 97  ? 0.283   5.458   17.110  1.00 79.85  ? 97  ASP A N   1 
ATOM   501 C CA  . ASP A 1 97  ? -1.155  5.250   17.349  1.00 89.82  ? 97  ASP A CA  1 
ATOM   502 C C   . ASP A 1 97  ? -1.747  4.027   16.652  1.00 79.43  ? 97  ASP A C   1 
ATOM   503 O O   . ASP A 1 97  ? -2.945  3.809   16.702  1.00 84.71  ? 97  ASP A O   1 
ATOM   504 C CB  . ASP A 1 97  ? -1.908  6.485   16.899  1.00 86.75  ? 97  ASP A CB  1 
ATOM   505 C CG  . ASP A 1 97  ? -1.418  7.702   17.571  0.53 86.98  ? 97  ASP A CG  1 
ATOM   506 O OD1 . ASP A 1 97  ? -0.970  7.559   18.731  0.92 84.14  ? 97  ASP A OD1 1 
ATOM   507 O OD2 . ASP A 1 97  ? -1.464  8.773   16.932  1.00 80.90  ? 97  ASP A OD2 1 
ATOM   508 N N   . SER A 1 98  ? -0.895  3.233   16.025  1.00 75.10  ? 98  SER A N   1 
ATOM   509 C CA  . SER A 1 98  ? -1.329  2.179   15.158  1.00 73.28  ? 98  SER A CA  1 
ATOM   510 C C   . SER A 1 98  ? -1.526  0.981   16.051  1.00 74.81  ? 98  SER A C   1 
ATOM   511 O O   . SER A 1 98  ? -0.639  0.668   16.846  1.00 83.99  ? 98  SER A O   1 
ATOM   512 C CB  . SER A 1 98  ? -0.256  1.902   14.127  1.00 69.18  ? 98  SER A CB  1 
ATOM   513 O OG  . SER A 1 98  ? -0.082  3.037   13.289  1.00 69.82  ? 98  SER A OG  1 
ATOM   514 N N   . HIS A 1 99  ? -2.677  0.329   15.917  1.00 57.87  ? 99  HIS A N   1 
ATOM   515 C CA  . HIS A 1 99  ? -2.988  -0.833  16.709  1.00 54.22  ? 99  HIS A CA  1 
ATOM   516 C C   . HIS A 1 99  ? -2.466  -2.091  16.071  1.00 50.59  ? 99  HIS A C   1 
ATOM   517 O O   . HIS A 1 99  ? -2.464  -2.243  14.829  1.00 44.84  ? 99  HIS A O   1 
ATOM   518 C CB  . HIS A 1 99  ? -4.489  -1.015  16.818  1.00 57.70  ? 99  HIS A CB  1 
ATOM   519 C CG  . HIS A 1 99  ? -5.190  0.128   17.449  1.00 63.52  ? 99  HIS A CG  1 
ATOM   520 N ND1 . HIS A 1 99  ? -6.276  0.736   16.875  1.00 64.04  ? 99  HIS A ND1 1 
ATOM   521 C CD2 . HIS A 1 99  ? -4.986  0.752   18.630  1.00 73.44  ? 99  HIS A CD2 1 
ATOM   522 C CE1 . HIS A 1 99  ? -6.717  1.689   17.671  1.00 55.71  ? 99  HIS A CE1 1 
ATOM   523 N NE2 . HIS A 1 99  ? -5.922  1.748   18.720  1.00 63.73  ? 99  HIS A NE2 1 
ATOM   524 N N   . PRO A 1 100 ? -2.113  -3.050  16.904  1.00 46.89  ? 100 PRO A N   1 
ATOM   525 C CA  . PRO A 1 100 ? -1.810  -4.412  16.443  1.00 48.68  ? 100 PRO A CA  1 
ATOM   526 C C   . PRO A 1 100 ? -2.930  -4.990  15.611  1.00 44.01  ? 100 PRO A C   1 
ATOM   527 O O   . PRO A 1 100 ? -4.095  -4.754  15.935  1.00 38.78  ? 100 PRO A O   1 
ATOM   528 C CB  . PRO A 1 100 ? -1.680  -5.181  17.757  1.00 50.20  ? 100 PRO A CB  1 
ATOM   529 C CG  . PRO A 1 100 ? -1.070  -4.134  18.652  1.00 46.45  ? 100 PRO A CG  1 
ATOM   530 C CD  . PRO A 1 100 ? -1.872  -2.911  18.334  1.00 43.82  ? 100 PRO A CD  1 
ATOM   531 N N   . GLY A 1 101 ? -2.570  -5.741  14.576  1.00 39.85  ? 101 GLY A N   1 
ATOM   532 C CA  . GLY A 1 101 ? -3.542  -6.261  13.609  1.00 40.01  ? 101 GLY A CA  1 
ATOM   533 C C   . GLY A 1 101 ? -3.432  -5.547  12.285  1.00 42.60  ? 101 GLY A C   1 
ATOM   534 O O   . GLY A 1 101 ? -3.749  -6.099  11.238  1.00 45.58  ? 101 GLY A O   1 
ATOM   535 N N   . THR A 1 102 ? -3.007  -4.298  12.332  1.00 42.58  ? 102 THR A N   1 
ATOM   536 C CA  . THR A 1 102 ? -2.708  -3.571  11.123  1.00 42.47  ? 102 THR A CA  1 
ATOM   537 C C   . THR A 1 102 ? -1.250  -3.729  10.798  1.00 41.32  ? 102 THR A C   1 
ATOM   538 O O   . THR A 1 102 ? -0.429  -4.080  11.647  1.00 39.66  ? 102 THR A O   1 
ATOM   539 C CB  . THR A 1 102 ? -2.978  -2.077  11.327  1.00 41.74  ? 102 THR A CB  1 
ATOM   540 O OG1 . THR A 1 102 ? -2.078  -1.570  12.344  1.00 46.16  ? 102 THR A OG1 1 
ATOM   541 C CG2 . THR A 1 102 ? -4.397  -1.872  11.732  1.00 35.69  ? 102 THR A CG2 1 
ATOM   542 N N   . ILE A 1 103 ? -0.920  -3.423  9.558   1.00 44.42  ? 103 ILE A N   1 
ATOM   543 C CA  . ILE A 1 103 ? 0.485   -3.428  9.168   1.00 44.11  ? 103 ILE A CA  1 
ATOM   544 C C   . ILE A 1 103 ? 1.336   -2.526  9.997   1.00 44.81  ? 103 ILE A C   1 
ATOM   545 O O   . ILE A 1 103 ? 2.384   -2.939  10.438  1.00 47.75  ? 103 ILE A O   1 
ATOM   546 C CB  . ILE A 1 103 ? 0.665   -3.060  7.696   1.00 44.56  ? 103 ILE A CB  1 
ATOM   547 C CG1 . ILE A 1 103 ? 0.354   -4.265  6.853   1.00 48.78  ? 103 ILE A CG1 1 
ATOM   548 C CG2 . ILE A 1 103 ? 2.098   -2.659  7.404   1.00 50.78  ? 103 ILE A CG2 1 
ATOM   549 C CD1 . ILE A 1 103 ? -0.880  -4.049  6.078   1.00 58.53  ? 103 ILE A CD1 1 
ATOM   550 N N   . ARG A 1 104 ? 0.961   -1.260  10.133  1.00 47.18  ? 104 ARG A N   1 
ATOM   551 C CA  . ARG A 1 104 ? 1.781   -0.356  10.964  1.00 49.18  ? 104 ARG A CA  1 
ATOM   552 C C   . ARG A 1 104 ? 1.791   -0.753  12.421  1.00 46.88  ? 104 ARG A C   1 
ATOM   553 O O   . ARG A 1 104 ? 2.804   -0.594  13.073  1.00 46.79  ? 104 ARG A O   1 
ATOM   554 C CB  . ARG A 1 104 ? 1.377   1.093   10.810  1.00 52.49  ? 104 ARG A CB  1 
ATOM   555 C CG  . ARG A 1 104 ? 1.696   1.615   9.399   1.00 59.82  ? 104 ARG A CG  1 
ATOM   556 C CD  . ARG A 1 104 ? 1.191   3.024   9.194   1.00 59.79  ? 104 ARG A CD  1 
ATOM   557 N NE  . ARG A 1 104 ? 1.375   3.506   7.836   1.00 59.05  ? 104 ARG A NE  1 
ATOM   558 C CZ  . ARG A 1 104 ? 0.430   4.041   7.066   1.00 64.90  ? 104 ARG A CZ  1 
ATOM   559 N NH1 . ARG A 1 104 ? -0.821  4.185   7.489   1.00 66.15  ? 104 ARG A NH1 1 
ATOM   560 N NH2 . ARG A 1 104 ? 0.735   4.405   5.821   1.00 63.10  ? 104 ARG A NH2 1 
ATOM   561 N N   . GLY A 1 105 ? 0.676   -1.304  12.910  1.00 47.87  ? 105 GLY A N   1 
ATOM   562 C CA  . GLY A 1 105 ? 0.625   -1.861  14.246  1.00 46.99  ? 105 GLY A CA  1 
ATOM   563 C C   . GLY A 1 105 ? 1.612   -2.984  14.515  1.00 48.39  ? 105 GLY A C   1 
ATOM   564 O O   . GLY A 1 105 ? 2.319   -2.984  15.512  1.00 42.64  ? 105 GLY A O   1 
ATOM   565 N N   . ASP A 1 106 ? 1.658   -3.921  13.590  1.00 45.60  ? 106 ASP A N   1 
ATOM   566 C CA  . ASP A 1 106 ? 2.413   -5.120  13.746  1.00 46.13  ? 106 ASP A CA  1 
ATOM   567 C C   . ASP A 1 106 ? 3.868   -4.950  13.428  1.00 44.92  ? 106 ASP A C   1 
ATOM   568 O O   . ASP A 1 106 ? 4.711   -5.641  14.033  1.00 47.24  ? 106 ASP A O   1 
ATOM   569 C CB  . ASP A 1 106 ? 1.797   -6.212  12.825  1.00 48.73  ? 106 ASP A CB  1 
ATOM   570 C CG  . ASP A 1 106 ? 0.451   -6.672  13.301  1.00 45.71  ? 106 ASP A CG  1 
ATOM   571 O OD1 . ASP A 1 106 ? 0.066   -6.378  14.446  1.00 46.33  ? 106 ASP A OD1 1 
ATOM   572 O OD2 . ASP A 1 106 ? -0.258  -7.328  12.545  1.00 51.89  ? 106 ASP A OD2 1 
ATOM   573 N N   . PHE A 1 107 ? 4.186   -4.031  12.517  1.00 56.57  ? 107 PHE A N   1 
ATOM   574 C CA  . PHE A 1 107 ? 5.538   -3.929  11.926  1.00 60.58  ? 107 PHE A CA  1 
ATOM   575 C C   . PHE A 1 107 ? 6.319   -2.633  12.145  1.00 63.03  ? 107 PHE A C   1 
ATOM   576 O O   . PHE A 1 107 ? 7.541   -2.658  12.219  1.00 72.26  ? 107 PHE A O   1 
ATOM   577 C CB  . PHE A 1 107 ? 5.451   -4.199  10.411  1.00 60.43  ? 107 PHE A CB  1 
ATOM   578 C CG  . PHE A 1 107 ? 4.961   -5.574  10.075  1.00 59.67  ? 107 PHE A CG  1 
ATOM   579 C CD1 . PHE A 1 107 ? 5.709   -6.700  10.403  1.00 66.84  ? 107 PHE A CD1 1 
ATOM   580 C CD2 . PHE A 1 107 ? 3.746   -5.759  9.427   1.00 61.70  ? 107 PHE A CD2 1 
ATOM   581 C CE1 . PHE A 1 107 ? 5.221   -7.982  10.103  1.00 64.30  ? 107 PHE A CE1 1 
ATOM   582 C CE2 . PHE A 1 107 ? 3.251   -7.039  9.140   1.00 56.63  ? 107 PHE A CE2 1 
ATOM   583 C CZ  . PHE A 1 107 ? 3.993   -8.147  9.479   1.00 56.02  ? 107 PHE A CZ  1 
ATOM   584 N N   . ALA A 1 108 ? 5.672   -1.488  12.254  1.00 76.03  ? 108 ALA A N   1 
ATOM   585 C CA  . ALA A 1 108 ? 6.429   -0.190  12.080  1.00 89.34  ? 108 ALA A CA  1 
ATOM   586 C C   . ALA A 1 108 ? 6.859   0.440   13.414  1.00 94.64  ? 108 ALA A C   1 
ATOM   587 O O   . ALA A 1 108 ? 6.008   0.704   14.257  1.00 105.38 ? 108 ALA A O   1 
ATOM   588 C CB  . ALA A 1 108 ? 5.604   0.815   11.254  1.00 70.47  ? 108 ALA A CB  1 
ATOM   589 N N   . VAL A 1 109 ? 8.148   0.717   13.600  1.00 111.89 ? 109 VAL A N   1 
ATOM   590 C CA  . VAL A 1 109 ? 8.607   1.359   14.873  1.00 125.68 ? 109 VAL A CA  1 
ATOM   591 C C   . VAL A 1 109 ? 8.441   2.880   14.996  1.00 129.79 ? 109 VAL A C   1 
ATOM   592 O O   . VAL A 1 109 ? 8.093   3.352   16.073  1.00 139.47 ? 109 VAL A O   1 
ATOM   593 C CB  . VAL A 1 109 ? 10.054  0.997   15.287  1.00 123.72 ? 109 VAL A CB  1 
ATOM   594 C CG1 . VAL A 1 109 ? 10.084  -0.445  15.774  1.00 113.10 ? 109 VAL A CG1 1 
ATOM   595 C CG2 . VAL A 1 109 ? 11.070  1.278   14.165  1.00 124.18 ? 109 VAL A CG2 1 
ATOM   596 N N   . ASP A 1 110 ? 8.703   3.649   13.942  1.00 122.85 ? 110 ASP A N   1 
ATOM   597 C CA  . ASP A 1 110 ? 8.561   5.122   14.026  1.00 126.92 ? 110 ASP A CA  1 
ATOM   598 C C   . ASP A 1 110 ? 7.962   5.719   12.744  1.00 125.03 ? 110 ASP A C   1 
ATOM   599 O O   . ASP A 1 110 ? 7.966   5.091   11.699  1.00 120.47 ? 110 ASP A O   1 
ATOM   600 C CB  . ASP A 1 110 ? 9.889   5.809   14.450  1.00 128.65 ? 110 ASP A CB  1 
ATOM   601 C CG  . ASP A 1 110 ? 10.931  5.893   13.321  1.00 128.13 ? 110 ASP A CG  1 
ATOM   602 O OD1 . ASP A 1 110 ? 10.608  6.396   12.215  1.00 123.04 ? 110 ASP A OD1 1 
ATOM   603 O OD2 . ASP A 1 110 ? 12.091  5.482   13.560  1.00 119.25 ? 110 ASP A OD2 1 
ATOM   604 N N   . MET A 1 111 ? 7.438   6.936   12.837  1.00 121.07 ? 111 MET A N   1 
ATOM   605 C CA  . MET A 1 111 ? 6.749   7.547   11.695  1.00 123.22 ? 111 MET A CA  1 
ATOM   606 C C   . MET A 1 111 ? 7.630   7.639   10.445  1.00 125.41 ? 111 MET A C   1 
ATOM   607 O O   . MET A 1 111 ? 7.127   7.537   9.327   1.00 112.55 ? 111 MET A O   1 
ATOM   608 C CB  . MET A 1 111 ? 6.197   8.921   12.068  1.00 124.96 ? 111 MET A CB  1 
ATOM   609 C CG  . MET A 1 111 ? 5.315   9.544   10.990  1.00 119.74 ? 111 MET A CG  1 
ATOM   610 S SD  . MET A 1 111 ? 3.833   10.354  11.647  1.00 135.95 ? 111 MET A SD  1 
ATOM   611 C CE  . MET A 1 111 ? 4.418   11.190  13.136  1.00 139.23 ? 111 MET A CE  1 
ATOM   612 N N   . GLY A 1 112 ? 8.934   7.825   10.635  1.00 131.78 ? 112 GLY A N   1 
ATOM   613 C CA  . GLY A 1 112 ? 9.879   7.768   9.529   1.00 133.04 ? 112 GLY A CA  1 
ATOM   614 C C   . GLY A 1 112 ? 9.979   6.332   9.055   1.00 129.81 ? 112 GLY A C   1 
ATOM   615 O O   . GLY A 1 112 ? 9.754   6.030   7.882   1.00 112.61 ? 112 GLY A O   1 
ATOM   616 N N   . ARG A 1 113 ? 10.236  5.447   10.017  1.00 133.06 ? 113 ARG A N   1 
ATOM   617 C CA  . ARG A 1 113 ? 10.344  4.001   9.811   1.00 120.52 ? 113 ARG A CA  1 
ATOM   618 C C   . ARG A 1 113 ? 8.938   3.340   9.819   1.00 111.93 ? 113 ARG A C   1 
ATOM   619 O O   . ARG A 1 113 ? 8.763   2.199   10.239  1.00 97.02  ? 113 ARG A O   1 
ATOM   620 C CB  . ARG A 1 113 ? 11.247  3.398   10.884  1.00 119.99 ? 113 ARG A CB  1 
ATOM   621 N N   . ASN A 1 114 ? 7.936   4.106   9.382   1.00 113.94 ? 114 ASN A N   1 
ATOM   622 C CA  . ASN A 1 114 ? 6.589   3.608   9.100   1.00 115.37 ? 114 ASN A CA  1 
ATOM   623 C C   . ASN A 1 114 ? 6.593   2.771   7.820   1.00 132.84 ? 114 ASN A C   1 
ATOM   624 O O   . ASN A 1 114 ? 6.073   1.644   7.798   1.00 123.32 ? 114 ASN A O   1 
ATOM   625 C CB  . ASN A 1 114 ? 5.567   4.788   9.044   1.00 110.10 ? 114 ASN A CB  1 
ATOM   626 C CG  . ASN A 1 114 ? 4.711   4.822   7.772   1.00 102.88 ? 114 ASN A CG  1 
ATOM   627 O OD1 . ASN A 1 114 ? 4.140   3.805   7.322   1.00 95.43  ? 114 ASN A OD1 1 
ATOM   628 N ND2 . ASN A 1 114 ? 4.575   6.011   7.210   1.00 99.71  ? 114 ASN A ND2 1 
ATOM   629 N N   . VAL A 1 115 ? 7.162   3.356   6.759   1.00 144.25 ? 115 VAL A N   1 
ATOM   630 C CA  . VAL A 1 115 ? 7.480   2.659   5.513   1.00 117.80 ? 115 VAL A CA  1 
ATOM   631 C C   . VAL A 1 115 ? 6.289   1.899   4.842   1.00 105.11 ? 115 VAL A C   1 
ATOM   632 O O   . VAL A 1 115 ? 6.237   0.666   4.750   1.00 74.11  ? 115 VAL A O   1 
ATOM   633 C CB  . VAL A 1 115 ? 8.766   1.822   5.715   1.00 111.00 ? 115 VAL A CB  1 
ATOM   634 C CG1 . VAL A 1 115 ? 9.990   2.724   5.714   1.00 108.99 ? 115 VAL A CG1 1 
ATOM   635 C CG2 . VAL A 1 115 ? 8.773   1.027   7.009   1.00 109.08 ? 115 VAL A CG2 1 
ATOM   636 N N   . CYS A 1 116 ? 5.338   2.701   4.369   1.00 88.72  ? 116 CYS A N   1 
ATOM   637 C CA  . CYS A 1 116 ? 4.131   2.232   3.721   1.00 70.83  ? 116 CYS A CA  1 
ATOM   638 C C   . CYS A 1 116 ? 3.318   3.419   3.356   1.00 60.46  ? 116 CYS A C   1 
ATOM   639 O O   . CYS A 1 116 ? 3.241   4.316   4.148   1.00 63.10  ? 116 CYS A O   1 
ATOM   640 C CB  . CYS A 1 116 ? 3.274   1.435   4.705   1.00 73.70  ? 116 CYS A CB  1 
ATOM   641 S SG  . CYS A 1 116 ? 3.049   -0.206  4.139   1.00 92.12  ? 116 CYS A SG  1 
ATOM   642 N N   . HIS A 1 117 ? 2.599   3.386   2.261   1.00 56.42  ? 117 HIS A N   1 
ATOM   643 C CA  . HIS A 1 117 ? 1.743   4.488   1.949   1.00 55.78  ? 117 HIS A CA  1 
ATOM   644 C C   . HIS A 1 117 ? 0.565   3.930   1.240   1.00 51.17  ? 117 HIS A C   1 
ATOM   645 O O   . HIS A 1 117 ? 0.717   3.020   0.445   1.00 61.48  ? 117 HIS A O   1 
ATOM   646 C CB  . HIS A 1 117 ? 2.474   5.505   1.028   1.00 70.51  ? 117 HIS A CB  1 
ATOM   647 C CG  . HIS A 1 117 ? 1.530   6.425   0.332   1.00 72.63  ? 117 HIS A CG  1 
ATOM   648 N ND1 . HIS A 1 117 ? 1.072   7.576   0.924   1.00 80.34  ? 117 HIS A ND1 1 
ATOM   649 C CD2 . HIS A 1 117 ? 0.822   6.277   -0.815  1.00 76.24  ? 117 HIS A CD2 1 
ATOM   650 C CE1 . HIS A 1 117 ? 0.150   8.119   0.149   1.00 85.76  ? 117 HIS A CE1 1 
ATOM   651 N NE2 . HIS A 1 117 ? -0.023  7.347   -0.908  1.00 75.75  ? 117 HIS A NE2 1 
ATOM   652 N N   . GLY A 1 118 ? -0.608  4.473   1.524   1.00 49.74  ? 118 GLY A N   1 
ATOM   653 C CA  . GLY A 1 118 ? -1.807  4.145   0.790   1.00 56.98  ? 118 GLY A CA  1 
ATOM   654 C C   . GLY A 1 118 ? -2.544  5.448   0.440   1.00 73.05  ? 118 GLY A C   1 
ATOM   655 O O   . GLY A 1 118 ? -2.416  6.475   1.122   1.00 68.60  ? 118 GLY A O   1 
ATOM   656 N N   . SER A 1 119 ? -3.301  5.418   -0.647  1.00 75.22  ? 119 SER A N   1 
ATOM   657 C CA  . SER A 1 119 ? -4.085  6.570   -1.043  1.00 80.36  ? 119 SER A CA  1 
ATOM   658 C C   . SER A 1 119 ? -5.037  6.978   0.094   1.00 79.64  ? 119 SER A C   1 
ATOM   659 O O   . SER A 1 119 ? -5.619  6.100   0.707   1.00 81.34  ? 119 SER A O   1 
ATOM   660 C CB  . SER A 1 119 ? -4.946  6.243   -2.282  1.00 70.28  ? 119 SER A CB  1 
ATOM   661 O OG  . SER A 1 119 ? -4.182  5.725   -3.339  1.00 74.98  ? 119 SER A OG  1 
ATOM   662 N N   . ASP A 1 120 ? -5.227  8.286   0.331   1.00 79.60  ? 120 ASP A N   1 
ATOM   663 C CA  . ASP A 1 120 ? -6.302  8.735   1.258   1.00 77.83  ? 120 ASP A CA  1 
ATOM   664 C C   . ASP A 1 120 ? -7.680  9.017   0.685   1.00 64.52  ? 120 ASP A C   1 
ATOM   665 O O   . ASP A 1 120 ? -8.626  9.090   1.442   1.00 85.22  ? 120 ASP A O   1 
ATOM   666 C CB  . ASP A 1 120 ? -5.876  9.837   2.214   1.00 84.71  ? 120 ASP A CB  1 
ATOM   667 C CG  . ASP A 1 120 ? -5.288  10.979  1.524   1.00 87.27  ? 120 ASP A CG  1 
ATOM   668 O OD1 . ASP A 1 120 ? -5.952  11.527  0.617   1.00 89.04  ? 120 ASP A OD1 1 
ATOM   669 O OD2 . ASP A 1 120 ? -4.144  11.290  1.886   1.00 90.77  ? 120 ASP A OD2 1 
ATOM   670 N N   . SER A 1 121 ? -7.835  9.078   -0.622  1.00 71.32  ? 121 SER A N   1 
ATOM   671 C CA  . SER A 1 121 ? -9.204  9.123   -1.223  1.00 69.04  ? 121 SER A CA  1 
ATOM   672 C C   . SER A 1 121 ? -9.262  8.487   -2.607  1.00 63.81  ? 121 SER A C   1 
ATOM   673 O O   . SER A 1 121 ? -8.243  8.313   -3.258  1.00 57.31  ? 121 SER A O   1 
ATOM   674 C CB  . SER A 1 121 ? -9.650  10.575  -1.394  1.00 81.35  ? 121 SER A CB  1 
ATOM   675 O OG  . SER A 1 121 ? -8.684  11.315  -2.155  1.00 82.92  ? 121 SER A OG  1 
ATOM   676 N N   . VAL A 1 122 ? -10.470 8.186   -3.066  1.00 60.48  ? 122 VAL A N   1 
ATOM   677 C CA  . VAL A 1 122 ? -10.688 7.803   -4.456  1.00 66.48  ? 122 VAL A CA  1 
ATOM   678 C C   . VAL A 1 122 ? -10.060 8.805   -5.462  1.00 79.43  ? 122 VAL A C   1 
ATOM   679 O O   . VAL A 1 122 ? -9.628  8.405   -6.539  1.00 89.85  ? 122 VAL A O   1 
ATOM   680 C CB  . VAL A 1 122 ? -12.182 7.665   -4.767  1.00 69.08  ? 122 VAL A CB  1 
ATOM   681 C CG1 . VAL A 1 122 ? -12.393 7.286   -6.220  1.00 74.27  ? 122 VAL A CG1 1 
ATOM   682 C CG2 . VAL A 1 122 ? -12.845 6.604   -3.883  1.00 74.93  ? 122 VAL A CG2 1 
ATOM   683 N N   . GLU A 1 123 ? -9.994  10.088  -5.105  1.00 86.19  ? 123 GLU A N   1 
ATOM   684 C CA  . GLU A 1 123 ? -9.440  11.108  -5.989  1.00 92.69  ? 123 GLU A CA  1 
ATOM   685 C C   . GLU A 1 123 ? -7.950  10.965  -6.044  1.00 82.78  ? 123 GLU A C   1 
ATOM   686 O O   . GLU A 1 123 ? -7.387  10.899  -7.118  1.00 108.39 ? 123 GLU A O   1 
ATOM   687 C CB  . GLU A 1 123 ? -9.842  12.540  -5.553  1.00 97.32  ? 123 GLU A CB  1 
ATOM   688 N N   . SER A 1 124 ? -7.314  10.932  -4.884  1.00 76.46  ? 124 SER A N   1 
ATOM   689 C CA  . SER A 1 124 ? -5.846  10.843  -4.797  1.00 79.14  ? 124 SER A CA  1 
ATOM   690 C C   . SER A 1 124 ? -5.269  9.488   -5.324  1.00 80.32  ? 124 SER A C   1 
ATOM   691 O O   . SER A 1 124 ? -4.090  9.380   -5.680  1.00 77.04  ? 124 SER A O   1 
ATOM   692 C CB  . SER A 1 124 ? -5.404  11.135  -3.339  1.00 82.61  ? 124 SER A CB  1 
ATOM   693 O OG  . SER A 1 124 ? -4.257  10.405  -2.915  1.00 92.49  ? 124 SER A OG  1 
ATOM   694 N N   . ALA A 1 125 ? -6.106  8.458   -5.353  1.00 74.18  ? 125 ALA A N   1 
ATOM   695 C CA  . ALA A 1 125 ? -5.695  7.160   -5.838  1.00 81.22  ? 125 ALA A CA  1 
ATOM   696 C C   . ALA A 1 125 ? -5.373  7.310   -7.307  1.00 87.04  ? 125 ALA A C   1 
ATOM   697 O O   . ALA A 1 125 ? -4.242  6.999   -7.724  1.00 76.64  ? 125 ALA A O   1 
ATOM   698 C CB  . ALA A 1 125 ? -6.804  6.128   -5.639  1.00 79.25  ? 125 ALA A CB  1 
ATOM   699 N N   . GLU A 1 126 ? -6.361  7.830   -8.052  1.00 83.63  ? 126 GLU A N   1 
ATOM   700 C CA  . GLU A 1 126 ? -6.235  8.100   -9.497  1.00 77.78  ? 126 GLU A CA  1 
ATOM   701 C C   . GLU A 1 126 ? -5.016  8.938   -9.891  1.00 63.70  ? 126 GLU A C   1 
ATOM   702 O O   . GLU A 1 126 ? -4.296  8.586   -10.814 1.00 66.03  ? 126 GLU A O   1 
ATOM   703 C CB  . GLU A 1 126 ? -7.494  8.710   -10.007 1.00 80.09  ? 126 GLU A CB  1 
ATOM   704 C CG  . GLU A 1 126 ? -8.602  7.689   -10.225 1.00 92.03  ? 126 GLU A CG  1 
ATOM   705 C CD  . GLU A 1 126 ? -9.994  8.289   -10.068 1.00 105.80 ? 126 GLU A CD  1 
ATOM   706 O OE1 . GLU A 1 126 ? -10.129 9.533   -9.989  1.00 121.69 ? 126 GLU A OE1 1 
ATOM   707 O OE2 . GLU A 1 126 ? -10.972 7.515   -9.996  1.00 109.03 ? 126 GLU A OE2 1 
ATOM   708 N N   . ARG A 1 127 ? -4.702  9.945   -9.112  1.00 59.83  ? 127 ARG A N   1 
ATOM   709 C CA  . ARG A 1 127 ? -3.455  10.680  -9.328  1.00 73.28  ? 127 ARG A CA  1 
ATOM   710 C C   . ARG A 1 127 ? -2.274  9.801   -9.104  1.00 78.03  ? 127 ARG A C   1 
ATOM   711 O O   . ARG A 1 127 ? -1.293  9.936   -9.800  1.00 94.26  ? 127 ARG A O   1 
ATOM   712 C CB  . ARG A 1 127 ? -3.325  11.969  -8.446  1.00 83.21  ? 127 ARG A CB  1 
ATOM   713 C CG  . ARG A 1 127 ? -4.349  13.091  -8.820  1.00 99.04  ? 127 ARG A CG  1 
ATOM   714 C CD  . ARG A 1 127 ? -4.526  14.206  -7.781  1.00 100.17 ? 127 ARG A CD  1 
ATOM   715 N NE  . ARG A 1 127 ? -3.293  14.969  -7.497  1.00 104.62 ? 127 ARG A NE  1 
ATOM   716 C CZ  . ARG A 1 127 ? -2.869  16.045  -8.170  1.00 110.25 ? 127 ARG A CZ  1 
ATOM   717 N NH1 . ARG A 1 127 ? -3.557  16.496  -9.207  1.00 113.97 ? 127 ARG A NH1 1 
ATOM   718 N NH2 . ARG A 1 127 ? -1.736  16.675  -7.825  1.00 104.07 ? 127 ARG A NH2 1 
ATOM   719 N N   . GLU A 1 128 ? -2.337  8.938   -8.091  1.00 97.67  ? 128 GLU A N   1 
ATOM   720 C CA  . GLU A 1 128 ? -1.187  8.089   -7.721  1.00 86.00  ? 128 GLU A CA  1 
ATOM   721 C C   . GLU A 1 128 ? -1.048  6.898   -8.689  1.00 73.65  ? 128 GLU A C   1 
ATOM   722 O O   . GLU A 1 128 ? 0.050   6.589   -9.172  1.00 60.41  ? 128 GLU A O   1 
ATOM   723 C CB  . GLU A 1 128 ? -1.337  7.633   -6.280  1.00 94.86  ? 128 GLU A CB  1 
ATOM   724 C CG  . GLU A 1 128 ? -1.271  8.760   -5.252  1.00 93.09  ? 128 GLU A CG  1 
ATOM   725 C CD  . GLU A 1 128 ? -1.424  8.266   -3.812  1.00 92.59  ? 128 GLU A CD  1 
ATOM   726 O OE1 . GLU A 1 128 ? -2.318  7.428   -3.462  1.00 76.61  ? 128 GLU A OE1 1 
ATOM   727 O OE2 . GLU A 1 128 ? -0.567  8.697   -3.022  1.00 92.83  ? 128 GLU A OE2 1 
ATOM   728 N N   . ILE A 1 129 ? -2.177  6.271   -9.014  1.00 66.00  ? 129 ILE A N   1 
ATOM   729 C CA  . ILE A 1 129 ? -2.234  5.182   -9.993  1.00 69.45  ? 129 ILE A CA  1 
ATOM   730 C C   . ILE A 1 129 ? -1.680  5.699   -11.310 1.00 87.44  ? 129 ILE A C   1 
ATOM   731 O O   . ILE A 1 129 ? -0.672  5.198   -11.794 1.00 82.38  ? 129 ILE A O   1 
ATOM   732 C CB  . ILE A 1 129 ? -3.682  4.667   -10.169 1.00 70.18  ? 129 ILE A CB  1 
ATOM   733 C CG1 . ILE A 1 129 ? -4.124  3.908   -8.908  1.00 69.50  ? 129 ILE A CG1 1 
ATOM   734 C CG2 . ILE A 1 129 ? -3.857  3.773   -11.405 1.00 65.25  ? 129 ILE A CG2 1 
ATOM   735 C CD1 . ILE A 1 129 ? -5.556  3.376   -8.947  1.00 68.54  ? 129 ILE A CD1 1 
ATOM   736 N N   . ALA A 1 130 ? -2.311  6.750   -11.847 1.00 108.07 ? 130 ALA A N   1 
ATOM   737 C CA  . ALA A 1 130 ? -1.945  7.291   -13.167 1.00 94.75  ? 130 ALA A CA  1 
ATOM   738 C C   . ALA A 1 130 ? -0.558  7.945   -13.224 1.00 80.51  ? 130 ALA A C   1 
ATOM   739 O O   . ALA A 1 130 ? 0.071   7.879   -14.249 1.00 103.83 ? 130 ALA A O   1 
ATOM   740 C CB  . ALA A 1 130 ? -3.017  8.212   -13.695 1.00 94.37  ? 130 ALA A CB  1 
ATOM   741 N N   . PHE A 1 131 ? -0.037  8.482   -12.137 1.00 70.94  ? 131 PHE A N   1 
ATOM   742 C CA  . PHE A 1 131 ? 1.371   8.902   -12.097 1.00 68.72  ? 131 PHE A CA  1 
ATOM   743 C C   . PHE A 1 131 ? 2.327   7.759   -12.145 1.00 83.89  ? 131 PHE A C   1 
ATOM   744 O O   . PHE A 1 131 ? 3.261   7.816   -12.938 1.00 84.05  ? 131 PHE A O   1 
ATOM   745 C CB  . PHE A 1 131 ? 1.695   9.626   -10.804 1.00 65.61  ? 131 PHE A CB  1 
ATOM   746 C CG  . PHE A 1 131 ? 3.172   9.918   -10.589 1.00 69.81  ? 131 PHE A CG  1 
ATOM   747 C CD1 . PHE A 1 131 ? 3.916   10.612  -11.526 1.00 78.91  ? 131 PHE A CD1 1 
ATOM   748 C CD2 . PHE A 1 131 ? 3.777   9.616   -9.391  1.00 76.86  ? 131 PHE A CD2 1 
ATOM   749 C CE1 . PHE A 1 131 ? 5.254   10.945  -11.287 1.00 76.80  ? 131 PHE A CE1 1 
ATOM   750 C CE2 . PHE A 1 131 ? 5.106   9.953   -9.133  1.00 82.48  ? 131 PHE A CE2 1 
ATOM   751 C CZ  . PHE A 1 131 ? 5.845   10.624  -10.082 1.00 78.41  ? 131 PHE A CZ  1 
ATOM   752 N N   . TRP A 1 132 ? 2.145   6.767   -11.250 1.00 86.93  ? 132 TRP A N   1 
ATOM   753 C CA  . TRP A 1 132 ? 3.172   5.719   -11.051 1.00 78.40  ? 132 TRP A CA  1 
ATOM   754 C C   . TRP A 1 132 ? 3.109   4.562   -12.071 1.00 72.52  ? 132 TRP A C   1 
ATOM   755 O O   . TRP A 1 132 ? 4.098   3.911   -12.318 1.00 66.16  ? 132 TRP A O   1 
ATOM   756 C CB  . TRP A 1 132 ? 3.069   5.128   -9.684  1.00 71.07  ? 132 TRP A CB  1 
ATOM   757 C CG  . TRP A 1 132 ? 3.283   6.021   -8.581  1.00 63.98  ? 132 TRP A CG  1 
ATOM   758 C CD1 . TRP A 1 132 ? 2.315   6.669   -7.838  1.00 57.63  ? 132 TRP A CD1 1 
ATOM   759 C CD2 . TRP A 1 132 ? 4.536   6.314   -7.957  1.00 52.44  ? 132 TRP A CD2 1 
ATOM   760 N NE1 . TRP A 1 132 ? 2.916   7.367   -6.803  1.00 67.77  ? 132 TRP A NE1 1 
ATOM   761 C CE2 . TRP A 1 132 ? 4.272   7.155   -6.849  1.00 49.48  ? 132 TRP A CE2 1 
ATOM   762 C CE3 . TRP A 1 132 ? 5.845   5.982   -8.242  1.00 57.88  ? 132 TRP A CE3 1 
ATOM   763 C CZ2 . TRP A 1 132 ? 5.256   7.645   -6.036  1.00 57.45  ? 132 TRP A CZ2 1 
ATOM   764 C CZ3 . TRP A 1 132 ? 6.862   6.484   -7.399  1.00 62.70  ? 132 TRP A CZ3 1 
ATOM   765 C CH2 . TRP A 1 132 ? 6.551   7.296   -6.307  1.00 58.98  ? 132 TRP A CH2 1 
ATOM   766 N N   . PHE A 1 133 ? 1.953   4.331   -12.660 1.00 70.67  ? 133 PHE A N   1 
ATOM   767 C CA  . PHE A 1 133 ? 1.759   3.249   -13.588 1.00 77.08  ? 133 PHE A CA  1 
ATOM   768 C C   . PHE A 1 133 ? 1.328   3.687   -15.016 1.00 90.00  ? 133 PHE A C   1 
ATOM   769 O O   . PHE A 1 133 ? 0.333   4.450   -15.200 1.00 78.97  ? 133 PHE A O   1 
ATOM   770 C CB  . PHE A 1 133 ? 0.687   2.311   -13.049 1.00 78.72  ? 133 PHE A CB  1 
ATOM   771 C CG  . PHE A 1 133 ? 1.162   1.439   -11.946 1.00 95.28  ? 133 PHE A CG  1 
ATOM   772 C CD1 . PHE A 1 133 ? 1.860   0.272   -12.247 1.00 99.64  ? 133 PHE A CD1 1 
ATOM   773 C CD2 . PHE A 1 133 ? 0.931   1.766   -10.605 1.00 93.52  ? 133 PHE A CD2 1 
ATOM   774 C CE1 . PHE A 1 133 ? 2.310   -0.554  -11.231 1.00 90.14  ? 133 PHE A CE1 1 
ATOM   775 C CE2 . PHE A 1 133 ? 1.398   0.941   -9.595  1.00 99.19  ? 133 PHE A CE2 1 
ATOM   776 C CZ  . PHE A 1 133 ? 2.089   -0.216  -9.912  1.00 89.27  ? 133 PHE A CZ  1 
ATOM   777 N N   . LYS A 1 134 ? 2.084   3.194   -16.023 1.00 81.29  ? 134 LYS A N   1 
ATOM   778 C CA  . LYS A 1 134 ? 1.599   3.141   -17.401 1.00 73.93  ? 134 LYS A CA  1 
ATOM   779 C C   . LYS A 1 134 ? 0.333   2.325   -17.390 1.00 73.59  ? 134 LYS A C   1 
ATOM   780 O O   . LYS A 1 134 ? 0.199   1.426   -16.601 1.00 91.55  ? 134 LYS A O   1 
ATOM   781 C CB  . LYS A 1 134 ? 2.639   2.569   -18.358 1.00 72.52  ? 134 LYS A CB  1 
ATOM   782 N N   . ALA A 1 135 ? -0.636  2.680   -18.209 1.00 82.94  ? 135 ALA A N   1 
ATOM   783 C CA  . ALA A 1 135 ? -1.914  1.980   -18.205 1.00 93.15  ? 135 ALA A CA  1 
ATOM   784 C C   . ALA A 1 135 ? -1.803  0.581   -18.776 1.00 92.39  ? 135 ALA A C   1 
ATOM   785 O O   . ALA A 1 135 ? -2.630  -0.264  -18.447 1.00 104.07 ? 135 ALA A O   1 
ATOM   786 C CB  . ALA A 1 135 ? -2.992  2.777   -18.936 1.00 95.88  ? 135 ALA A CB  1 
ATOM   787 N N   . ASP A 1 136 ? -0.805  0.331   -19.628 1.00 108.38 ? 136 ASP A N   1 
ATOM   788 C CA  . ASP A 1 136 ? -0.568  -1.023  -20.137 1.00 110.48 ? 136 ASP A CA  1 
ATOM   789 C C   . ASP A 1 136 ? -0.386  -1.975  -18.926 1.00 107.75 ? 136 ASP A C   1 
ATOM   790 O O   . ASP A 1 136 ? -0.919  -3.093  -18.932 1.00 89.83  ? 136 ASP A O   1 
ATOM   791 C CB  . ASP A 1 136 ? 0.617   -1.076  -21.148 1.00 107.98 ? 136 ASP A CB  1 
ATOM   792 C CG  . ASP A 1 136 ? 1.993   -0.758  -20.509 1.00 115.32 ? 136 ASP A CG  1 
ATOM   793 O OD1 . ASP A 1 136 ? 2.081   -0.693  -19.266 1.00 125.24 ? 136 ASP A OD1 1 
ATOM   794 O OD2 . ASP A 1 136 ? 3.000   -0.585  -21.249 1.00 109.87 ? 136 ASP A OD2 1 
ATOM   795 N N   . GLU A 1 137 ? 0.313   -1.472  -17.891 1.00 91.90  ? 137 GLU A N   1 
ATOM   796 C CA  . GLU A 1 137 ? 0.604   -2.184  -16.640 1.00 72.64  ? 137 GLU A CA  1 
ATOM   797 C C   . GLU A 1 137 ? -0.612  -2.536  -15.752 1.00 69.15  ? 137 GLU A C   1 
ATOM   798 O O   . GLU A 1 137 ? -0.549  -3.487  -14.992 1.00 83.34  ? 137 GLU A O   1 
ATOM   799 C CB  . GLU A 1 137 ? 1.589   -1.392  -15.802 1.00 64.89  ? 137 GLU A CB  1 
ATOM   800 C CG  . GLU A 1 137 ? 2.958   -1.233  -16.417 1.00 60.88  ? 137 GLU A CG  1 
ATOM   801 C CD  . GLU A 1 137 ? 3.684   -0.013  -15.938 1.00 68.93  ? 137 GLU A CD  1 
ATOM   802 O OE1 . GLU A 1 137 ? 3.048   1.046   -15.875 1.00 91.27  ? 137 GLU A OE1 1 
ATOM   803 O OE2 . GLU A 1 137 ? 4.921   -0.067  -15.671 1.00 70.90  ? 137 GLU A OE2 1 
ATOM   804 N N   . LEU A 1 138 ? -1.701  -1.804  -15.876 1.00 65.84  ? 138 LEU A N   1 
ATOM   805 C CA  . LEU A 1 138 ? -2.905  -2.022  -15.082 1.00 76.81  ? 138 LEU A CA  1 
ATOM   806 C C   . LEU A 1 138 ? -3.667  -3.007  -15.852 1.00 76.53  ? 138 LEU A C   1 
ATOM   807 O O   . LEU A 1 138 ? -3.245  -3.310  -16.926 1.00 97.79  ? 138 LEU A O   1 
ATOM   808 C CB  . LEU A 1 138 ? -3.718  -0.724  -14.937 1.00 89.17  ? 138 LEU A CB  1 
ATOM   809 C CG  . LEU A 1 138 ? -3.158  0.402   -14.032 1.00 94.23  ? 138 LEU A CG  1 
ATOM   810 C CD1 . LEU A 1 138 ? -1.680  0.270   -13.664 1.00 91.66  ? 138 LEU A CD1 1 
ATOM   811 C CD2 . LEU A 1 138 ? -3.401  1.768   -14.664 1.00 99.31  ? 138 LEU A CD2 1 
ATOM   812 N N   . ALA A 1 139 ? -4.822  -3.440  -15.369 1.00 83.22  ? 139 ALA A N   1 
ATOM   813 C CA  . ALA A 1 139 ? -5.441  -4.652  -15.853 1.00 82.10  ? 139 ALA A CA  1 
ATOM   814 C C   . ALA A 1 139 ? -6.941  -4.542  -16.122 1.00 105.07 ? 139 ALA A C   1 
ATOM   815 O O   . ALA A 1 139 ? -7.622  -5.571  -16.167 1.00 114.66 ? 139 ALA A O   1 
ATOM   816 C CB  . ALA A 1 139 ? -5.170  -5.728  -14.813 1.00 83.68  ? 139 ALA A CB  1 
ATOM   817 N N   . CYS A 1 140 ? -7.471  -3.330  -16.302 1.00 125.41 ? 140 CYS A N   1 
ATOM   818 C CA  . CYS A 1 140 ? -8.918  -3.141  -16.586 1.00 135.51 ? 140 CYS A CA  1 
ATOM   819 C C   . CYS A 1 140 ? -9.849  -3.782  -15.529 1.00 131.77 ? 140 CYS A C   1 
ATOM   820 O O   . CYS A 1 140 ? -11.027 -4.063  -15.768 1.00 119.66 ? 140 CYS A O   1 
ATOM   821 C CB  . CYS A 1 140 ? -9.240  -3.697  -17.971 1.00 141.96 ? 140 CYS A CB  1 
ATOM   822 S SG  . CYS A 1 140 ? -8.845  -5.449  -18.132 1.00 142.04 ? 140 CYS A SG  1 
HETATM 823 O O   . HOH B 2 .   ? -6.292  3.285   0.313   1.00 54.59  ? 201 HOH A O   1 
HETATM 824 O O   . HOH B 2 .   ? -5.528  -4.567  18.066  1.00 40.61  ? 202 HOH A O   1 
HETATM 825 O O   . HOH B 2 .   ? 4.043   -7.440  15.910  1.00 37.93  ? 203 HOH A O   1 
HETATM 826 O O   . HOH B 2 .   ? -3.987  -8.867  11.018  1.00 53.98  ? 204 HOH A O   1 
HETATM 827 O O   . HOH B 2 .   ? -1.187  5.744   4.228   1.00 66.54  ? 205 HOH A O   1 
HETATM 828 O O   . HOH B 2 .   ? -3.463  -5.612  8.075   1.00 41.61  ? 206 HOH A O   1 
HETATM 829 O O   . HOH B 2 .   ? 6.606   5.223   3.463   1.00 75.42  ? 207 HOH A O   1 
HETATM 830 O O   . HOH B 2 .   ? -5.480  -7.529  8.020   1.00 40.73  ? 208 HOH A O   1 
HETATM 831 O O   . HOH B 2 .   ? 2.193   9.117   -4.458  1.00 81.23  ? 209 HOH A O   1 
HETATM 832 O O   . HOH B 2 .   ? 0.322   -11.655 9.908   1.00 57.68  ? 210 HOH A O   1 
HETATM 833 O O   . HOH B 2 .   ? -4.760  1.771   13.523  1.00 29.01  ? 211 HOH A O   1 
HETATM 834 O O   . HOH B 2 .   ? -7.162  -0.938  13.971  1.00 50.55  ? 212 HOH A O   1 
HETATM 835 O O   . HOH B 2 .   ? 2.855   7.785   4.046   1.00 72.15  ? 213 HOH A O   1 
HETATM 836 O O   . HOH B 2 .   ? -8.873  11.296  4.637   1.00 87.05  ? 214 HOH A O   1 
HETATM 837 O O   . HOH B 2 .   ? -6.281  -15.484 0.059   1.00 64.50  ? 215 HOH A O   1 
HETATM 838 O O   . HOH B 2 .   ? 4.304   12.345  -5.995  1.00 73.16  ? 216 HOH A O   1 
HETATM 839 O O   . HOH B 2 .   ? 5.752   6.804   -2.115  1.00 67.87  ? 217 HOH A O   1 
# 
loop_
_pdbx_poly_seq_scheme.asym_id 
_pdbx_poly_seq_scheme.entity_id 
_pdbx_poly_seq_scheme.seq_id 
_pdbx_poly_seq_scheme.mon_id 
_pdbx_poly_seq_scheme.ndb_seq_num 
_pdbx_poly_seq_scheme.pdb_seq_num 
_pdbx_poly_seq_scheme.auth_seq_num 
_pdbx_poly_seq_scheme.pdb_mon_id 
_pdbx_poly_seq_scheme.auth_mon_id 
_pdbx_poly_seq_scheme.pdb_strand_id 
_pdbx_poly_seq_scheme.pdb_ins_code 
_pdbx_poly_seq_scheme.hetero 
A 1 1   MET 1   1   ?   ?   ?   A . n 
A 1 2   SER 2   2   ?   ?   ?   A . n 
A 1 3   SER 3   3   3   SER SER A . n 
A 1 4   GLU 4   4   4   GLU GLU A . n 
A 1 5   ARG 5   5   5   ARG ARG A . n 
A 1 6   THR 6   6   6   THR THR A . n 
A 1 7   PHE 7   7   7   PHE PHE A . n 
A 1 8   ILE 8   8   8   ILE ILE A . n 
A 1 9   ALA 9   9   9   ALA ALA A . n 
A 1 10  VAL 10  10  10  VAL VAL A . n 
A 1 11  LYS 11  11  11  LYS ALA A . n 
A 1 12  PRO 12  12  12  PRO PRO A . n 
A 1 13  ASP 13  13  13  ASP ALA A . n 
A 1 14  GLY 14  14  14  GLY GLY A . n 
A 1 15  VAL 15  15  15  VAL VAL A . n 
A 1 16  GLN 16  16  16  GLN ALA A . n 
A 1 17  ARG 17  17  17  ARG ARG A . n 
A 1 18  GLY 18  18  18  GLY GLY A . n 
A 1 19  LEU 19  19  19  LEU LEU A . n 
A 1 20  ALA 20  20  20  ALA ALA A . n 
A 1 21  GLY 21  21  21  GLY GLY A . n 
A 1 22  GLU 22  22  22  GLU GLU A . n 
A 1 23  VAL 23  23  23  VAL VAL A . n 
A 1 24  ILE 24  24  24  ILE ILE A . n 
A 1 25  CYS 25  25  25  CYS CYS A . n 
A 1 26  ARG 26  26  26  ARG ARG A . n 
A 1 27  PHE 27  27  27  PHE PHE A . n 
A 1 28  GLU 28  28  28  GLU GLU A . n 
A 1 29  ARG 29  29  29  ARG ARG A . n 
A 1 30  LYS 30  30  30  LYS LYS A . n 
A 1 31  GLY 31  31  31  GLY GLY A . n 
A 1 32  TYR 32  32  32  TYR TYR A . n 
A 1 33  LYS 33  33  33  LYS ALA A . n 
A 1 34  LEU 34  34  34  LEU LEU A . n 
A 1 35  VAL 35  35  35  VAL VAL A . n 
A 1 36  ALA 36  36  36  ALA ALA A . n 
A 1 37  LEU 37  37  37  LEU LEU A . n 
A 1 38  LYS 38  38  38  LYS LYS A . n 
A 1 39  MET 39  39  39  MET MET A . n 
A 1 40  LEU 40  40  40  LEU LEU A . n 
A 1 41  GLN 41  41  41  GLN GLN A . n 
A 1 42  PRO 42  42  42  PRO PRO A . n 
A 1 43  THR 43  43  ?   ?   ?   A . n 
A 1 44  THR 44  44  ?   ?   ?   A . n 
A 1 45  GLU 45  45  ?   ?   ?   A . n 
A 1 46  GLN 46  46  ?   ?   ?   A . n 
A 1 47  ALA 47  47  ?   ?   ?   A . n 
A 1 48  GLU 48  48  ?   ?   ?   A . n 
A 1 49  GLY 49  49  ?   ?   ?   A . n 
A 1 50  HIS 50  50  ?   ?   ?   A . n 
A 1 51  TYR 51  51  ?   ?   ?   A . n 
A 1 52  LYS 52  52  ?   ?   ?   A . n 
A 1 53  ASP 53  53  ?   ?   ?   A . n 
A 1 54  LEU 54  54  ?   ?   ?   A . n 
A 1 55  SER 55  55  ?   ?   ?   A . n 
A 1 56  SER 56  56  ?   ?   ?   A . n 
A 1 57  LYS 57  57  ?   ?   ?   A . n 
A 1 58  PRO 58  58  ?   ?   ?   A . n 
A 1 59  PHE 59  59  ?   ?   ?   A . n 
A 1 60  PHE 60  60  ?   ?   ?   A . n 
A 1 61  PRO 61  61  ?   ?   ?   A . n 
A 1 62  ALA 62  62  ?   ?   ?   A . n 
A 1 63  LEU 63  63  ?   ?   ?   A . n 
A 1 64  VAL 64  64  ?   ?   ?   A . n 
A 1 65  LYS 65  65  ?   ?   ?   A . n 
A 1 66  TYR 66  66  ?   ?   ?   A . n 
A 1 67  PHE 67  67  ?   ?   ?   A . n 
A 1 68  SER 68  68  ?   ?   ?   A . n 
A 1 69  SER 69  69  69  SER SER A . n 
A 1 70  GLY 70  70  70  GLY GLY A . n 
A 1 71  PRO 71  71  71  PRO PRO A . n 
A 1 72  ILE 72  72  72  ILE ILE A . n 
A 1 73  VAL 73  73  73  VAL VAL A . n 
A 1 74  CYS 74  74  74  CYS CYS A . n 
A 1 75  MET 75  75  75  MET MET A . n 
A 1 76  VAL 76  76  76  VAL VAL A . n 
A 1 77  TRP 77  77  77  TRP TRP A . n 
A 1 78  GLU 78  78  78  GLU GLU A . n 
A 1 79  GLY 79  79  79  GLY GLY A . n 
A 1 80  LYS 80  80  80  LYS ALA A . n 
A 1 81  ASN 81  81  81  ASN ASN A . n 
A 1 82  VAL 82  82  82  VAL VAL A . n 
A 1 83  VAL 83  83  83  VAL VAL A . n 
A 1 84  LYS 84  84  84  LYS ALA A . n 
A 1 85  GLY 85  85  85  GLY GLY A . n 
A 1 86  GLY 86  86  86  GLY GLY A . n 
A 1 87  ARG 87  87  87  ARG ARG A . n 
A 1 88  MET 88  88  88  MET MET A . n 
A 1 89  LEU 89  89  89  LEU LEU A . n 
A 1 90  LEU 90  90  90  LEU LEU A . n 
A 1 91  GLY 91  91  91  GLY GLY A . n 
A 1 92  ALA 92  92  92  ALA ALA A . n 
A 1 93  THR 93  93  93  THR THR A . n 
A 1 94  ASN 94  94  94  ASN ASN A . n 
A 1 95  PRO 95  95  95  PRO PRO A . n 
A 1 96  ALA 96  96  96  ALA ALA A . n 
A 1 97  ASP 97  97  97  ASP ASP A . n 
A 1 98  SER 98  98  98  SER SER A . n 
A 1 99  HIS 99  99  99  HIS HIS A . n 
A 1 100 PRO 100 100 100 PRO PRO A . n 
A 1 101 GLY 101 101 101 GLY GLY A . n 
A 1 102 THR 102 102 102 THR THR A . n 
A 1 103 ILE 103 103 103 ILE ILE A . n 
A 1 104 ARG 104 104 104 ARG ARG A . n 
A 1 105 GLY 105 105 105 GLY GLY A . n 
A 1 106 ASP 106 106 106 ASP ASP A . n 
A 1 107 PHE 107 107 107 PHE PHE A . n 
A 1 108 ALA 108 108 108 ALA ALA A . n 
A 1 109 VAL 109 109 109 VAL VAL A . n 
A 1 110 ASP 110 110 110 ASP ASP A . n 
A 1 111 MET 111 111 111 MET MET A . n 
A 1 112 GLY 112 112 112 GLY GLY A . n 
A 1 113 ARG 113 113 113 ARG ALA A . n 
A 1 114 ASN 114 114 114 ASN ASN A . n 
A 1 115 VAL 115 115 115 VAL VAL A . n 
A 1 116 CYS 116 116 116 CYS CYS A . n 
A 1 117 HIS 117 117 117 HIS HIS A . n 
A 1 118 GLY 118 118 118 GLY GLY A . n 
A 1 119 SER 119 119 119 SER SER A . n 
A 1 120 ASP 120 120 120 ASP ASP A . n 
A 1 121 SER 121 121 121 SER SER A . n 
A 1 122 VAL 122 122 122 VAL VAL A . n 
A 1 123 GLU 123 123 123 GLU ALA A . n 
A 1 124 SER 124 124 124 SER SER A . n 
A 1 125 ALA 125 125 125 ALA ALA A . n 
A 1 126 GLU 126 126 126 GLU GLU A . n 
A 1 127 ARG 127 127 127 ARG ARG A . n 
A 1 128 GLU 128 128 128 GLU GLU A . n 
A 1 129 ILE 129 129 129 ILE ILE A . n 
A 1 130 ALA 130 130 130 ALA ALA A . n 
A 1 131 PHE 131 131 131 PHE PHE A . n 
A 1 132 TRP 132 132 132 TRP TRP A . n 
A 1 133 PHE 133 133 133 PHE PHE A . n 
A 1 134 LYS 134 134 134 LYS ALA A . n 
A 1 135 ALA 135 135 135 ALA ALA A . n 
A 1 136 ASP 136 136 136 ASP ASP A . n 
A 1 137 GLU 137 137 137 GLU GLU A . n 
A 1 138 LEU 138 138 138 LEU LEU A . n 
A 1 139 ALA 139 139 139 ALA ALA A . n 
A 1 140 CYS 140 140 140 CYS CYS A . n 
A 1 141 TRP 141 141 ?   ?   ?   A . n 
A 1 142 THR 142 142 ?   ?   ?   A . n 
A 1 143 SER 143 143 ?   ?   ?   A . n 
A 1 144 HIS 144 144 ?   ?   ?   A . n 
A 1 145 SER 145 145 ?   ?   ?   A . n 
A 1 146 VAL 146 146 ?   ?   ?   A . n 
A 1 147 SER 147 147 ?   ?   ?   A . n 
A 1 148 GLN 148 148 ?   ?   ?   A . n 
A 1 149 ILE 149 149 ?   ?   ?   A . n 
A 1 150 TYR 150 150 ?   ?   ?   A . n 
A 1 151 GLU 151 151 ?   ?   ?   A . n 
# 
loop_
_pdbx_nonpoly_scheme.asym_id 
_pdbx_nonpoly_scheme.entity_id 
_pdbx_nonpoly_scheme.mon_id 
_pdbx_nonpoly_scheme.ndb_seq_num 
_pdbx_nonpoly_scheme.pdb_seq_num 
_pdbx_nonpoly_scheme.auth_seq_num 
_pdbx_nonpoly_scheme.pdb_mon_id 
_pdbx_nonpoly_scheme.auth_mon_id 
_pdbx_nonpoly_scheme.pdb_strand_id 
_pdbx_nonpoly_scheme.pdb_ins_code 
B 2 HOH 1  201 168 HOH HOH A . 
B 2 HOH 2  202 152 HOH HOH A . 
B 2 HOH 3  203 156 HOH HOH A . 
B 2 HOH 4  204 157 HOH HOH A . 
B 2 HOH 5  205 166 HOH HOH A . 
B 2 HOH 6  206 154 HOH HOH A . 
B 2 HOH 7  207 164 HOH HOH A . 
B 2 HOH 8  208 153 HOH HOH A . 
B 2 HOH 9  209 158 HOH HOH A . 
B 2 HOH 10 210 160 HOH HOH A . 
B 2 HOH 11 211 167 HOH HOH A . 
B 2 HOH 12 212 155 HOH HOH A . 
B 2 HOH 13 213 163 HOH HOH A . 
B 2 HOH 14 214 165 HOH HOH A . 
B 2 HOH 15 215 161 HOH HOH A . 
B 2 HOH 16 216 159 HOH HOH A . 
B 2 HOH 17 217 162 HOH HOH A . 
# 
_pdbx_struct_assembly.id                   1 
_pdbx_struct_assembly.details              author_and_software_defined_assembly 
_pdbx_struct_assembly.method_details       PISA 
_pdbx_struct_assembly.oligomeric_details   hexameric 
_pdbx_struct_assembly.oligomeric_count     6 
# 
_pdbx_struct_assembly_gen.assembly_id       1 
_pdbx_struct_assembly_gen.oper_expression   1,2,3,4,5,6 
_pdbx_struct_assembly_gen.asym_id_list      A,B 
# 
loop_
_pdbx_struct_assembly_prop.biol_id 
_pdbx_struct_assembly_prop.type 
_pdbx_struct_assembly_prop.value 
_pdbx_struct_assembly_prop.details 
1 'ABSA (A^2)' 9340  ? 
1 MORE         -62   ? 
1 'SSA (A^2)'  25840 ? 
# 
loop_
_pdbx_struct_oper_list.id 
_pdbx_struct_oper_list.type 
_pdbx_struct_oper_list.name 
_pdbx_struct_oper_list.symmetry_operation 
_pdbx_struct_oper_list.matrix[1][1] 
_pdbx_struct_oper_list.matrix[1][2] 
_pdbx_struct_oper_list.matrix[1][3] 
_pdbx_struct_oper_list.vector[1] 
_pdbx_struct_oper_list.matrix[2][1] 
_pdbx_struct_oper_list.matrix[2][2] 
_pdbx_struct_oper_list.matrix[2][3] 
_pdbx_struct_oper_list.vector[2] 
_pdbx_struct_oper_list.matrix[3][1] 
_pdbx_struct_oper_list.matrix[3][2] 
_pdbx_struct_oper_list.matrix[3][3] 
_pdbx_struct_oper_list.vector[3] 
1 'identity operation'         1_555  x,y,z           1.0000000000  0.0000000000  0.0000000000  0.0000000000   0.0000000000  1.0000000000  0.0000000000  0.0000000000   0.0000000000  0.0000000000  1.0000000000  0.0000000000  
2 'crystal symmetry operation' 2_565  -y,x-y+1,z      -0.1613038751 -0.2566253921 -0.9529556485 6.2732168814   -0.8858088457 0.4633679660  0.0251558543  -9.0185522324  0.4351134895  0.8481942798  -0.3020640909 28.1022529558 
3 'crystal symmetry operation' 3_455  -x+y-1,-x,z     -0.1613038751 -0.8858088457 0.4351134895  -19.2044884966 -0.2566253921 0.4633679660  0.8481942798  -18.0473952589 -0.9529556485 0.0251558543  -0.3020640909 14.6936483374 
4 'crystal symmetry operation' 10_555 -y,-x,-z+1/2    -0.2086465372 0.0260774229  0.9776433862  -8.4568431101  0.0260774229  -0.9991406723 0.0322162235  -36.0311775146 0.9776433862  0.0322162235  0.2077872095  7.8064787649  
5 'crystal symmetry operation' 11_455 -x+y-1,y,-z+1/2 0.4359417084  0.8948589696  -0.0958240646 17.4730730473  0.8948589696  -0.4423362934 -0.0597162289 -25.9514373837 -0.0958240646 -0.0597162289 -0.9936054150 19.4881927861 
6 'crystal symmetry operation' 12_565 x,x-y+1,-z+1/2  -0.9046874210 0.2214978453  -0.3639771626 9.4446254705   0.2214978453  -0.4852589663 -0.8458501287 -18.0267205921 -0.3639771626 -0.8458501287 0.3899463872  -8.4969291340 
# 
loop_
_pdbx_audit_revision_history.ordinal 
_pdbx_audit_revision_history.data_content_type 
_pdbx_audit_revision_history.major_revision 
_pdbx_audit_revision_history.minor_revision 
_pdbx_audit_revision_history.revision_date 
1 'Structure model' 1 0 2017-07-26 
2 'Structure model' 1 1 2023-11-08 
# 
_pdbx_audit_revision_details.ordinal             1 
_pdbx_audit_revision_details.revision_ordinal    1 
_pdbx_audit_revision_details.data_content_type   'Structure model' 
_pdbx_audit_revision_details.provider            repository 
_pdbx_audit_revision_details.type                'Initial release' 
_pdbx_audit_revision_details.description         ? 
_pdbx_audit_revision_details.details             ? 
# 
loop_
_pdbx_audit_revision_group.ordinal 
_pdbx_audit_revision_group.revision_ordinal 
_pdbx_audit_revision_group.data_content_type 
_pdbx_audit_revision_group.group 
1 2 'Structure model' 'Data collection'        
2 2 'Structure model' 'Database references'    
3 2 'Structure model' 'Refinement description' 
# 
loop_
_pdbx_audit_revision_category.ordinal 
_pdbx_audit_revision_category.revision_ordinal 
_pdbx_audit_revision_category.data_content_type 
_pdbx_audit_revision_category.category 
1 2 'Structure model' chem_comp_atom                
2 2 'Structure model' chem_comp_bond                
3 2 'Structure model' citation                      
4 2 'Structure model' database_2                    
5 2 'Structure model' pdbx_initial_refinement_model 
# 
loop_
_pdbx_audit_revision_item.ordinal 
_pdbx_audit_revision_item.revision_ordinal 
_pdbx_audit_revision_item.data_content_type 
_pdbx_audit_revision_item.item 
1 2 'Structure model' '_citation.country'                   
2 2 'Structure model' '_database_2.pdbx_DOI'                
3 2 'Structure model' '_database_2.pdbx_database_accession' 
# 
loop_
_software.citation_id 
_software.classification 
_software.compiler_name 
_software.compiler_version 
_software.contact_author 
_software.contact_author_email 
_software.date 
_software.description 
_software.dependencies 
_software.hardware 
_software.language 
_software.location 
_software.mods 
_software.name 
_software.os 
_software.os_version 
_software.type 
_software.version 
_software.pdbx_ordinal 
? refinement       ? ? ? ? ? ? ? ? ? ? ? REFMAC  ? ? ? 5.8.0135 1 
? 'data reduction' ? ? ? ? ? ? ? ? ? ? ? iMOSFLM ? ? ? 7.0.9    2 
? 'data scaling'   ? ? ? ? ? ? ? ? ? ? ? SCALA   ? ? ? 3.3.16   3 
? phasing          ? ? ? ? ? ? ? ? ? ? ? PHASER  ? ? ? 2.3.0    4 
# 
_pdbx_validate_close_contact.id               1 
_pdbx_validate_close_contact.PDB_model_num    1 
_pdbx_validate_close_contact.auth_atom_id_1   NZ 
_pdbx_validate_close_contact.auth_asym_id_1   A 
_pdbx_validate_close_contact.auth_comp_id_1   LYS 
_pdbx_validate_close_contact.auth_seq_id_1    38 
_pdbx_validate_close_contact.PDB_ins_code_1   ? 
_pdbx_validate_close_contact.label_alt_id_1   ? 
_pdbx_validate_close_contact.auth_atom_id_2   OE2 
_pdbx_validate_close_contact.auth_asym_id_2   A 
_pdbx_validate_close_contact.auth_comp_id_2   GLU 
_pdbx_validate_close_contact.auth_seq_id_2    137 
_pdbx_validate_close_contact.PDB_ins_code_2   ? 
_pdbx_validate_close_contact.label_alt_id_2   ? 
_pdbx_validate_close_contact.dist             2.10 
# 
loop_
_pdbx_validate_torsion.id 
_pdbx_validate_torsion.PDB_model_num 
_pdbx_validate_torsion.auth_comp_id 
_pdbx_validate_torsion.auth_asym_id 
_pdbx_validate_torsion.auth_seq_id 
_pdbx_validate_torsion.PDB_ins_code 
_pdbx_validate_torsion.label_alt_id 
_pdbx_validate_torsion.phi 
_pdbx_validate_torsion.psi 
1 1 LEU A 19  ? ? -141.87 28.38  
2 1 LEU A 37  ? ? -173.48 141.82 
3 1 LYS A 80  ? ? -46.13  109.67 
4 1 ASN A 81  ? ? 73.91   36.42  
5 1 ARG A 113 ? ? -83.38  30.23  
6 1 CYS A 116 ? ? 179.16  146.07 
# 
loop_
_pdbx_unobs_or_zero_occ_atoms.id 
_pdbx_unobs_or_zero_occ_atoms.PDB_model_num 
_pdbx_unobs_or_zero_occ_atoms.polymer_flag 
_pdbx_unobs_or_zero_occ_atoms.occupancy_flag 
_pdbx_unobs_or_zero_occ_atoms.auth_asym_id 
_pdbx_unobs_or_zero_occ_atoms.auth_comp_id 
_pdbx_unobs_or_zero_occ_atoms.auth_seq_id 
_pdbx_unobs_or_zero_occ_atoms.PDB_ins_code 
_pdbx_unobs_or_zero_occ_atoms.auth_atom_id 
_pdbx_unobs_or_zero_occ_atoms.label_alt_id 
_pdbx_unobs_or_zero_occ_atoms.label_asym_id 
_pdbx_unobs_or_zero_occ_atoms.label_comp_id 
_pdbx_unobs_or_zero_occ_atoms.label_seq_id 
_pdbx_unobs_or_zero_occ_atoms.label_atom_id 
1  1 Y 1 A LYS 11  ? CG  ? A LYS 11  CG  
2  1 Y 1 A LYS 11  ? CD  ? A LYS 11  CD  
3  1 Y 1 A LYS 11  ? CE  ? A LYS 11  CE  
4  1 Y 1 A LYS 11  ? NZ  ? A LYS 11  NZ  
5  1 Y 1 A ASP 13  ? CG  ? A ASP 13  CG  
6  1 Y 1 A ASP 13  ? OD1 ? A ASP 13  OD1 
7  1 Y 1 A ASP 13  ? OD2 ? A ASP 13  OD2 
8  1 Y 1 A GLN 16  ? CG  ? A GLN 16  CG  
9  1 Y 1 A GLN 16  ? CD  ? A GLN 16  CD  
10 1 Y 1 A GLN 16  ? OE1 ? A GLN 16  OE1 
11 1 Y 1 A GLN 16  ? NE2 ? A GLN 16  NE2 
12 1 Y 1 A LYS 33  ? CG  ? A LYS 33  CG  
13 1 Y 1 A LYS 33  ? CD  ? A LYS 33  CD  
14 1 Y 1 A LYS 33  ? CE  ? A LYS 33  CE  
15 1 Y 1 A LYS 33  ? NZ  ? A LYS 33  NZ  
16 1 Y 1 A LYS 80  ? CG  ? A LYS 80  CG  
17 1 Y 1 A LYS 80  ? CD  ? A LYS 80  CD  
18 1 Y 1 A LYS 80  ? CE  ? A LYS 80  CE  
19 1 Y 1 A LYS 80  ? NZ  ? A LYS 80  NZ  
20 1 Y 1 A LYS 84  ? CG  ? A LYS 84  CG  
21 1 Y 1 A LYS 84  ? CD  ? A LYS 84  CD  
22 1 Y 1 A LYS 84  ? CE  ? A LYS 84  CE  
23 1 Y 1 A LYS 84  ? NZ  ? A LYS 84  NZ  
24 1 Y 1 A ARG 113 ? CG  ? A ARG 113 CG  
25 1 Y 1 A ARG 113 ? CD  ? A ARG 113 CD  
26 1 Y 1 A ARG 113 ? NE  ? A ARG 113 NE  
27 1 Y 1 A ARG 113 ? CZ  ? A ARG 113 CZ  
28 1 Y 1 A ARG 113 ? NH1 ? A ARG 113 NH1 
29 1 Y 1 A ARG 113 ? NH2 ? A ARG 113 NH2 
30 1 Y 1 A GLU 123 ? CG  ? A GLU 123 CG  
31 1 Y 1 A GLU 123 ? CD  ? A GLU 123 CD  
32 1 Y 1 A GLU 123 ? OE1 ? A GLU 123 OE1 
33 1 Y 1 A GLU 123 ? OE2 ? A GLU 123 OE2 
34 1 Y 1 A LYS 134 ? CG  ? A LYS 134 CG  
35 1 Y 1 A LYS 134 ? CD  ? A LYS 134 CD  
36 1 Y 1 A LYS 134 ? CE  ? A LYS 134 CE  
37 1 Y 1 A LYS 134 ? NZ  ? A LYS 134 NZ  
# 
loop_
_pdbx_unobs_or_zero_occ_residues.id 
_pdbx_unobs_or_zero_occ_residues.PDB_model_num 
_pdbx_unobs_or_zero_occ_residues.polymer_flag 
_pdbx_unobs_or_zero_occ_residues.occupancy_flag 
_pdbx_unobs_or_zero_occ_residues.auth_asym_id 
_pdbx_unobs_or_zero_occ_residues.auth_comp_id 
_pdbx_unobs_or_zero_occ_residues.auth_seq_id 
_pdbx_unobs_or_zero_occ_residues.PDB_ins_code 
_pdbx_unobs_or_zero_occ_residues.label_asym_id 
_pdbx_unobs_or_zero_occ_residues.label_comp_id 
_pdbx_unobs_or_zero_occ_residues.label_seq_id 
1  1 Y 1 A MET 1   ? A MET 1   
2  1 Y 1 A SER 2   ? A SER 2   
3  1 Y 1 A THR 43  ? A THR 43  
4  1 Y 1 A THR 44  ? A THR 44  
5  1 Y 1 A GLU 45  ? A GLU 45  
6  1 Y 1 A GLN 46  ? A GLN 46  
7  1 Y 1 A ALA 47  ? A ALA 47  
8  1 Y 1 A GLU 48  ? A GLU 48  
9  1 Y 1 A GLY 49  ? A GLY 49  
10 1 Y 1 A HIS 50  ? A HIS 50  
11 1 Y 1 A TYR 51  ? A TYR 51  
12 1 Y 1 A LYS 52  ? A LYS 52  
13 1 Y 1 A ASP 53  ? A ASP 53  
14 1 Y 1 A LEU 54  ? A LEU 54  
15 1 Y 1 A SER 55  ? A SER 55  
16 1 Y 1 A SER 56  ? A SER 56  
17 1 Y 1 A LYS 57  ? A LYS 57  
18 1 Y 1 A PRO 58  ? A PRO 58  
19 1 Y 1 A PHE 59  ? A PHE 59  
20 1 Y 1 A PHE 60  ? A PHE 60  
21 1 Y 1 A PRO 61  ? A PRO 61  
22 1 Y 1 A ALA 62  ? A ALA 62  
23 1 Y 1 A LEU 63  ? A LEU 63  
24 1 Y 1 A VAL 64  ? A VAL 64  
25 1 Y 1 A LYS 65  ? A LYS 65  
26 1 Y 1 A TYR 66  ? A TYR 66  
27 1 Y 1 A PHE 67  ? A PHE 67  
28 1 Y 1 A SER 68  ? A SER 68  
29 1 Y 1 A TRP 141 ? A TRP 141 
30 1 Y 1 A THR 142 ? A THR 142 
31 1 Y 1 A SER 143 ? A SER 143 
32 1 Y 1 A HIS 144 ? A HIS 144 
33 1 Y 1 A SER 145 ? A SER 145 
34 1 Y 1 A VAL 146 ? A VAL 146 
35 1 Y 1 A SER 147 ? A SER 147 
36 1 Y 1 A GLN 148 ? A GLN 148 
37 1 Y 1 A ILE 149 ? A ILE 149 
38 1 Y 1 A TYR 150 ? A TYR 150 
39 1 Y 1 A GLU 151 ? A GLU 151 
# 
loop_
_chem_comp_atom.comp_id 
_chem_comp_atom.atom_id 
_chem_comp_atom.type_symbol 
_chem_comp_atom.pdbx_aromatic_flag 
_chem_comp_atom.pdbx_stereo_config 
_chem_comp_atom.pdbx_ordinal 
ALA N    N N N 1   
ALA CA   C N S 2   
ALA C    C N N 3   
ALA O    O N N 4   
ALA CB   C N N 5   
ALA OXT  O N N 6   
ALA H    H N N 7   
ALA H2   H N N 8   
ALA HA   H N N 9   
ALA HB1  H N N 10  
ALA HB2  H N N 11  
ALA HB3  H N N 12  
ALA HXT  H N N 13  
ARG N    N N N 14  
ARG CA   C N S 15  
ARG C    C N N 16  
ARG O    O N N 17  
ARG CB   C N N 18  
ARG CG   C N N 19  
ARG CD   C N N 20  
ARG NE   N N N 21  
ARG CZ   C N N 22  
ARG NH1  N N N 23  
ARG NH2  N N N 24  
ARG OXT  O N N 25  
ARG H    H N N 26  
ARG H2   H N N 27  
ARG HA   H N N 28  
ARG HB2  H N N 29  
ARG HB3  H N N 30  
ARG HG2  H N N 31  
ARG HG3  H N N 32  
ARG HD2  H N N 33  
ARG HD3  H N N 34  
ARG HE   H N N 35  
ARG HH11 H N N 36  
ARG HH12 H N N 37  
ARG HH21 H N N 38  
ARG HH22 H N N 39  
ARG HXT  H N N 40  
ASN N    N N N 41  
ASN CA   C N S 42  
ASN C    C N N 43  
ASN O    O N N 44  
ASN CB   C N N 45  
ASN CG   C N N 46  
ASN OD1  O N N 47  
ASN ND2  N N N 48  
ASN OXT  O N N 49  
ASN H    H N N 50  
ASN H2   H N N 51  
ASN HA   H N N 52  
ASN HB2  H N N 53  
ASN HB3  H N N 54  
ASN HD21 H N N 55  
ASN HD22 H N N 56  
ASN HXT  H N N 57  
ASP N    N N N 58  
ASP CA   C N S 59  
ASP C    C N N 60  
ASP O    O N N 61  
ASP CB   C N N 62  
ASP CG   C N N 63  
ASP OD1  O N N 64  
ASP OD2  O N N 65  
ASP OXT  O N N 66  
ASP H    H N N 67  
ASP H2   H N N 68  
ASP HA   H N N 69  
ASP HB2  H N N 70  
ASP HB3  H N N 71  
ASP HD2  H N N 72  
ASP HXT  H N N 73  
CYS N    N N N 74  
CYS CA   C N R 75  
CYS C    C N N 76  
CYS O    O N N 77  
CYS CB   C N N 78  
CYS SG   S N N 79  
CYS OXT  O N N 80  
CYS H    H N N 81  
CYS H2   H N N 82  
CYS HA   H N N 83  
CYS HB2  H N N 84  
CYS HB3  H N N 85  
CYS HG   H N N 86  
CYS HXT  H N N 87  
GLN N    N N N 88  
GLN CA   C N S 89  
GLN C    C N N 90  
GLN O    O N N 91  
GLN CB   C N N 92  
GLN CG   C N N 93  
GLN CD   C N N 94  
GLN OE1  O N N 95  
GLN NE2  N N N 96  
GLN OXT  O N N 97  
GLN H    H N N 98  
GLN H2   H N N 99  
GLN HA   H N N 100 
GLN HB2  H N N 101 
GLN HB3  H N N 102 
GLN HG2  H N N 103 
GLN HG3  H N N 104 
GLN HE21 H N N 105 
GLN HE22 H N N 106 
GLN HXT  H N N 107 
GLU N    N N N 108 
GLU CA   C N S 109 
GLU C    C N N 110 
GLU O    O N N 111 
GLU CB   C N N 112 
GLU CG   C N N 113 
GLU CD   C N N 114 
GLU OE1  O N N 115 
GLU OE2  O N N 116 
GLU OXT  O N N 117 
GLU H    H N N 118 
GLU H2   H N N 119 
GLU HA   H N N 120 
GLU HB2  H N N 121 
GLU HB3  H N N 122 
GLU HG2  H N N 123 
GLU HG3  H N N 124 
GLU HE2  H N N 125 
GLU HXT  H N N 126 
GLY N    N N N 127 
GLY CA   C N N 128 
GLY C    C N N 129 
GLY O    O N N 130 
GLY OXT  O N N 131 
GLY H    H N N 132 
GLY H2   H N N 133 
GLY HA2  H N N 134 
GLY HA3  H N N 135 
GLY HXT  H N N 136 
HIS N    N N N 137 
HIS CA   C N S 138 
HIS C    C N N 139 
HIS O    O N N 140 
HIS CB   C N N 141 
HIS CG   C Y N 142 
HIS ND1  N Y N 143 
HIS CD2  C Y N 144 
HIS CE1  C Y N 145 
HIS NE2  N Y N 146 
HIS OXT  O N N 147 
HIS H    H N N 148 
HIS H2   H N N 149 
HIS HA   H N N 150 
HIS HB2  H N N 151 
HIS HB3  H N N 152 
HIS HD1  H N N 153 
HIS HD2  H N N 154 
HIS HE1  H N N 155 
HIS HE2  H N N 156 
HIS HXT  H N N 157 
HOH O    O N N 158 
HOH H1   H N N 159 
HOH H2   H N N 160 
ILE N    N N N 161 
ILE CA   C N S 162 
ILE C    C N N 163 
ILE O    O N N 164 
ILE CB   C N S 165 
ILE CG1  C N N 166 
ILE CG2  C N N 167 
ILE CD1  C N N 168 
ILE OXT  O N N 169 
ILE H    H N N 170 
ILE H2   H N N 171 
ILE HA   H N N 172 
ILE HB   H N N 173 
ILE HG12 H N N 174 
ILE HG13 H N N 175 
ILE HG21 H N N 176 
ILE HG22 H N N 177 
ILE HG23 H N N 178 
ILE HD11 H N N 179 
ILE HD12 H N N 180 
ILE HD13 H N N 181 
ILE HXT  H N N 182 
LEU N    N N N 183 
LEU CA   C N S 184 
LEU C    C N N 185 
LEU O    O N N 186 
LEU CB   C N N 187 
LEU CG   C N N 188 
LEU CD1  C N N 189 
LEU CD2  C N N 190 
LEU OXT  O N N 191 
LEU H    H N N 192 
LEU H2   H N N 193 
LEU HA   H N N 194 
LEU HB2  H N N 195 
LEU HB3  H N N 196 
LEU HG   H N N 197 
LEU HD11 H N N 198 
LEU HD12 H N N 199 
LEU HD13 H N N 200 
LEU HD21 H N N 201 
LEU HD22 H N N 202 
LEU HD23 H N N 203 
LEU HXT  H N N 204 
LYS N    N N N 205 
LYS CA   C N S 206 
LYS C    C N N 207 
LYS O    O N N 208 
LYS CB   C N N 209 
LYS CG   C N N 210 
LYS CD   C N N 211 
LYS CE   C N N 212 
LYS NZ   N N N 213 
LYS OXT  O N N 214 
LYS H    H N N 215 
LYS H2   H N N 216 
LYS HA   H N N 217 
LYS HB2  H N N 218 
LYS HB3  H N N 219 
LYS HG2  H N N 220 
LYS HG3  H N N 221 
LYS HD2  H N N 222 
LYS HD3  H N N 223 
LYS HE2  H N N 224 
LYS HE3  H N N 225 
LYS HZ1  H N N 226 
LYS HZ2  H N N 227 
LYS HZ3  H N N 228 
LYS HXT  H N N 229 
MET N    N N N 230 
MET CA   C N S 231 
MET C    C N N 232 
MET O    O N N 233 
MET CB   C N N 234 
MET CG   C N N 235 
MET SD   S N N 236 
MET CE   C N N 237 
MET OXT  O N N 238 
MET H    H N N 239 
MET H2   H N N 240 
MET HA   H N N 241 
MET HB2  H N N 242 
MET HB3  H N N 243 
MET HG2  H N N 244 
MET HG3  H N N 245 
MET HE1  H N N 246 
MET HE2  H N N 247 
MET HE3  H N N 248 
MET HXT  H N N 249 
PHE N    N N N 250 
PHE CA   C N S 251 
PHE C    C N N 252 
PHE O    O N N 253 
PHE CB   C N N 254 
PHE CG   C Y N 255 
PHE CD1  C Y N 256 
PHE CD2  C Y N 257 
PHE CE1  C Y N 258 
PHE CE2  C Y N 259 
PHE CZ   C Y N 260 
PHE OXT  O N N 261 
PHE H    H N N 262 
PHE H2   H N N 263 
PHE HA   H N N 264 
PHE HB2  H N N 265 
PHE HB3  H N N 266 
PHE HD1  H N N 267 
PHE HD2  H N N 268 
PHE HE1  H N N 269 
PHE HE2  H N N 270 
PHE HZ   H N N 271 
PHE HXT  H N N 272 
PRO N    N N N 273 
PRO CA   C N S 274 
PRO C    C N N 275 
PRO O    O N N 276 
PRO CB   C N N 277 
PRO CG   C N N 278 
PRO CD   C N N 279 
PRO OXT  O N N 280 
PRO H    H N N 281 
PRO HA   H N N 282 
PRO HB2  H N N 283 
PRO HB3  H N N 284 
PRO HG2  H N N 285 
PRO HG3  H N N 286 
PRO HD2  H N N 287 
PRO HD3  H N N 288 
PRO HXT  H N N 289 
SER N    N N N 290 
SER CA   C N S 291 
SER C    C N N 292 
SER O    O N N 293 
SER CB   C N N 294 
SER OG   O N N 295 
SER OXT  O N N 296 
SER H    H N N 297 
SER H2   H N N 298 
SER HA   H N N 299 
SER HB2  H N N 300 
SER HB3  H N N 301 
SER HG   H N N 302 
SER HXT  H N N 303 
THR N    N N N 304 
THR CA   C N S 305 
THR C    C N N 306 
THR O    O N N 307 
THR CB   C N R 308 
THR OG1  O N N 309 
THR CG2  C N N 310 
THR OXT  O N N 311 
THR H    H N N 312 
THR H2   H N N 313 
THR HA   H N N 314 
THR HB   H N N 315 
THR HG1  H N N 316 
THR HG21 H N N 317 
THR HG22 H N N 318 
THR HG23 H N N 319 
THR HXT  H N N 320 
TRP N    N N N 321 
TRP CA   C N S 322 
TRP C    C N N 323 
TRP O    O N N 324 
TRP CB   C N N 325 
TRP CG   C Y N 326 
TRP CD1  C Y N 327 
TRP CD2  C Y N 328 
TRP NE1  N Y N 329 
TRP CE2  C Y N 330 
TRP CE3  C Y N 331 
TRP CZ2  C Y N 332 
TRP CZ3  C Y N 333 
TRP CH2  C Y N 334 
TRP OXT  O N N 335 
TRP H    H N N 336 
TRP H2   H N N 337 
TRP HA   H N N 338 
TRP HB2  H N N 339 
TRP HB3  H N N 340 
TRP HD1  H N N 341 
TRP HE1  H N N 342 
TRP HE3  H N N 343 
TRP HZ2  H N N 344 
TRP HZ3  H N N 345 
TRP HH2  H N N 346 
TRP HXT  H N N 347 
TYR N    N N N 348 
TYR CA   C N S 349 
TYR C    C N N 350 
TYR O    O N N 351 
TYR CB   C N N 352 
TYR CG   C Y N 353 
TYR CD1  C Y N 354 
TYR CD2  C Y N 355 
TYR CE1  C Y N 356 
TYR CE2  C Y N 357 
TYR CZ   C Y N 358 
TYR OH   O N N 359 
TYR OXT  O N N 360 
TYR H    H N N 361 
TYR H2   H N N 362 
TYR HA   H N N 363 
TYR HB2  H N N 364 
TYR HB3  H N N 365 
TYR HD1  H N N 366 
TYR HD2  H N N 367 
TYR HE1  H N N 368 
TYR HE2  H N N 369 
TYR HH   H N N 370 
TYR HXT  H N N 371 
VAL N    N N N 372 
VAL CA   C N S 373 
VAL C    C N N 374 
VAL O    O N N 375 
VAL CB   C N N 376 
VAL CG1  C N N 377 
VAL CG2  C N N 378 
VAL OXT  O N N 379 
VAL H    H N N 380 
VAL H2   H N N 381 
VAL HA   H N N 382 
VAL HB   H N N 383 
VAL HG11 H N N 384 
VAL HG12 H N N 385 
VAL HG13 H N N 386 
VAL HG21 H N N 387 
VAL HG22 H N N 388 
VAL HG23 H N N 389 
VAL HXT  H N N 390 
# 
loop_
_chem_comp_bond.comp_id 
_chem_comp_bond.atom_id_1 
_chem_comp_bond.atom_id_2 
_chem_comp_bond.value_order 
_chem_comp_bond.pdbx_aromatic_flag 
_chem_comp_bond.pdbx_stereo_config 
_chem_comp_bond.pdbx_ordinal 
ALA N   CA   sing N N 1   
ALA N   H    sing N N 2   
ALA N   H2   sing N N 3   
ALA CA  C    sing N N 4   
ALA CA  CB   sing N N 5   
ALA CA  HA   sing N N 6   
ALA C   O    doub N N 7   
ALA C   OXT  sing N N 8   
ALA CB  HB1  sing N N 9   
ALA CB  HB2  sing N N 10  
ALA CB  HB3  sing N N 11  
ALA OXT HXT  sing N N 12  
ARG N   CA   sing N N 13  
ARG N   H    sing N N 14  
ARG N   H2   sing N N 15  
ARG CA  C    sing N N 16  
ARG CA  CB   sing N N 17  
ARG CA  HA   sing N N 18  
ARG C   O    doub N N 19  
ARG C   OXT  sing N N 20  
ARG CB  CG   sing N N 21  
ARG CB  HB2  sing N N 22  
ARG CB  HB3  sing N N 23  
ARG CG  CD   sing N N 24  
ARG CG  HG2  sing N N 25  
ARG CG  HG3  sing N N 26  
ARG CD  NE   sing N N 27  
ARG CD  HD2  sing N N 28  
ARG CD  HD3  sing N N 29  
ARG NE  CZ   sing N N 30  
ARG NE  HE   sing N N 31  
ARG CZ  NH1  sing N N 32  
ARG CZ  NH2  doub N N 33  
ARG NH1 HH11 sing N N 34  
ARG NH1 HH12 sing N N 35  
ARG NH2 HH21 sing N N 36  
ARG NH2 HH22 sing N N 37  
ARG OXT HXT  sing N N 38  
ASN N   CA   sing N N 39  
ASN N   H    sing N N 40  
ASN N   H2   sing N N 41  
ASN CA  C    sing N N 42  
ASN CA  CB   sing N N 43  
ASN CA  HA   sing N N 44  
ASN C   O    doub N N 45  
ASN C   OXT  sing N N 46  
ASN CB  CG   sing N N 47  
ASN CB  HB2  sing N N 48  
ASN CB  HB3  sing N N 49  
ASN CG  OD1  doub N N 50  
ASN CG  ND2  sing N N 51  
ASN ND2 HD21 sing N N 52  
ASN ND2 HD22 sing N N 53  
ASN OXT HXT  sing N N 54  
ASP N   CA   sing N N 55  
ASP N   H    sing N N 56  
ASP N   H2   sing N N 57  
ASP CA  C    sing N N 58  
ASP CA  CB   sing N N 59  
ASP CA  HA   sing N N 60  
ASP C   O    doub N N 61  
ASP C   OXT  sing N N 62  
ASP CB  CG   sing N N 63  
ASP CB  HB2  sing N N 64  
ASP CB  HB3  sing N N 65  
ASP CG  OD1  doub N N 66  
ASP CG  OD2  sing N N 67  
ASP OD2 HD2  sing N N 68  
ASP OXT HXT  sing N N 69  
CYS N   CA   sing N N 70  
CYS N   H    sing N N 71  
CYS N   H2   sing N N 72  
CYS CA  C    sing N N 73  
CYS CA  CB   sing N N 74  
CYS CA  HA   sing N N 75  
CYS C   O    doub N N 76  
CYS C   OXT  sing N N 77  
CYS CB  SG   sing N N 78  
CYS CB  HB2  sing N N 79  
CYS CB  HB3  sing N N 80  
CYS SG  HG   sing N N 81  
CYS OXT HXT  sing N N 82  
GLN N   CA   sing N N 83  
GLN N   H    sing N N 84  
GLN N   H2   sing N N 85  
GLN CA  C    sing N N 86  
GLN CA  CB   sing N N 87  
GLN CA  HA   sing N N 88  
GLN C   O    doub N N 89  
GLN C   OXT  sing N N 90  
GLN CB  CG   sing N N 91  
GLN CB  HB2  sing N N 92  
GLN CB  HB3  sing N N 93  
GLN CG  CD   sing N N 94  
GLN CG  HG2  sing N N 95  
GLN CG  HG3  sing N N 96  
GLN CD  OE1  doub N N 97  
GLN CD  NE2  sing N N 98  
GLN NE2 HE21 sing N N 99  
GLN NE2 HE22 sing N N 100 
GLN OXT HXT  sing N N 101 
GLU N   CA   sing N N 102 
GLU N   H    sing N N 103 
GLU N   H2   sing N N 104 
GLU CA  C    sing N N 105 
GLU CA  CB   sing N N 106 
GLU CA  HA   sing N N 107 
GLU C   O    doub N N 108 
GLU C   OXT  sing N N 109 
GLU CB  CG   sing N N 110 
GLU CB  HB2  sing N N 111 
GLU CB  HB3  sing N N 112 
GLU CG  CD   sing N N 113 
GLU CG  HG2  sing N N 114 
GLU CG  HG3  sing N N 115 
GLU CD  OE1  doub N N 116 
GLU CD  OE2  sing N N 117 
GLU OE2 HE2  sing N N 118 
GLU OXT HXT  sing N N 119 
GLY N   CA   sing N N 120 
GLY N   H    sing N N 121 
GLY N   H2   sing N N 122 
GLY CA  C    sing N N 123 
GLY CA  HA2  sing N N 124 
GLY CA  HA3  sing N N 125 
GLY C   O    doub N N 126 
GLY C   OXT  sing N N 127 
GLY OXT HXT  sing N N 128 
HIS N   CA   sing N N 129 
HIS N   H    sing N N 130 
HIS N   H2   sing N N 131 
HIS CA  C    sing N N 132 
HIS CA  CB   sing N N 133 
HIS CA  HA   sing N N 134 
HIS C   O    doub N N 135 
HIS C   OXT  sing N N 136 
HIS CB  CG   sing N N 137 
HIS CB  HB2  sing N N 138 
HIS CB  HB3  sing N N 139 
HIS CG  ND1  sing Y N 140 
HIS CG  CD2  doub Y N 141 
HIS ND1 CE1  doub Y N 142 
HIS ND1 HD1  sing N N 143 
HIS CD2 NE2  sing Y N 144 
HIS CD2 HD2  sing N N 145 
HIS CE1 NE2  sing Y N 146 
HIS CE1 HE1  sing N N 147 
HIS NE2 HE2  sing N N 148 
HIS OXT HXT  sing N N 149 
HOH O   H1   sing N N 150 
HOH O   H2   sing N N 151 
ILE N   CA   sing N N 152 
ILE N   H    sing N N 153 
ILE N   H2   sing N N 154 
ILE CA  C    sing N N 155 
ILE CA  CB   sing N N 156 
ILE CA  HA   sing N N 157 
ILE C   O    doub N N 158 
ILE C   OXT  sing N N 159 
ILE CB  CG1  sing N N 160 
ILE CB  CG2  sing N N 161 
ILE CB  HB   sing N N 162 
ILE CG1 CD1  sing N N 163 
ILE CG1 HG12 sing N N 164 
ILE CG1 HG13 sing N N 165 
ILE CG2 HG21 sing N N 166 
ILE CG2 HG22 sing N N 167 
ILE CG2 HG23 sing N N 168 
ILE CD1 HD11 sing N N 169 
ILE CD1 HD12 sing N N 170 
ILE CD1 HD13 sing N N 171 
ILE OXT HXT  sing N N 172 
LEU N   CA   sing N N 173 
LEU N   H    sing N N 174 
LEU N   H2   sing N N 175 
LEU CA  C    sing N N 176 
LEU CA  CB   sing N N 177 
LEU CA  HA   sing N N 178 
LEU C   O    doub N N 179 
LEU C   OXT  sing N N 180 
LEU CB  CG   sing N N 181 
LEU CB  HB2  sing N N 182 
LEU CB  HB3  sing N N 183 
LEU CG  CD1  sing N N 184 
LEU CG  CD2  sing N N 185 
LEU CG  HG   sing N N 186 
LEU CD1 HD11 sing N N 187 
LEU CD1 HD12 sing N N 188 
LEU CD1 HD13 sing N N 189 
LEU CD2 HD21 sing N N 190 
LEU CD2 HD22 sing N N 191 
LEU CD2 HD23 sing N N 192 
LEU OXT HXT  sing N N 193 
LYS N   CA   sing N N 194 
LYS N   H    sing N N 195 
LYS N   H2   sing N N 196 
LYS CA  C    sing N N 197 
LYS CA  CB   sing N N 198 
LYS CA  HA   sing N N 199 
LYS C   O    doub N N 200 
LYS C   OXT  sing N N 201 
LYS CB  CG   sing N N 202 
LYS CB  HB2  sing N N 203 
LYS CB  HB3  sing N N 204 
LYS CG  CD   sing N N 205 
LYS CG  HG2  sing N N 206 
LYS CG  HG3  sing N N 207 
LYS CD  CE   sing N N 208 
LYS CD  HD2  sing N N 209 
LYS CD  HD3  sing N N 210 
LYS CE  NZ   sing N N 211 
LYS CE  HE2  sing N N 212 
LYS CE  HE3  sing N N 213 
LYS NZ  HZ1  sing N N 214 
LYS NZ  HZ2  sing N N 215 
LYS NZ  HZ3  sing N N 216 
LYS OXT HXT  sing N N 217 
MET N   CA   sing N N 218 
MET N   H    sing N N 219 
MET N   H2   sing N N 220 
MET CA  C    sing N N 221 
MET CA  CB   sing N N 222 
MET CA  HA   sing N N 223 
MET C   O    doub N N 224 
MET C   OXT  sing N N 225 
MET CB  CG   sing N N 226 
MET CB  HB2  sing N N 227 
MET CB  HB3  sing N N 228 
MET CG  SD   sing N N 229 
MET CG  HG2  sing N N 230 
MET CG  HG3  sing N N 231 
MET SD  CE   sing N N 232 
MET CE  HE1  sing N N 233 
MET CE  HE2  sing N N 234 
MET CE  HE3  sing N N 235 
MET OXT HXT  sing N N 236 
PHE N   CA   sing N N 237 
PHE N   H    sing N N 238 
PHE N   H2   sing N N 239 
PHE CA  C    sing N N 240 
PHE CA  CB   sing N N 241 
PHE CA  HA   sing N N 242 
PHE C   O    doub N N 243 
PHE C   OXT  sing N N 244 
PHE CB  CG   sing N N 245 
PHE CB  HB2  sing N N 246 
PHE CB  HB3  sing N N 247 
PHE CG  CD1  doub Y N 248 
PHE CG  CD2  sing Y N 249 
PHE CD1 CE1  sing Y N 250 
PHE CD1 HD1  sing N N 251 
PHE CD2 CE2  doub Y N 252 
PHE CD2 HD2  sing N N 253 
PHE CE1 CZ   doub Y N 254 
PHE CE1 HE1  sing N N 255 
PHE CE2 CZ   sing Y N 256 
PHE CE2 HE2  sing N N 257 
PHE CZ  HZ   sing N N 258 
PHE OXT HXT  sing N N 259 
PRO N   CA   sing N N 260 
PRO N   CD   sing N N 261 
PRO N   H    sing N N 262 
PRO CA  C    sing N N 263 
PRO CA  CB   sing N N 264 
PRO CA  HA   sing N N 265 
PRO C   O    doub N N 266 
PRO C   OXT  sing N N 267 
PRO CB  CG   sing N N 268 
PRO CB  HB2  sing N N 269 
PRO CB  HB3  sing N N 270 
PRO CG  CD   sing N N 271 
PRO CG  HG2  sing N N 272 
PRO CG  HG3  sing N N 273 
PRO CD  HD2  sing N N 274 
PRO CD  HD3  sing N N 275 
PRO OXT HXT  sing N N 276 
SER N   CA   sing N N 277 
SER N   H    sing N N 278 
SER N   H2   sing N N 279 
SER CA  C    sing N N 280 
SER CA  CB   sing N N 281 
SER CA  HA   sing N N 282 
SER C   O    doub N N 283 
SER C   OXT  sing N N 284 
SER CB  OG   sing N N 285 
SER CB  HB2  sing N N 286 
SER CB  HB3  sing N N 287 
SER OG  HG   sing N N 288 
SER OXT HXT  sing N N 289 
THR N   CA   sing N N 290 
THR N   H    sing N N 291 
THR N   H2   sing N N 292 
THR CA  C    sing N N 293 
THR CA  CB   sing N N 294 
THR CA  HA   sing N N 295 
THR C   O    doub N N 296 
THR C   OXT  sing N N 297 
THR CB  OG1  sing N N 298 
THR CB  CG2  sing N N 299 
THR CB  HB   sing N N 300 
THR OG1 HG1  sing N N 301 
THR CG2 HG21 sing N N 302 
THR CG2 HG22 sing N N 303 
THR CG2 HG23 sing N N 304 
THR OXT HXT  sing N N 305 
TRP N   CA   sing N N 306 
TRP N   H    sing N N 307 
TRP N   H2   sing N N 308 
TRP CA  C    sing N N 309 
TRP CA  CB   sing N N 310 
TRP CA  HA   sing N N 311 
TRP C   O    doub N N 312 
TRP C   OXT  sing N N 313 
TRP CB  CG   sing N N 314 
TRP CB  HB2  sing N N 315 
TRP CB  HB3  sing N N 316 
TRP CG  CD1  doub Y N 317 
TRP CG  CD2  sing Y N 318 
TRP CD1 NE1  sing Y N 319 
TRP CD1 HD1  sing N N 320 
TRP CD2 CE2  doub Y N 321 
TRP CD2 CE3  sing Y N 322 
TRP NE1 CE2  sing Y N 323 
TRP NE1 HE1  sing N N 324 
TRP CE2 CZ2  sing Y N 325 
TRP CE3 CZ3  doub Y N 326 
TRP CE3 HE3  sing N N 327 
TRP CZ2 CH2  doub Y N 328 
TRP CZ2 HZ2  sing N N 329 
TRP CZ3 CH2  sing Y N 330 
TRP CZ3 HZ3  sing N N 331 
TRP CH2 HH2  sing N N 332 
TRP OXT HXT  sing N N 333 
TYR N   CA   sing N N 334 
TYR N   H    sing N N 335 
TYR N   H2   sing N N 336 
TYR CA  C    sing N N 337 
TYR CA  CB   sing N N 338 
TYR CA  HA   sing N N 339 
TYR C   O    doub N N 340 
TYR C   OXT  sing N N 341 
TYR CB  CG   sing N N 342 
TYR CB  HB2  sing N N 343 
TYR CB  HB3  sing N N 344 
TYR CG  CD1  doub Y N 345 
TYR CG  CD2  sing Y N 346 
TYR CD1 CE1  sing Y N 347 
TYR CD1 HD1  sing N N 348 
TYR CD2 CE2  doub Y N 349 
TYR CD2 HD2  sing N N 350 
TYR CE1 CZ   doub Y N 351 
TYR CE1 HE1  sing N N 352 
TYR CE2 CZ   sing Y N 353 
TYR CE2 HE2  sing N N 354 
TYR CZ  OH   sing N N 355 
TYR OH  HH   sing N N 356 
TYR OXT HXT  sing N N 357 
VAL N   CA   sing N N 358 
VAL N   H    sing N N 359 
VAL N   H2   sing N N 360 
VAL CA  C    sing N N 361 
VAL CA  CB   sing N N 362 
VAL CA  HA   sing N N 363 
VAL C   O    doub N N 364 
VAL C   OXT  sing N N 365 
VAL CB  CG1  sing N N 366 
VAL CB  CG2  sing N N 367 
VAL CB  HB   sing N N 368 
VAL CG1 HG11 sing N N 369 
VAL CG1 HG12 sing N N 370 
VAL CG1 HG13 sing N N 371 
VAL CG2 HG21 sing N N 372 
VAL CG2 HG22 sing N N 373 
VAL CG2 HG23 sing N N 374 
VAL OXT HXT  sing N N 375 
# 
_pdbx_entity_nonpoly.entity_id   2 
_pdbx_entity_nonpoly.name        water 
_pdbx_entity_nonpoly.comp_id     HOH 
# 
_pdbx_initial_refinement_model.id               1 
_pdbx_initial_refinement_model.entity_id_list   ? 
_pdbx_initial_refinement_model.type             'experimental model' 
_pdbx_initial_refinement_model.source_name      PDB 
_pdbx_initial_refinement_model.accession_code   3NGR 
_pdbx_initial_refinement_model.details          ? 
# 
